data_7NN4
#
_entry.id   7NN4
#
_cell.length_a   65.190
_cell.length_b   184.350
_cell.length_c   71.300
_cell.angle_alpha   90.000
_cell.angle_beta   106.210
_cell.angle_gamma   90.000
#
_symmetry.space_group_name_H-M   'P 1 21 1'
#
loop_
_entity.id
_entity.type
_entity.pdbx_description
1 polymer 'Acetylornithine aminotransferase'
2 non-polymer '3-hydroxynaphthalene-2-carboxylic acid'
3 non-polymer 'NITRATE ION'
4 water water
#
_entity_poly.entity_id   1
_entity_poly.type   'polypeptide(L)'
_entity_poly.pdbx_seq_one_letter_code
;GSMTGASTTTATMRQRWQAVMMNNYGTPPIALASGDGAVVTDVDGRTYIDLLGGIAVNVLGHRHPAVIEAVTRQMSTLGH
TSNLYATEPGIALAEELVALLGADQRTRVFFCNSGAEANEAAFKLSRLTGRTKLVAAHDAFHGRTMGSLALTGQPAKQTP
FAPLPGDVTHVGYGDVDALAAAVDDHTAAVFLEPIMGESGVVVPPAGYLAAARDITARRGALLVLDEVQTGMGRTGAFFA
HQHDGITPDVVTLA(LLP)GLGGGLPIGACLAVGPAAELLTPGLHGSTFGGNPVCAAAALAVLRVLASDGLVRRAEVLGK
SLRHGIEALGHPLIDHVRGRGLLLGIALTAPHAKDAEATARDAGYLVNAAAPDVIRLAPPLIIAEAQLDGFVAALPAILD
RAVGAP
;
_entity_poly.pdbx_strand_id   A,B,C,D
#
loop_
_chem_comp.id
_chem_comp.type
_chem_comp.name
_chem_comp.formula
BZJ non-polymer '3-hydroxynaphthalene-2-carboxylic acid' 'C11 H8 O3'
NO3 non-polymer 'NITRATE ION' 'N O3 -1'
#
# COMPACT_ATOMS: atom_id res chain seq x y z
N THR A 9 -38.91 -3.08 37.08
CA THR A 9 -39.49 -4.38 36.68
C THR A 9 -38.78 -5.01 35.47
N THR A 10 -38.84 -6.34 35.40
CA THR A 10 -38.21 -7.11 34.29
C THR A 10 -38.88 -6.72 32.97
N ALA A 11 -40.21 -6.62 32.94
CA ALA A 11 -40.91 -6.28 31.69
C ALA A 11 -40.48 -4.90 31.20
N THR A 12 -40.38 -3.92 32.07
CA THR A 12 -40.00 -2.58 31.62
C THR A 12 -38.57 -2.57 31.09
N MET A 13 -37.65 -3.24 31.79
CA MET A 13 -36.27 -3.30 31.35
C MET A 13 -36.14 -4.04 30.02
N ARG A 14 -36.90 -5.12 29.84
CA ARG A 14 -36.87 -5.85 28.59
C ARG A 14 -37.50 -5.05 27.46
N GLN A 15 -38.52 -4.26 27.77
CA GLN A 15 -39.12 -3.41 26.73
C GLN A 15 -38.13 -2.31 26.33
N ARG A 16 -37.43 -1.76 27.30
CA ARG A 16 -36.41 -0.75 26.95
C ARG A 16 -35.33 -1.37 26.09
N TRP A 17 -34.86 -2.57 26.46
CA TRP A 17 -33.89 -3.29 25.64
C TRP A 17 -34.38 -3.43 24.20
N GLN A 18 -35.63 -3.89 24.03
CA GLN A 18 -36.16 -4.16 22.70
C GLN A 18 -36.35 -2.89 21.88
N ALA A 19 -36.43 -1.73 22.52
CA ALA A 19 -36.62 -0.49 21.79
C ALA A 19 -35.33 0.10 21.24
N VAL A 20 -34.16 -0.30 21.77
CA VAL A 20 -32.92 0.40 21.45
C VAL A 20 -31.77 -0.53 21.06
N MET A 21 -31.76 -1.75 21.58
CA MET A 21 -30.63 -2.64 21.31
C MET A 21 -30.82 -3.32 19.96
N MET A 22 -29.72 -3.54 19.26
CA MET A 22 -29.79 -4.43 18.12
C MET A 22 -30.17 -5.83 18.62
N ASN A 23 -30.74 -6.64 17.72
CA ASN A 23 -31.30 -7.92 18.11
C ASN A 23 -30.33 -9.09 17.92
N ASN A 24 -29.02 -8.82 17.95
CA ASN A 24 -28.03 -9.87 17.72
C ASN A 24 -27.94 -10.87 18.86
N TYR A 25 -28.48 -10.55 20.05
CA TYR A 25 -28.51 -11.46 21.18
C TYR A 25 -29.91 -11.97 21.46
N GLY A 26 -30.91 -11.57 20.68
CA GLY A 26 -32.28 -11.74 21.17
C GLY A 26 -32.49 -10.82 22.37
N THR A 27 -33.61 -11.06 23.06
CA THR A 27 -33.93 -10.27 24.24
C THR A 27 -33.61 -11.07 25.49
N PRO A 28 -32.79 -10.58 26.40
CA PRO A 28 -32.44 -11.35 27.60
C PRO A 28 -33.67 -11.67 28.42
N PRO A 29 -33.74 -12.86 29.01
CA PRO A 29 -34.94 -13.24 29.76
C PRO A 29 -35.03 -12.57 31.12
N ILE A 30 -33.89 -12.19 31.71
CA ILE A 30 -33.90 -11.53 33.01
C ILE A 30 -33.01 -10.30 32.96
N ALA A 31 -33.33 -9.36 33.85
CA ALA A 31 -32.57 -8.11 33.99
C ALA A 31 -31.92 -8.13 35.36
N LEU A 32 -30.61 -8.00 35.39
CA LEU A 32 -29.87 -8.06 36.65
C LEU A 32 -29.62 -6.64 37.15
N ALA A 33 -29.74 -6.48 38.46
CA ALA A 33 -29.58 -5.18 39.12
C ALA A 33 -28.35 -5.10 39.99
N SER A 34 -27.95 -6.20 40.65
CA SER A 34 -26.79 -6.16 41.52
C SER A 34 -26.17 -7.54 41.60
N GLY A 35 -24.94 -7.56 42.10
CA GLY A 35 -24.21 -8.81 42.30
C GLY A 35 -23.19 -8.65 43.39
N ASP A 36 -22.92 -9.76 44.08
CA ASP A 36 -21.91 -9.78 45.14
C ASP A 36 -21.43 -11.21 45.25
N GLY A 37 -20.14 -11.42 45.02
CA GLY A 37 -19.60 -12.76 45.00
C GLY A 37 -20.24 -13.56 43.89
N ALA A 38 -20.74 -14.74 44.24
CA ALA A 38 -21.39 -15.61 43.27
C ALA A 38 -22.92 -15.50 43.30
N VAL A 39 -23.47 -14.42 43.87
CA VAL A 39 -24.90 -14.22 43.92
C VAL A 39 -25.26 -12.94 43.17
N VAL A 40 -26.21 -13.04 42.24
CA VAL A 40 -26.74 -11.88 41.54
C VAL A 40 -28.22 -11.74 41.85
N THR A 41 -28.71 -10.51 41.78
CA THR A 41 -30.08 -10.17 42.13
C THR A 41 -30.71 -9.47 40.93
N ASP A 42 -31.89 -9.94 40.51
CA ASP A 42 -32.56 -9.29 39.39
C ASP A 42 -33.31 -8.04 39.85
N VAL A 43 -33.93 -7.34 38.89
CA VAL A 43 -34.63 -6.10 39.18
C VAL A 43 -35.88 -6.33 40.02
N ASP A 44 -36.37 -7.56 40.07
CA ASP A 44 -37.56 -7.88 40.90
C ASP A 44 -37.12 -8.35 42.31
N GLY A 45 -35.83 -8.47 42.58
CA GLY A 45 -35.34 -8.85 43.91
C GLY A 45 -34.98 -10.32 44.03
N ARG A 46 -35.21 -11.09 42.98
CA ARG A 46 -34.87 -12.53 43.04
C ARG A 46 -33.36 -12.71 43.01
N THR A 47 -32.86 -13.66 43.79
CA THR A 47 -31.42 -13.94 43.80
C THR A 47 -31.16 -15.26 43.06
N TYR A 48 -29.96 -15.33 42.48
CA TYR A 48 -29.53 -16.54 41.77
C TYR A 48 -28.07 -16.81 42.10
N ILE A 49 -27.76 -18.08 42.27
CA ILE A 49 -26.37 -18.48 42.37
C ILE A 49 -25.80 -18.57 40.96
N ASP A 50 -24.70 -17.87 40.74
CA ASP A 50 -24.13 -17.70 39.40
C ASP A 50 -23.13 -18.82 39.18
N LEU A 51 -23.56 -19.84 38.43
CA LEU A 51 -22.69 -20.95 38.05
C LEU A 51 -22.08 -20.76 36.67
N LEU A 52 -22.30 -19.60 36.06
CA LEU A 52 -21.82 -19.30 34.72
C LEU A 52 -20.81 -18.16 34.68
N GLY A 53 -20.81 -17.27 35.67
CA GLY A 53 -19.80 -16.23 35.76
C GLY A 53 -19.82 -15.23 34.63
N GLY A 54 -20.99 -14.98 34.02
CA GLY A 54 -21.01 -14.12 32.85
C GLY A 54 -20.29 -14.73 31.68
N ILE A 55 -20.29 -16.06 31.58
CA ILE A 55 -19.57 -16.84 30.58
C ILE A 55 -18.07 -16.86 30.90
N ALA A 56 -17.74 -17.34 32.09
CA ALA A 56 -16.37 -17.58 32.56
C ALA A 56 -15.57 -16.31 32.83
N VAL A 57 -16.22 -15.14 32.86
CA VAL A 57 -15.49 -13.89 33.05
C VAL A 57 -15.26 -13.57 34.51
N ASN A 58 -16.28 -13.75 35.34
CA ASN A 58 -16.21 -13.28 36.72
C ASN A 58 -15.50 -14.32 37.59
N VAL A 59 -14.21 -14.46 37.31
CA VAL A 59 -13.38 -15.43 38.04
C VAL A 59 -13.38 -15.14 39.54
N LEU A 60 -13.56 -13.88 39.92
CA LEU A 60 -13.55 -13.58 41.38
C LEU A 60 -14.93 -13.10 41.80
N GLY A 61 -15.94 -13.36 40.98
CA GLY A 61 -17.32 -12.94 41.24
C GLY A 61 -17.50 -11.43 41.16
N HIS A 62 -18.57 -10.94 41.76
CA HIS A 62 -18.86 -9.49 41.75
C HIS A 62 -18.36 -8.83 43.04
N ARG A 63 -18.05 -7.54 42.93
CA ARG A 63 -17.63 -6.70 44.07
C ARG A 63 -16.43 -7.29 44.79
N HIS A 64 -15.49 -7.90 44.09
CA HIS A 64 -14.34 -8.41 44.82
C HIS A 64 -13.50 -7.25 45.33
N PRO A 65 -13.20 -7.20 46.63
CA PRO A 65 -12.54 -6.01 47.19
C PRO A 65 -11.19 -5.70 46.58
N ALA A 66 -10.44 -6.74 46.15
CA ALA A 66 -9.12 -6.48 45.60
C ALA A 66 -9.21 -5.82 44.24
N VAL A 67 -10.17 -6.24 43.42
CA VAL A 67 -10.36 -5.63 42.12
C VAL A 67 -10.85 -4.19 42.26
N ILE A 68 -11.88 -4.00 43.10
CA ILE A 68 -12.39 -2.65 43.38
C ILE A 68 -11.26 -1.74 43.85
N GLU A 69 -10.44 -2.23 44.75
CA GLU A 69 -9.34 -1.40 45.28
C GLU A 69 -8.34 -1.03 44.18
N ALA A 70 -7.96 -2.00 43.37
CA ALA A 70 -6.99 -1.73 42.32
C ALA A 70 -7.52 -0.74 41.32
N VAL A 71 -8.79 -0.88 40.92
CA VAL A 71 -9.36 0.01 39.92
C VAL A 71 -9.51 1.42 40.49
N THR A 72 -10.07 1.53 41.70
CA THR A 72 -10.25 2.86 42.27
C THR A 72 -8.91 3.54 42.49
N ARG A 73 -7.92 2.81 42.97
CA ARG A 73 -6.55 3.38 43.17
C ARG A 73 -5.95 3.86 41.85
N GLN A 74 -6.05 3.04 40.80
CA GLN A 74 -5.43 3.44 39.54
C GLN A 74 -6.16 4.61 38.88
N MET A 75 -7.49 4.63 38.96
CA MET A 75 -8.25 5.74 38.39
C MET A 75 -7.90 7.05 39.07
N SER A 76 -7.55 6.99 40.36
CA SER A 76 -7.14 8.18 41.11
C SER A 76 -5.66 8.46 40.98
N THR A 77 -4.95 7.74 40.10
CA THR A 77 -3.52 7.95 39.85
C THR A 77 -3.27 8.33 38.40
N LEU A 78 -3.65 7.47 37.44
CA LEU A 78 -3.37 7.70 36.02
C LEU A 78 -4.30 6.79 35.24
N GLY A 79 -5.07 7.37 34.33
CA GLY A 79 -5.95 6.61 33.47
C GLY A 79 -5.27 6.24 32.16
N HIS A 80 -6.11 6.02 31.15
CA HIS A 80 -5.62 5.75 29.80
C HIS A 80 -4.54 6.75 29.37
N THR A 81 -3.47 6.24 28.76
CA THR A 81 -2.48 7.09 28.12
C THR A 81 -2.26 6.79 26.64
N SER A 82 -2.57 5.56 26.19
CA SER A 82 -2.17 4.95 24.93
C SER A 82 -0.72 4.47 25.00
N ASN A 83 -0.34 3.64 24.05
CA ASN A 83 1.00 3.05 24.05
C ASN A 83 2.04 3.96 23.42
N LEU A 84 1.71 5.24 23.23
CA LEU A 84 2.75 6.23 23.02
C LEU A 84 3.58 6.45 24.29
N TYR A 85 3.11 5.93 25.41
CA TYR A 85 3.74 6.15 26.71
C TYR A 85 3.82 4.83 27.45
N ALA A 86 4.93 4.61 28.15
CA ALA A 86 5.04 3.43 29.00
C ALA A 86 4.36 3.70 30.33
N THR A 87 3.62 2.71 30.82
CA THR A 87 2.98 2.84 32.12
C THR A 87 3.13 1.54 32.90
N GLU A 88 3.19 1.69 34.22
CA GLU A 88 3.53 0.57 35.11
C GLU A 88 2.58 -0.62 35.05
N PRO A 89 1.26 -0.46 35.15
CA PRO A 89 0.42 -1.66 35.30
C PRO A 89 0.53 -2.64 34.13
N GLY A 90 0.55 -2.13 32.90
CA GLY A 90 0.66 -3.03 31.77
C GLY A 90 1.99 -3.75 31.72
N ILE A 91 3.08 -3.04 32.04
CA ILE A 91 4.38 -3.69 32.07
C ILE A 91 4.41 -4.78 33.14
N ALA A 92 3.90 -4.46 34.32
CA ALA A 92 3.89 -5.44 35.41
C ALA A 92 3.00 -6.63 35.08
N LEU A 93 1.85 -6.38 34.45
CA LEU A 93 0.98 -7.48 34.06
C LEU A 93 1.65 -8.38 33.05
N ALA A 94 2.30 -7.78 32.06
CA ALA A 94 3.02 -8.59 31.07
C ALA A 94 4.09 -9.44 31.74
N GLU A 95 4.83 -8.85 32.67
CA GLU A 95 5.84 -9.62 33.41
C GLU A 95 5.20 -10.78 34.17
N GLU A 96 4.07 -10.53 34.83
CA GLU A 96 3.42 -11.59 35.60
C GLU A 96 2.90 -12.69 34.69
N LEU A 97 2.31 -12.33 33.56
CA LEU A 97 1.78 -13.32 32.63
C LEU A 97 2.90 -14.16 32.02
N VAL A 98 4.03 -13.54 31.69
CA VAL A 98 5.16 -14.30 31.15
C VAL A 98 5.68 -15.28 32.20
N ALA A 99 5.75 -14.86 33.47
CA ALA A 99 6.18 -15.76 34.53
C ALA A 99 5.23 -16.94 34.66
N LEU A 100 3.92 -16.69 34.54
CA LEU A 100 2.94 -17.76 34.70
C LEU A 100 3.01 -18.75 33.55
N LEU A 101 3.29 -18.28 32.34
CA LEU A 101 3.46 -19.19 31.22
C LEU A 101 4.69 -20.06 31.41
N GLY A 102 5.79 -19.49 31.91
CA GLY A 102 6.97 -20.26 32.23
C GLY A 102 7.65 -20.91 31.05
N ALA A 103 7.61 -20.25 29.89
CA ALA A 103 8.30 -20.79 28.73
C ALA A 103 9.80 -20.62 28.89
N ASP A 104 10.55 -21.47 28.20
CA ASP A 104 12.00 -21.41 28.32
C ASP A 104 12.64 -20.36 27.41
N GLN A 105 11.95 -19.96 26.35
CA GLN A 105 12.42 -18.90 25.48
C GLN A 105 11.75 -17.58 25.86
N ARG A 106 12.29 -16.48 25.35
CA ARG A 106 11.70 -15.18 25.65
C ARG A 106 10.28 -15.13 25.12
N THR A 107 9.40 -14.57 25.93
CA THR A 107 7.99 -14.42 25.63
C THR A 107 7.67 -12.94 25.65
N ARG A 108 6.90 -12.47 24.67
CA ARG A 108 6.51 -11.08 24.60
C ARG A 108 4.99 -10.97 24.55
N VAL A 109 4.49 -9.81 24.97
CA VAL A 109 3.07 -9.63 25.24
C VAL A 109 2.52 -8.48 24.41
N PHE A 110 1.30 -8.66 23.87
CA PHE A 110 0.53 -7.59 23.26
C PHE A 110 -0.84 -7.56 23.95
N PHE A 111 -1.26 -6.38 24.41
CA PHE A 111 -2.55 -6.26 25.06
C PHE A 111 -3.62 -5.71 24.12
N CYS A 112 -4.85 -6.13 24.36
CA CYS A 112 -6.00 -5.68 23.60
C CYS A 112 -7.21 -5.72 24.54
N ASN A 113 -8.42 -5.76 23.97
CA ASN A 113 -9.62 -5.59 24.77
C ASN A 113 -10.49 -6.82 24.88
N SER A 114 -10.25 -7.86 24.09
CA SER A 114 -11.23 -8.92 23.96
C SER A 114 -10.54 -10.17 23.45
N GLY A 115 -11.25 -11.29 23.56
CA GLY A 115 -10.77 -12.54 22.98
C GLY A 115 -10.68 -12.51 21.47
N ALA A 116 -11.69 -11.94 20.81
CA ALA A 116 -11.61 -11.79 19.37
C ALA A 116 -10.37 -10.99 18.98
N GLU A 117 -10.10 -9.88 19.68
CA GLU A 117 -8.95 -9.08 19.31
C GLU A 117 -7.63 -9.81 19.59
N ALA A 118 -7.60 -10.62 20.67
CA ALA A 118 -6.39 -11.38 20.95
C ALA A 118 -6.11 -12.37 19.82
N ASN A 119 -7.16 -13.03 19.34
CA ASN A 119 -6.99 -13.96 18.22
C ASN A 119 -6.74 -13.25 16.90
N GLU A 120 -7.27 -12.03 16.74
CA GLU A 120 -6.88 -11.23 15.58
C GLU A 120 -5.39 -10.95 15.60
N ALA A 121 -4.86 -10.61 16.78
CA ALA A 121 -3.42 -10.38 16.86
C ALA A 121 -2.66 -11.64 16.49
N ALA A 122 -3.12 -12.79 16.97
CA ALA A 122 -2.47 -14.04 16.61
C ALA A 122 -2.63 -14.33 15.12
N PHE A 123 -3.81 -14.08 14.56
CA PHE A 123 -4.01 -14.21 13.12
C PHE A 123 -3.00 -13.38 12.34
N LYS A 124 -2.80 -12.12 12.75
CA LYS A 124 -1.85 -11.27 12.06
C LYS A 124 -0.41 -11.74 12.26
N LEU A 125 -0.07 -12.18 13.47
CA LEU A 125 1.20 -12.86 13.68
C LEU A 125 1.42 -13.96 12.65
N SER A 126 0.41 -14.81 12.45
CA SER A 126 0.60 -15.94 11.55
C SER A 126 0.86 -15.49 10.11
N ARG A 127 0.31 -14.34 9.72
CA ARG A 127 0.63 -13.81 8.39
C ARG A 127 2.11 -13.50 8.24
N LEU A 128 2.77 -13.09 9.34
CA LEU A 128 4.17 -12.70 9.25
C LEU A 128 5.11 -13.88 9.12
N THR A 129 4.60 -15.12 9.22
CA THR A 129 5.41 -16.30 8.92
C THR A 129 5.64 -16.49 7.42
N GLY A 130 4.97 -15.71 6.58
CA GLY A 130 5.05 -15.88 5.15
C GLY A 130 4.04 -16.87 4.57
N ARG A 131 3.22 -17.49 5.41
CA ARG A 131 2.22 -18.45 4.98
C ARG A 131 0.84 -17.90 5.25
N THR A 132 -0.14 -18.37 4.48
CA THR A 132 -1.50 -17.87 4.56
C THR A 132 -2.53 -18.94 4.93
N LYS A 133 -2.14 -20.20 5.03
CA LYS A 133 -3.08 -21.26 5.33
C LYS A 133 -3.15 -21.47 6.85
N LEU A 134 -4.37 -21.63 7.34
CA LEU A 134 -4.63 -21.78 8.77
C LEU A 134 -5.50 -23.02 8.98
N VAL A 135 -5.36 -23.64 10.15
CA VAL A 135 -6.16 -24.81 10.50
C VAL A 135 -6.79 -24.58 11.86
N ALA A 136 -8.08 -24.89 11.97
CA ALA A 136 -8.81 -24.82 13.22
C ALA A 136 -9.76 -26.01 13.28
N ALA A 137 -10.52 -26.09 14.35
CA ALA A 137 -11.39 -27.27 14.53
C ALA A 137 -12.84 -26.93 14.25
N HIS A 138 -13.56 -27.92 13.74
CA HIS A 138 -15.02 -27.79 13.60
C HIS A 138 -15.60 -27.58 15.01
N ASP A 139 -16.52 -26.63 15.13
CA ASP A 139 -17.24 -26.21 16.37
C ASP A 139 -16.38 -25.37 17.30
N ALA A 140 -15.18 -25.01 16.88
CA ALA A 140 -14.32 -24.16 17.72
C ALA A 140 -14.89 -22.76 17.76
N PHE A 141 -14.64 -22.07 18.85
CA PHE A 141 -15.08 -20.66 18.93
C PHE A 141 -13.85 -19.81 19.24
N HIS A 142 -13.59 -18.85 18.37
CA HIS A 142 -12.42 -17.99 18.53
C HIS A 142 -12.76 -16.52 18.49
N GLY A 143 -14.02 -16.15 18.35
CA GLY A 143 -14.43 -14.76 18.29
C GLY A 143 -15.25 -14.46 17.05
N ARG A 144 -15.76 -13.23 17.00
CA ARG A 144 -16.75 -12.84 15.99
C ARG A 144 -16.30 -11.71 15.06
N THR A 145 -15.14 -11.13 15.26
CA THR A 145 -14.61 -10.22 14.26
C THR A 145 -14.20 -11.02 13.03
N MET A 146 -13.97 -10.33 11.90
CA MET A 146 -13.86 -11.05 10.63
C MET A 146 -12.72 -12.06 10.62
N GLY A 147 -11.56 -11.71 11.16
CA GLY A 147 -10.47 -12.67 11.20
C GLY A 147 -10.73 -13.81 12.17
N SER A 148 -11.15 -13.47 13.39
CA SER A 148 -11.43 -14.51 14.36
CA SER A 148 -11.43 -14.51 14.37
C SER A 148 -12.62 -15.36 13.97
N LEU A 149 -13.60 -14.79 13.25
CA LEU A 149 -14.75 -15.57 12.80
C LEU A 149 -14.34 -16.58 11.72
N ALA A 150 -13.32 -16.27 10.93
CA ALA A 150 -12.81 -17.25 9.96
C ALA A 150 -12.21 -18.44 10.68
N LEU A 151 -11.61 -18.22 11.85
CA LEU A 151 -11.07 -19.33 12.64
C LEU A 151 -12.16 -20.12 13.34
N THR A 152 -13.19 -19.43 13.84
CA THR A 152 -14.32 -20.08 14.45
C THR A 152 -14.92 -21.12 13.51
N GLY A 153 -15.21 -22.29 14.05
CA GLY A 153 -15.63 -23.40 13.20
C GLY A 153 -17.12 -23.60 13.14
N GLN A 154 -17.88 -22.54 12.85
CA GLN A 154 -19.33 -22.58 12.96
C GLN A 154 -19.93 -22.02 11.68
N PRO A 155 -20.18 -22.86 10.68
CA PRO A 155 -20.64 -22.36 9.39
C PRO A 155 -21.92 -21.56 9.45
N ALA A 156 -22.84 -21.89 10.37
CA ALA A 156 -24.08 -21.13 10.48
C ALA A 156 -23.81 -19.67 10.85
N LYS A 157 -22.77 -19.42 11.64
CA LYS A 157 -22.40 -18.07 12.03
C LYS A 157 -21.43 -17.41 11.06
N GLN A 158 -20.84 -18.18 10.16
CA GLN A 158 -19.83 -17.64 9.22
C GLN A 158 -20.45 -17.32 7.86
N THR A 159 -21.29 -18.22 7.37
CA THR A 159 -21.88 -18.11 6.01
C THR A 159 -22.49 -16.75 5.70
N PRO A 160 -23.27 -16.10 6.57
CA PRO A 160 -23.84 -14.78 6.25
C PRO A 160 -22.84 -13.64 5.97
N PHE A 161 -21.60 -13.86 6.39
CA PHE A 161 -20.56 -12.81 6.32
C PHE A 161 -19.47 -13.17 5.32
N ALA A 162 -19.65 -14.25 4.57
CA ALA A 162 -18.66 -14.65 3.57
C ALA A 162 -18.57 -13.60 2.45
N PRO A 163 -17.40 -13.34 1.86
CA PRO A 163 -16.18 -14.06 2.18
C PRO A 163 -15.43 -13.62 3.43
N LEU A 164 -14.88 -14.60 4.13
CA LEU A 164 -14.09 -14.30 5.34
C LEU A 164 -12.60 -14.35 4.96
N PRO A 165 -11.73 -13.79 5.79
CA PRO A 165 -10.30 -13.88 5.58
C PRO A 165 -9.87 -15.34 5.46
N GLY A 166 -8.98 -15.65 4.51
CA GLY A 166 -8.54 -17.04 4.28
C GLY A 166 -7.14 -17.29 4.77
N ASP A 167 -6.59 -18.48 4.56
CA ASP A 167 -7.26 -19.65 3.94
C ASP A 167 -7.39 -20.69 5.04
N VAL A 168 -8.59 -20.87 5.54
CA VAL A 168 -8.76 -21.71 6.76
C VAL A 168 -9.38 -23.06 6.44
N THR A 169 -8.76 -24.09 6.97
CA THR A 169 -9.28 -25.47 6.87
C THR A 169 -9.71 -25.88 8.26
N HIS A 170 -10.88 -26.48 8.38
CA HIS A 170 -11.36 -26.98 9.67
C HIS A 170 -11.36 -28.49 9.67
N VAL A 171 -10.97 -29.07 10.81
CA VAL A 171 -10.86 -30.51 11.00
C VAL A 171 -11.63 -30.90 12.25
N GLY A 172 -11.95 -32.18 12.36
CA GLY A 172 -12.63 -32.64 13.55
C GLY A 172 -11.78 -32.46 14.79
N TYR A 173 -12.34 -31.86 15.83
CA TYR A 173 -11.57 -31.65 17.05
C TYR A 173 -11.16 -32.98 17.67
N GLY A 174 -9.89 -33.06 18.09
CA GLY A 174 -9.39 -34.24 18.75
C GLY A 174 -8.91 -35.35 17.84
N ASP A 175 -9.03 -35.18 16.52
CA ASP A 175 -8.69 -36.21 15.54
C ASP A 175 -7.25 -35.98 15.10
N VAL A 176 -6.35 -36.83 15.59
CA VAL A 176 -4.91 -36.64 15.34
C VAL A 176 -4.59 -36.76 13.84
N ASP A 177 -5.09 -37.80 13.18
CA ASP A 177 -4.72 -37.99 11.79
C ASP A 177 -5.38 -36.94 10.88
N ALA A 178 -6.58 -36.48 11.23
CA ALA A 178 -7.20 -35.40 10.47
C ALA A 178 -6.38 -34.12 10.56
N LEU A 179 -5.87 -33.83 11.76
CA LEU A 179 -5.00 -32.66 11.92
C LEU A 179 -3.73 -32.83 11.13
N ALA A 180 -3.10 -34.00 11.23
CA ALA A 180 -1.86 -34.23 10.51
C ALA A 180 -2.05 -34.08 9.00
N ALA A 181 -3.19 -34.55 8.48
CA ALA A 181 -3.43 -34.45 7.04
C ALA A 181 -3.61 -33.00 6.59
N ALA A 182 -4.19 -32.16 7.46
CA ALA A 182 -4.52 -30.78 7.09
C ALA A 182 -3.34 -29.83 7.26
N VAL A 183 -2.36 -30.16 8.11
CA VAL A 183 -1.23 -29.30 8.36
C VAL A 183 -0.10 -29.69 7.43
N ASP A 184 0.35 -28.76 6.61
CA ASP A 184 1.49 -29.01 5.73
C ASP A 184 2.50 -27.87 5.76
N ASP A 185 3.47 -27.88 4.84
CA ASP A 185 4.53 -26.89 4.83
C ASP A 185 4.04 -25.52 4.37
N HIS A 186 2.75 -25.38 4.07
CA HIS A 186 2.16 -24.10 3.76
C HIS A 186 1.28 -23.57 4.88
N THR A 187 1.22 -24.27 6.01
CA THR A 187 0.34 -23.88 7.10
C THR A 187 1.04 -22.88 8.01
N ALA A 188 0.46 -21.70 8.15
CA ALA A 188 1.02 -20.69 9.04
C ALA A 188 0.82 -21.07 10.50
N ALA A 189 -0.36 -21.57 10.85
CA ALA A 189 -0.69 -21.75 12.25
C ALA A 189 -1.86 -22.69 12.38
N VAL A 190 -1.89 -23.40 13.51
CA VAL A 190 -3.05 -24.14 13.97
C VAL A 190 -3.57 -23.45 15.22
N PHE A 191 -4.87 -23.17 15.27
CA PHE A 191 -5.54 -22.63 16.44
C PHE A 191 -6.35 -23.73 17.10
N LEU A 192 -6.19 -23.89 18.42
CA LEU A 192 -6.98 -24.86 19.17
C LEU A 192 -7.32 -24.28 20.54
N GLU A 193 -8.56 -24.52 20.98
CA GLU A 193 -8.92 -24.40 22.39
C GLU A 193 -8.48 -25.67 23.12
N PRO A 194 -7.86 -25.56 24.29
CA PRO A 194 -7.50 -26.79 25.03
C PRO A 194 -8.71 -27.61 25.44
N ILE A 195 -9.84 -26.95 25.67
CA ILE A 195 -11.16 -27.55 25.82
C ILE A 195 -12.09 -26.63 25.05
N MET A 196 -12.91 -27.18 24.17
CA MET A 196 -13.83 -26.32 23.39
C MET A 196 -14.98 -25.89 24.29
N GLY A 197 -15.04 -24.60 24.60
CA GLY A 197 -16.01 -24.14 25.57
C GLY A 197 -17.39 -23.95 24.99
N GLU A 198 -17.51 -23.04 24.03
CA GLU A 198 -18.80 -22.68 23.44
C GLU A 198 -19.52 -23.89 22.86
N SER A 199 -18.76 -24.85 22.33
CA SER A 199 -19.33 -26.05 21.71
C SER A 199 -19.96 -26.99 22.72
N GLY A 200 -19.64 -26.85 24.01
CA GLY A 200 -20.16 -27.75 25.03
C GLY A 200 -19.10 -28.40 25.88
N VAL A 201 -18.04 -27.67 26.22
CA VAL A 201 -16.98 -28.16 27.10
C VAL A 201 -16.44 -29.49 26.57
N VAL A 202 -16.00 -29.48 25.33
CA VAL A 202 -15.52 -30.68 24.66
C VAL A 202 -14.05 -30.87 24.98
N VAL A 203 -13.73 -31.95 25.69
CA VAL A 203 -12.36 -32.24 26.10
C VAL A 203 -11.74 -33.10 25.01
N PRO A 204 -10.51 -32.82 24.60
CA PRO A 204 -9.88 -33.65 23.56
C PRO A 204 -9.33 -34.93 24.16
N PRO A 205 -9.07 -35.95 23.33
CA PRO A 205 -8.44 -37.17 23.84
C PRO A 205 -7.07 -36.87 24.45
N ALA A 206 -6.66 -37.73 25.38
CA ALA A 206 -5.33 -37.59 25.96
C ALA A 206 -4.28 -37.57 24.85
N GLY A 207 -3.30 -36.67 24.98
CA GLY A 207 -2.22 -36.58 24.01
C GLY A 207 -2.50 -35.72 22.80
N TYR A 208 -3.73 -35.24 22.60
CA TYR A 208 -4.06 -34.55 21.37
C TYR A 208 -3.30 -33.23 21.23
N LEU A 209 -3.30 -32.42 22.29
CA LEU A 209 -2.56 -31.15 22.21
C LEU A 209 -1.07 -31.37 22.03
N ALA A 210 -0.52 -32.40 22.68
CA ALA A 210 0.87 -32.75 22.44
C ALA A 210 1.11 -33.17 20.99
N ALA A 211 0.15 -33.90 20.40
CA ALA A 211 0.26 -34.26 18.99
C ALA A 211 0.21 -33.02 18.11
N ALA A 212 -0.71 -32.09 18.43
CA ALA A 212 -0.76 -30.84 17.68
C ALA A 212 0.56 -30.10 17.78
N ARG A 213 1.19 -30.11 18.96
CA ARG A 213 2.49 -29.46 19.11
C ARG A 213 3.54 -30.12 18.23
N ASP A 214 3.54 -31.47 18.18
CA ASP A 214 4.50 -32.18 17.36
C ASP A 214 4.23 -31.98 15.87
N ILE A 215 2.96 -32.06 15.46
CA ILE A 215 2.62 -31.89 14.05
C ILE A 215 3.03 -30.50 13.57
N THR A 216 2.67 -29.47 14.32
CA THR A 216 3.03 -28.10 13.91
C THR A 216 4.53 -27.90 13.90
N ALA A 217 5.24 -28.41 14.91
CA ALA A 217 6.68 -28.25 14.96
C ALA A 217 7.33 -28.87 13.73
N ARG A 218 6.92 -30.09 13.37
CA ARG A 218 7.53 -30.78 12.23
C ARG A 218 7.21 -30.10 10.91
N ARG A 219 6.11 -29.35 10.82
CA ARG A 219 5.74 -28.70 9.57
C ARG A 219 6.07 -27.22 9.55
N GLY A 220 6.69 -26.69 10.61
CA GLY A 220 7.01 -25.28 10.64
C GLY A 220 5.84 -24.34 10.82
N ALA A 221 4.74 -24.85 11.38
CA ALA A 221 3.55 -24.04 11.66
C ALA A 221 3.55 -23.60 13.12
N LEU A 222 2.95 -22.44 13.38
CA LEU A 222 2.73 -22.03 14.76
C LEU A 222 1.60 -22.84 15.38
N LEU A 223 1.73 -23.14 16.66
CA LEU A 223 0.63 -23.65 17.45
C LEU A 223 0.11 -22.50 18.30
N VAL A 224 -1.15 -22.12 18.07
CA VAL A 224 -1.81 -21.06 18.84
C VAL A 224 -2.85 -21.72 19.74
N LEU A 225 -2.72 -21.53 21.04
CA LEU A 225 -3.67 -22.09 22.00
C LEU A 225 -4.55 -20.95 22.52
N ASP A 226 -5.85 -21.08 22.30
CA ASP A 226 -6.81 -20.07 22.71
C ASP A 226 -7.26 -20.44 24.13
N GLU A 227 -6.71 -19.71 25.11
CA GLU A 227 -7.02 -19.92 26.52
C GLU A 227 -7.98 -18.86 27.06
N VAL A 228 -8.73 -18.21 26.17
CA VAL A 228 -9.65 -17.17 26.59
C VAL A 228 -10.64 -17.69 27.62
N GLN A 229 -11.13 -18.90 27.42
CA GLN A 229 -12.10 -19.47 28.34
C GLN A 229 -11.50 -20.48 29.30
N THR A 230 -10.45 -21.19 28.89
CA THR A 230 -9.87 -22.21 29.75
C THR A 230 -8.80 -21.69 30.69
N GLY A 231 -8.37 -20.43 30.53
CA GLY A 231 -7.27 -19.89 31.31
C GLY A 231 -7.70 -19.37 32.67
N MET A 232 -6.85 -18.53 33.23
CA MET A 232 -7.12 -17.86 34.51
C MET A 232 -7.25 -18.87 35.66
N GLY A 233 -6.56 -20.01 35.54
CA GLY A 233 -6.54 -20.98 36.62
C GLY A 233 -7.79 -21.84 36.74
N ARG A 234 -8.75 -21.69 35.81
CA ARG A 234 -10.04 -22.32 35.96
C ARG A 234 -9.93 -23.85 36.00
N THR A 235 -9.01 -24.43 35.24
CA THR A 235 -8.93 -25.89 35.17
C THR A 235 -7.98 -26.50 36.18
N GLY A 236 -7.41 -25.70 37.08
CA GLY A 236 -6.48 -26.20 38.05
C GLY A 236 -5.02 -26.00 37.71
N ALA A 237 -4.71 -25.46 36.53
CA ALA A 237 -3.41 -24.90 36.21
C ALA A 237 -3.71 -23.53 35.63
N PHE A 238 -2.75 -22.61 35.69
CA PHE A 238 -3.08 -21.27 35.22
C PHE A 238 -3.56 -21.30 33.77
N PHE A 239 -2.78 -21.93 32.89
CA PHE A 239 -3.19 -22.21 31.53
C PHE A 239 -3.56 -23.68 31.45
N ALA A 240 -4.70 -23.98 30.83
CA ALA A 240 -5.14 -25.37 30.77
C ALA A 240 -4.14 -26.24 30.03
N HIS A 241 -3.40 -25.68 29.07
CA HIS A 241 -2.45 -26.49 28.31
C HIS A 241 -1.26 -26.92 29.17
N GLN A 242 -1.05 -26.29 30.31
CA GLN A 242 0.03 -26.69 31.20
C GLN A 242 -0.19 -28.07 31.81
N HIS A 243 -1.43 -28.56 31.84
CA HIS A 243 -1.66 -29.95 32.25
C HIS A 243 -1.02 -30.93 31.28
N ASP A 244 -0.75 -30.51 30.05
CA ASP A 244 -0.26 -31.41 29.01
C ASP A 244 1.22 -31.25 28.71
N GLY A 245 1.92 -30.39 29.44
CA GLY A 245 3.37 -30.33 29.35
C GLY A 245 3.91 -29.79 28.04
N ILE A 246 3.14 -28.96 27.35
CA ILE A 246 3.58 -28.38 26.09
C ILE A 246 3.70 -26.87 26.23
N THR A 247 4.48 -26.28 25.33
CA THR A 247 4.58 -24.84 25.20
C THR A 247 4.16 -24.49 23.79
N PRO A 248 3.06 -23.80 23.60
CA PRO A 248 2.69 -23.35 22.26
C PRO A 248 3.56 -22.17 21.85
N ASP A 249 3.42 -21.79 20.58
CA ASP A 249 4.11 -20.59 20.11
C ASP A 249 3.36 -19.33 20.49
N VAL A 250 2.03 -19.40 20.55
CA VAL A 250 1.19 -18.23 20.86
C VAL A 250 0.08 -18.70 21.79
N VAL A 251 -0.26 -17.87 22.79
CA VAL A 251 -1.39 -18.12 23.69
C VAL A 251 -2.23 -16.87 23.70
N THR A 252 -3.54 -17.05 23.62
CA THR A 252 -4.47 -15.91 23.73
C THR A 252 -5.29 -16.01 25.02
N LEU A 253 -5.53 -14.85 25.64
CA LEU A 253 -6.31 -14.77 26.90
C LEU A 253 -7.25 -13.57 26.81
N ALA A 254 -8.35 -13.67 27.52
CA ALA A 254 -9.35 -12.60 27.69
C ALA A 254 -10.33 -13.07 28.76
N1 LLP A 255 -12.19 -17.59 22.25
C2 LLP A 255 -12.78 -18.34 23.15
C2' LLP A 255 -12.28 -19.71 23.42
C3 LLP A 255 -13.84 -17.83 23.89
O3 LLP A 255 -14.40 -18.64 24.78
C4 LLP A 255 -14.29 -16.52 23.68
C4' LLP A 255 -15.36 -16.02 24.55
C5 LLP A 255 -13.66 -15.77 22.69
C6 LLP A 255 -12.64 -16.35 22.01
C5' LLP A 255 -14.15 -14.40 22.28
OP4 LLP A 255 -13.95 -13.36 23.24
P LLP A 255 -14.70 -11.99 23.07
OP1 LLP A 255 -16.12 -12.30 23.17
OP2 LLP A 255 -14.15 -11.17 24.16
OP3 LLP A 255 -14.36 -11.49 21.72
N LLP A 255 -11.60 -12.78 28.56
CA LLP A 255 -12.69 -13.14 29.51
CB LLP A 255 -13.19 -14.58 29.29
CG LLP A 255 -14.06 -14.69 28.05
CD LLP A 255 -14.95 -15.92 27.98
CE LLP A 255 -15.99 -15.83 26.87
NZ LLP A 255 -15.57 -16.57 25.68
C LLP A 255 -12.31 -12.83 30.96
O LLP A 255 -12.38 -11.69 31.31
N GLY A 256 -11.85 -13.83 31.73
CA GLY A 256 -11.54 -13.60 33.15
C GLY A 256 -10.28 -12.84 33.46
N LEU A 257 -9.45 -12.55 32.46
CA LEU A 257 -8.16 -11.87 32.66
C LEU A 257 -8.28 -10.62 33.53
N GLY A 258 -9.33 -9.83 33.32
CA GLY A 258 -9.49 -8.61 34.09
C GLY A 258 -10.53 -8.68 35.17
N GLY A 259 -10.95 -9.89 35.53
CA GLY A 259 -11.98 -10.07 36.54
C GLY A 259 -13.29 -9.41 36.23
N GLY A 260 -13.52 -9.07 34.96
CA GLY A 260 -14.70 -8.34 34.57
C GLY A 260 -14.36 -7.10 33.75
N LEU A 261 -13.22 -6.50 34.00
CA LEU A 261 -12.84 -5.34 33.20
C LEU A 261 -12.36 -5.82 31.82
N PRO A 262 -12.68 -5.11 30.74
CA PRO A 262 -12.31 -5.60 29.40
C PRO A 262 -10.81 -5.55 29.17
N ILE A 263 -10.21 -6.72 28.95
CA ILE A 263 -8.79 -6.81 28.61
C ILE A 263 -8.55 -8.20 28.02
N GLY A 264 -7.67 -8.24 27.02
CA GLY A 264 -7.21 -9.49 26.43
C GLY A 264 -5.72 -9.41 26.21
N ALA A 265 -5.11 -10.55 25.91
CA ALA A 265 -3.67 -10.54 25.68
C ALA A 265 -3.29 -11.61 24.68
N CYS A 266 -2.26 -11.31 23.90
CA CYS A 266 -1.61 -12.28 23.04
C CYS A 266 -0.16 -12.41 23.48
N LEU A 267 0.22 -13.62 23.91
CA LEU A 267 1.58 -13.94 24.32
C LEU A 267 2.21 -14.77 23.21
N ALA A 268 3.43 -14.44 22.84
CA ALA A 268 4.14 -15.19 21.82
C ALA A 268 5.53 -15.57 22.33
N VAL A 269 5.97 -16.77 21.97
CA VAL A 269 7.15 -17.39 22.56
C VAL A 269 8.20 -17.57 21.48
N GLY A 270 9.45 -17.22 21.80
CA GLY A 270 10.56 -17.46 20.91
C GLY A 270 10.51 -16.59 19.68
N PRO A 271 10.83 -17.19 18.52
CA PRO A 271 10.80 -16.41 17.26
C PRO A 271 9.47 -15.73 17.00
N ALA A 272 8.36 -16.34 17.41
CA ALA A 272 7.06 -15.72 17.18
C ALA A 272 6.94 -14.38 17.92
N ALA A 273 7.67 -14.22 19.02
CA ALA A 273 7.61 -12.99 19.81
C ALA A 273 8.24 -11.81 19.09
N GLU A 274 9.05 -12.04 18.06
CA GLU A 274 9.75 -10.98 17.37
C GLU A 274 9.11 -10.60 16.04
N LEU A 275 8.03 -11.28 15.65
CA LEU A 275 7.44 -11.05 14.34
C LEU A 275 6.89 -9.63 14.19
N LEU A 276 6.19 -9.15 15.22
CA LEU A 276 5.58 -7.83 15.15
C LEU A 276 6.64 -6.76 15.38
N THR A 277 6.82 -5.89 14.40
CA THR A 277 7.76 -4.81 14.43
C THR A 277 7.01 -3.48 14.48
N PRO A 278 7.71 -2.35 14.71
CA PRO A 278 6.98 -1.11 15.00
C PRO A 278 6.05 -0.68 13.89
N GLY A 279 4.84 -0.30 14.28
CA GLY A 279 3.81 0.16 13.37
C GLY A 279 2.95 -0.92 12.76
N LEU A 280 3.23 -2.20 13.02
CA LEU A 280 2.51 -3.28 12.34
C LEU A 280 1.23 -3.72 13.06
N HIS A 281 1.03 -3.32 14.31
CA HIS A 281 -0.22 -3.64 14.99
C HIS A 281 -0.38 -2.72 16.18
N GLY A 282 -1.60 -2.67 16.70
CA GLY A 282 -1.89 -1.83 17.86
C GLY A 282 -3.36 -1.89 18.18
N SER A 283 -3.69 -1.34 19.36
CA SER A 283 -5.06 -1.18 19.84
C SER A 283 -5.04 0.01 20.78
N THR A 284 -5.89 1.02 20.53
CA THR A 284 -5.82 2.26 21.30
C THR A 284 -5.84 2.01 22.81
N PHE A 285 -6.83 1.25 23.28
CA PHE A 285 -6.99 1.01 24.72
C PHE A 285 -6.07 -0.08 25.25
N GLY A 286 -5.29 -0.76 24.39
CA GLY A 286 -4.56 -1.93 24.85
C GLY A 286 -3.60 -1.62 25.98
N GLY A 287 -3.63 -2.43 27.05
CA GLY A 287 -2.67 -2.24 28.10
C GLY A 287 -2.92 -1.05 29.00
N ASN A 288 -4.11 -0.47 28.94
CA ASN A 288 -4.36 0.74 29.70
C ASN A 288 -4.23 0.47 31.20
N PRO A 289 -3.83 1.47 31.97
CA PRO A 289 -3.51 1.24 33.40
C PRO A 289 -4.66 0.70 34.22
N VAL A 290 -5.90 1.10 33.95
CA VAL A 290 -7.02 0.71 34.81
C VAL A 290 -7.34 -0.76 34.62
N CYS A 291 -7.45 -1.21 33.37
CA CYS A 291 -7.78 -2.63 33.15
C CYS A 291 -6.60 -3.52 33.52
N ALA A 292 -5.38 -3.05 33.27
CA ALA A 292 -4.21 -3.82 33.68
C ALA A 292 -4.12 -3.92 35.19
N ALA A 293 -4.47 -2.83 35.91
CA ALA A 293 -4.48 -2.90 37.37
C ALA A 293 -5.48 -3.93 37.88
N ALA A 294 -6.66 -4.00 37.27
CA ALA A 294 -7.65 -5.01 37.64
C ALA A 294 -7.10 -6.41 37.41
N ALA A 295 -6.48 -6.63 36.25
CA ALA A 295 -5.94 -7.95 35.95
C ALA A 295 -4.84 -8.33 36.95
N LEU A 296 -3.96 -7.39 37.27
CA LEU A 296 -2.94 -7.64 38.29
C LEU A 296 -3.57 -8.07 39.61
N ALA A 297 -4.67 -7.42 40.00
CA ALA A 297 -5.34 -7.80 41.25
C ALA A 297 -5.87 -9.22 41.16
N VAL A 298 -6.44 -9.60 40.01
CA VAL A 298 -6.93 -10.97 39.82
C VAL A 298 -5.80 -11.97 40.02
N LEU A 299 -4.64 -11.71 39.42
CA LEU A 299 -3.51 -12.62 39.58
C LEU A 299 -3.08 -12.69 41.03
N ARG A 300 -3.03 -11.53 41.71
CA ARG A 300 -2.64 -11.51 43.12
C ARG A 300 -3.57 -12.37 43.97
N VAL A 301 -4.87 -12.30 43.72
CA VAL A 301 -5.85 -13.03 44.51
C VAL A 301 -5.80 -14.52 44.20
N LEU A 302 -5.71 -14.89 42.91
CA LEU A 302 -5.57 -16.29 42.56
C LEU A 302 -4.42 -16.92 43.33
N ALA A 303 -3.30 -16.21 43.43
CA ALA A 303 -2.12 -16.75 44.13
C ALA A 303 -2.32 -16.73 45.63
N SER A 304 -2.75 -15.60 46.18
CA SER A 304 -2.80 -15.44 47.63
C SER A 304 -3.83 -16.37 48.27
N ASP A 305 -4.95 -16.60 47.59
CA ASP A 305 -6.04 -17.41 48.12
C ASP A 305 -6.02 -18.84 47.57
N GLY A 306 -4.97 -19.21 46.85
CA GLY A 306 -4.84 -20.58 46.34
C GLY A 306 -6.01 -21.04 45.49
N LEU A 307 -6.53 -20.14 44.68
CA LEU A 307 -7.76 -20.46 43.93
C LEU A 307 -7.54 -21.43 42.76
N VAL A 308 -6.34 -21.53 42.26
CA VAL A 308 -6.11 -22.48 41.12
C VAL A 308 -6.26 -23.90 41.66
N ARG A 309 -5.58 -24.22 42.76
CA ARG A 309 -5.74 -25.55 43.39
C ARG A 309 -7.20 -25.73 43.83
N ARG A 310 -7.80 -24.68 44.38
CA ARG A 310 -9.20 -24.80 44.80
C ARG A 310 -10.10 -25.17 43.63
N ALA A 311 -9.84 -24.60 42.45
CA ALA A 311 -10.67 -24.94 41.29
C ALA A 311 -10.58 -26.42 40.97
N GLU A 312 -9.38 -27.00 41.06
CA GLU A 312 -9.25 -28.43 40.79
C GLU A 312 -9.98 -29.24 41.84
N VAL A 313 -9.81 -28.90 43.11
CA VAL A 313 -10.45 -29.66 44.19
C VAL A 313 -11.96 -29.59 44.08
N LEU A 314 -12.51 -28.37 43.99
CA LEU A 314 -13.95 -28.20 43.88
C LEU A 314 -14.50 -28.77 42.58
N GLY A 315 -13.73 -28.70 41.50
CA GLY A 315 -14.19 -29.28 40.25
C GLY A 315 -14.34 -30.79 40.35
N LYS A 316 -13.36 -31.45 40.96
CA LYS A 316 -13.46 -32.89 41.17
C LYS A 316 -14.65 -33.24 42.03
N SER A 317 -14.83 -32.52 43.15
CA SER A 317 -15.95 -32.80 44.04
C SER A 317 -17.28 -32.55 43.34
N LEU A 318 -17.35 -31.48 42.53
CA LEU A 318 -18.58 -31.17 41.81
C LEU A 318 -18.90 -32.25 40.77
N ARG A 319 -17.91 -32.65 39.98
CA ARG A 319 -18.14 -33.71 39.00
C ARG A 319 -18.61 -34.99 39.68
N HIS A 320 -17.92 -35.37 40.76
CA HIS A 320 -18.31 -36.57 41.51
C HIS A 320 -19.74 -36.46 42.03
N GLY A 321 -20.11 -35.29 42.57
CA GLY A 321 -21.46 -35.12 43.09
C GLY A 321 -22.54 -35.27 42.03
N ILE A 322 -22.33 -34.66 40.85
CA ILE A 322 -23.35 -34.73 39.80
C ILE A 322 -23.50 -36.16 39.30
N GLU A 323 -22.37 -36.84 39.09
CA GLU A 323 -22.42 -38.23 38.65
C GLU A 323 -23.02 -39.13 39.71
N ALA A 324 -22.79 -38.82 41.00
CA ALA A 324 -23.36 -39.64 42.07
C ALA A 324 -24.88 -39.60 42.10
N LEU A 325 -25.49 -38.57 41.51
CA LEU A 325 -26.96 -38.51 41.47
C LEU A 325 -27.57 -39.69 40.74
N GLY A 326 -26.83 -40.35 39.86
CA GLY A 326 -27.38 -41.42 39.04
C GLY A 326 -28.62 -41.03 38.27
N HIS A 327 -28.74 -39.76 37.87
CA HIS A 327 -29.94 -39.31 37.18
C HIS A 327 -29.94 -39.84 35.75
N PRO A 328 -31.06 -40.41 35.27
CA PRO A 328 -31.08 -40.99 33.92
C PRO A 328 -30.84 -40.00 32.80
N LEU A 329 -31.11 -38.70 33.02
CA LEU A 329 -30.88 -37.72 31.97
C LEU A 329 -29.41 -37.32 31.83
N ILE A 330 -28.56 -37.67 32.78
CA ILE A 330 -27.17 -37.26 32.77
C ILE A 330 -26.33 -38.41 32.20
N ASP A 331 -25.76 -38.18 31.02
CA ASP A 331 -24.87 -39.18 30.45
C ASP A 331 -23.52 -39.19 31.16
N HIS A 332 -22.88 -38.03 31.27
CA HIS A 332 -21.58 -37.93 31.90
C HIS A 332 -21.31 -36.46 32.16
N VAL A 333 -20.30 -36.21 32.99
CA VAL A 333 -19.79 -34.87 33.23
C VAL A 333 -18.38 -34.81 32.70
N ARG A 334 -18.05 -33.72 31.99
CA ARG A 334 -16.73 -33.58 31.41
C ARG A 334 -16.19 -32.20 31.70
N GLY A 335 -14.91 -32.02 31.42
CA GLY A 335 -14.24 -30.76 31.68
C GLY A 335 -13.14 -30.93 32.70
N ARG A 336 -12.73 -29.83 33.33
CA ARG A 336 -11.64 -29.87 34.28
C ARG A 336 -11.73 -28.65 35.18
N GLY A 337 -11.46 -28.85 36.46
CA GLY A 337 -11.59 -27.75 37.41
C GLY A 337 -13.00 -27.18 37.37
N LEU A 338 -13.09 -25.85 37.27
CA LEU A 338 -14.39 -25.19 37.26
C LEU A 338 -14.82 -24.77 35.85
N LEU A 339 -14.46 -25.55 34.83
CA LEU A 339 -15.12 -25.51 33.53
C LEU A 339 -15.71 -26.91 33.33
N LEU A 340 -17.02 -27.03 33.41
CA LEU A 340 -17.68 -28.33 33.38
C LEU A 340 -18.83 -28.33 32.40
N GLY A 341 -18.99 -29.45 31.71
CA GLY A 341 -20.16 -29.69 30.91
C GLY A 341 -20.92 -30.88 31.45
N ILE A 342 -22.23 -30.73 31.64
CA ILE A 342 -23.10 -31.85 31.98
C ILE A 342 -23.73 -32.31 30.67
N ALA A 343 -23.27 -33.45 30.16
CA ALA A 343 -23.77 -33.99 28.91
C ALA A 343 -24.99 -34.84 29.19
N LEU A 344 -26.08 -34.57 28.48
CA LEU A 344 -27.38 -35.18 28.72
C LEU A 344 -27.63 -36.31 27.73
N THR A 345 -28.53 -37.22 28.13
CA THR A 345 -28.90 -38.32 27.25
C THR A 345 -29.96 -37.93 26.22
N ALA A 346 -30.51 -36.72 26.32
CA ALA A 346 -31.53 -36.23 25.40
C ALA A 346 -31.43 -34.71 25.36
N PRO A 347 -31.92 -34.06 24.29
CA PRO A 347 -31.66 -32.61 24.12
C PRO A 347 -32.59 -31.71 24.92
N HIS A 348 -32.39 -31.69 26.23
CA HIS A 348 -33.18 -30.86 27.13
C HIS A 348 -32.37 -29.78 27.82
N ALA A 349 -31.19 -29.44 27.29
CA ALA A 349 -30.33 -28.48 27.97
C ALA A 349 -30.96 -27.10 28.04
N LYS A 350 -31.62 -26.67 26.96
CA LYS A 350 -32.24 -25.35 26.96
C LYS A 350 -33.38 -25.27 27.97
N ASP A 351 -34.20 -26.32 28.04
CA ASP A 351 -35.25 -26.37 29.06
C ASP A 351 -34.64 -26.41 30.46
N ALA A 352 -33.54 -27.16 30.62
CA ALA A 352 -32.89 -27.23 31.92
C ALA A 352 -32.31 -25.89 32.31
N GLU A 353 -31.90 -25.09 31.32
CA GLU A 353 -31.46 -23.73 31.62
C GLU A 353 -32.58 -22.92 32.28
N ALA A 354 -33.80 -23.04 31.75
CA ALA A 354 -34.91 -22.27 32.30
C ALA A 354 -35.37 -22.81 33.66
N THR A 355 -35.43 -24.14 33.80
CA THR A 355 -35.85 -24.68 35.10
C THR A 355 -34.79 -24.47 36.17
N ALA A 356 -33.50 -24.45 35.77
CA ALA A 356 -32.47 -24.09 36.72
C ALA A 356 -32.65 -22.65 37.18
N ARG A 357 -32.99 -21.76 36.25
CA ARG A 357 -33.27 -20.37 36.59
C ARG A 357 -34.45 -20.27 37.56
N ASP A 358 -35.50 -21.07 37.32
CA ASP A 358 -36.63 -21.11 38.25
C ASP A 358 -36.17 -21.53 39.65
N ALA A 359 -35.24 -22.47 39.72
CA ALA A 359 -34.72 -22.96 41.00
C ALA A 359 -33.65 -22.04 41.59
N GLY A 360 -33.30 -20.96 40.90
CA GLY A 360 -32.36 -20.00 41.44
C GLY A 360 -30.91 -20.21 41.06
N TYR A 361 -30.65 -20.76 39.88
CA TYR A 361 -29.29 -21.04 39.42
C TYR A 361 -29.14 -20.58 37.98
N LEU A 362 -28.01 -19.94 37.68
CA LEU A 362 -27.67 -19.53 36.32
C LEU A 362 -26.68 -20.54 35.72
N VAL A 363 -27.14 -21.24 34.68
CA VAL A 363 -26.33 -22.19 33.93
C VAL A 363 -26.49 -21.86 32.46
N ASN A 364 -25.75 -22.58 31.60
CA ASN A 364 -25.79 -22.28 30.17
C ASN A 364 -26.04 -23.56 29.36
N ALA A 365 -27.03 -23.51 28.47
CA ALA A 365 -27.22 -24.56 27.48
C ALA A 365 -26.26 -24.27 26.34
N ALA A 366 -25.06 -24.84 26.44
CA ALA A 366 -24.04 -24.62 25.42
C ALA A 366 -24.33 -25.37 24.13
N ALA A 367 -25.03 -26.50 24.24
CA ALA A 367 -25.44 -27.30 23.10
C ALA A 367 -26.82 -27.83 23.46
N PRO A 368 -27.58 -28.36 22.50
CA PRO A 368 -28.91 -28.91 22.85
C PRO A 368 -28.87 -29.93 23.98
N ASP A 369 -27.74 -30.64 24.15
CA ASP A 369 -27.64 -31.69 25.14
C ASP A 369 -26.47 -31.48 26.11
N VAL A 370 -26.03 -30.24 26.31
CA VAL A 370 -24.93 -29.98 27.24
C VAL A 370 -25.22 -28.72 28.04
N ILE A 371 -25.16 -28.84 29.36
CA ILE A 371 -25.23 -27.69 30.27
C ILE A 371 -23.81 -27.33 30.67
N ARG A 372 -23.40 -26.09 30.40
CA ARG A 372 -22.07 -25.62 30.75
C ARG A 372 -22.11 -24.83 32.05
N LEU A 373 -21.16 -25.11 32.93
CA LEU A 373 -20.91 -24.34 34.15
C LEU A 373 -19.51 -23.73 34.09
N ALA A 374 -19.40 -22.48 34.53
CA ALA A 374 -18.09 -21.83 34.71
C ALA A 374 -18.20 -20.90 35.90
N PRO A 375 -18.34 -21.44 37.10
CA PRO A 375 -18.63 -20.59 38.27
C PRO A 375 -17.41 -19.77 38.66
N PRO A 376 -17.62 -18.66 39.36
CA PRO A 376 -16.50 -17.96 40.00
C PRO A 376 -15.65 -18.94 40.80
N LEU A 377 -14.33 -18.70 40.78
CA LEU A 377 -13.42 -19.52 41.56
C LEU A 377 -13.60 -19.29 43.07
N ILE A 378 -14.35 -18.27 43.46
CA ILE A 378 -14.64 -18.01 44.86
C ILE A 378 -15.97 -18.61 45.31
N ILE A 379 -16.61 -19.40 44.45
CA ILE A 379 -17.91 -19.97 44.79
C ILE A 379 -17.80 -20.79 46.07
N ALA A 380 -18.83 -20.73 46.89
CA ALA A 380 -18.85 -21.49 48.13
C ALA A 380 -19.14 -22.96 47.85
N GLU A 381 -18.52 -23.82 48.62
CA GLU A 381 -18.80 -25.26 48.52
C GLU A 381 -20.29 -25.49 48.70
N ALA A 382 -20.91 -24.82 49.68
CA ALA A 382 -22.34 -25.01 49.93
C ALA A 382 -23.18 -24.55 48.75
N GLN A 383 -22.74 -23.52 48.03
CA GLN A 383 -23.49 -23.11 46.85
C GLN A 383 -23.46 -24.19 45.79
N LEU A 384 -22.31 -24.86 45.63
CA LEU A 384 -22.25 -26.00 44.72
C LEU A 384 -23.08 -27.16 45.25
N ASP A 385 -22.96 -27.46 46.55
CA ASP A 385 -23.74 -28.56 47.14
C ASP A 385 -25.23 -28.37 46.90
N GLY A 386 -25.73 -27.15 47.10
CA GLY A 386 -27.13 -26.90 46.86
C GLY A 386 -27.52 -27.11 45.41
N PHE A 387 -26.64 -26.75 44.49
CA PHE A 387 -26.94 -26.98 43.08
C PHE A 387 -27.05 -28.47 42.79
N VAL A 388 -26.09 -29.25 43.27
CA VAL A 388 -26.11 -30.69 42.99
C VAL A 388 -27.39 -31.31 43.53
N ALA A 389 -27.79 -30.92 44.75
CA ALA A 389 -29.01 -31.46 45.34
C ALA A 389 -30.25 -31.03 44.59
N ALA A 390 -30.24 -29.82 44.01
CA ALA A 390 -31.38 -29.32 43.26
C ALA A 390 -31.41 -29.87 41.83
N LEU A 391 -30.29 -30.42 41.35
CA LEU A 391 -30.21 -30.81 39.94
C LEU A 391 -31.24 -31.87 39.52
N PRO A 392 -31.51 -32.92 40.31
CA PRO A 392 -32.55 -33.88 39.87
C PRO A 392 -33.89 -33.23 39.56
N ALA A 393 -34.38 -32.38 40.45
CA ALA A 393 -35.66 -31.72 40.20
C ALA A 393 -35.58 -30.77 39.01
N ILE A 394 -34.44 -30.08 38.85
CA ILE A 394 -34.25 -29.21 37.69
C ILE A 394 -34.41 -30.01 36.41
N LEU A 395 -33.77 -31.17 36.34
CA LEU A 395 -33.82 -31.99 35.14
C LEU A 395 -35.19 -32.61 34.96
N ASP A 396 -35.80 -33.10 36.04
CA ASP A 396 -37.16 -33.65 35.95
C ASP A 396 -38.13 -32.61 35.43
N ARG A 397 -38.04 -31.37 35.93
CA ARG A 397 -38.93 -30.31 35.44
C ARG A 397 -38.65 -29.98 33.99
N ALA A 398 -37.37 -30.01 33.60
CA ALA A 398 -37.00 -29.70 32.22
C ALA A 398 -37.66 -30.67 31.25
N VAL A 399 -37.66 -31.95 31.58
CA VAL A 399 -38.30 -32.98 30.75
C VAL A 399 -39.80 -32.94 30.93
N THR B 9 12.82 5.14 37.30
CA THR B 9 13.32 6.11 36.34
C THR B 9 12.79 5.76 34.96
N THR B 10 12.84 6.73 34.06
CA THR B 10 12.39 6.48 32.69
C THR B 10 13.21 5.36 32.05
N ALA B 11 14.53 5.37 32.25
CA ALA B 11 15.38 4.33 31.69
C ALA B 11 14.98 2.95 32.23
N THR B 12 14.74 2.84 33.54
CA THR B 12 14.35 1.54 34.10
C THR B 12 13.03 1.06 33.54
N MET B 13 12.07 1.97 33.40
CA MET B 13 10.76 1.58 32.87
C MET B 13 10.85 1.16 31.41
N ARG B 14 11.63 1.91 30.62
CA ARG B 14 11.80 1.55 29.21
C ARG B 14 12.53 0.21 29.05
N GLN B 15 13.42 -0.10 29.98
CA GLN B 15 14.15 -1.39 29.87
C GLN B 15 13.16 -2.51 30.20
N ARG B 16 12.35 -2.30 31.20
CA ARG B 16 11.32 -3.29 31.52
C ARG B 16 10.38 -3.50 30.34
N TRP B 17 9.94 -2.40 29.71
CA TRP B 17 9.10 -2.52 28.53
C TRP B 17 9.77 -3.38 27.48
N GLN B 18 11.03 -3.08 27.17
CA GLN B 18 11.73 -3.80 26.11
C GLN B 18 11.97 -5.26 26.43
N ALA B 19 11.94 -5.64 27.71
CA ALA B 19 12.17 -7.03 28.06
C ALA B 19 10.94 -7.90 27.89
N VAL B 20 9.75 -7.31 27.83
CA VAL B 20 8.52 -8.11 27.92
C VAL B 20 7.49 -7.77 26.85
N MET B 21 7.47 -6.52 26.37
CA MET B 21 6.41 -6.15 25.44
C MET B 21 6.77 -6.52 24.02
N MET B 22 5.78 -6.91 23.23
CA MET B 22 6.02 -6.98 21.80
C MET B 22 6.40 -5.60 21.29
N ASN B 23 7.14 -5.57 20.18
CA ASN B 23 7.69 -4.33 19.64
C ASN B 23 6.80 -3.69 18.59
N ASN B 24 5.48 -3.93 18.65
CA ASN B 24 4.61 -3.37 17.62
C ASN B 24 4.43 -1.85 17.74
N TYR B 25 4.78 -1.26 18.89
CA TYR B 25 4.72 0.18 19.10
C TYR B 25 6.10 0.83 19.13
N GLY B 26 7.16 0.06 18.97
CA GLY B 26 8.44 0.60 19.34
C GLY B 26 8.49 0.74 20.85
N THR B 27 9.51 1.45 21.32
CA THR B 27 9.64 1.68 22.75
C THR B 27 9.20 3.09 23.07
N PRO B 28 8.20 3.28 23.94
CA PRO B 28 7.75 4.64 24.26
C PRO B 28 8.89 5.50 24.78
N PRO B 29 8.95 6.77 24.37
CA PRO B 29 10.04 7.64 24.83
C PRO B 29 9.86 8.16 26.23
N ILE B 30 8.64 8.17 26.78
CA ILE B 30 8.44 8.65 28.13
C ILE B 30 7.58 7.65 28.89
N ALA B 31 7.80 7.59 30.19
CA ALA B 31 7.07 6.69 31.08
C ALA B 31 6.25 7.56 32.02
N LEU B 32 4.92 7.48 31.89
CA LEU B 32 4.04 8.31 32.70
C LEU B 32 3.69 7.62 34.01
N ALA B 33 3.63 8.42 35.07
CA ALA B 33 3.32 7.96 36.42
C ALA B 33 1.96 8.41 36.91
N SER B 34 1.53 9.63 36.59
CA SER B 34 0.28 10.13 37.14
C SER B 34 -0.29 11.17 36.19
N GLY B 35 -1.58 11.43 36.35
CA GLY B 35 -2.23 12.44 35.54
C GLY B 35 -3.37 13.06 36.31
N ASP B 36 -3.64 14.33 36.04
CA ASP B 36 -4.75 15.02 36.68
C ASP B 36 -5.21 16.09 35.70
N GLY B 37 -6.46 15.99 35.27
CA GLY B 37 -6.94 16.92 34.25
C GLY B 37 -6.16 16.73 32.97
N ALA B 38 -5.61 17.83 32.45
CA ALA B 38 -4.83 17.81 31.22
C ALA B 38 -3.32 17.83 31.49
N VAL B 39 -2.88 17.52 32.71
CA VAL B 39 -1.46 17.54 33.04
C VAL B 39 -1.05 16.14 33.47
N VAL B 40 0.00 15.61 32.84
CA VAL B 40 0.54 14.31 33.23
C VAL B 40 1.97 14.50 33.74
N THR B 41 2.40 13.58 34.59
CA THR B 41 3.73 13.63 35.18
C THR B 41 4.44 12.31 34.86
N ASP B 42 5.66 12.40 34.36
CA ASP B 42 6.43 11.20 34.11
C ASP B 42 7.08 10.68 35.40
N VAL B 43 7.71 9.50 35.31
CA VAL B 43 8.30 8.88 36.49
C VAL B 43 9.51 9.63 37.02
N ASP B 44 10.03 10.59 36.27
CA ASP B 44 11.13 11.43 36.73
C ASP B 44 10.64 12.79 37.25
N GLY B 45 9.33 12.99 37.37
CA GLY B 45 8.78 14.21 37.91
C GLY B 45 8.46 15.29 36.90
N ARG B 46 8.81 15.10 35.64
CA ARG B 46 8.54 16.13 34.61
C ARG B 46 7.04 16.19 34.32
N THR B 47 6.51 17.38 34.19
CA THR B 47 5.10 17.56 33.88
C THR B 47 4.92 17.90 32.41
N TYR B 48 3.75 17.57 31.87
CA TYR B 48 3.45 17.83 30.48
C TYR B 48 2.00 18.23 30.37
N ILE B 49 1.72 19.23 29.54
CA ILE B 49 0.37 19.61 29.19
C ILE B 49 -0.05 18.72 28.02
N ASP B 50 -1.14 17.99 28.22
CA ASP B 50 -1.54 16.94 27.30
C ASP B 50 -2.44 17.54 26.23
N LEU B 51 -1.88 17.76 25.04
CA LEU B 51 -2.65 18.26 23.90
C LEU B 51 -3.08 17.13 22.95
N LEU B 52 -2.89 15.88 23.38
CA LEU B 52 -3.19 14.72 22.55
C LEU B 52 -4.24 13.81 23.16
N GLY B 53 -4.46 13.87 24.48
CA GLY B 53 -5.50 13.11 25.14
C GLY B 53 -5.38 11.61 25.01
N GLY B 54 -4.15 11.09 24.94
CA GLY B 54 -4.00 9.67 24.68
C GLY B 54 -4.56 9.27 23.34
N ILE B 55 -4.46 10.15 22.34
CA ILE B 55 -5.00 10.01 20.98
C ILE B 55 -6.52 10.16 21.02
N ALA B 56 -6.99 11.31 21.50
CA ALA B 56 -8.40 11.71 21.47
C ALA B 56 -9.29 10.87 22.38
N VAL B 57 -8.71 10.17 23.36
CA VAL B 57 -9.52 9.35 24.26
C VAL B 57 -9.92 10.09 25.52
N ASN B 58 -9.00 10.85 26.12
CA ASN B 58 -9.24 11.41 27.45
C ASN B 58 -10.01 12.72 27.30
N VAL B 59 -11.27 12.55 26.89
CA VAL B 59 -12.15 13.70 26.65
C VAL B 59 -12.31 14.52 27.92
N LEU B 60 -12.29 13.89 29.08
CA LEU B 60 -12.43 14.57 30.36
C LEU B 60 -11.11 14.59 31.13
N GLY B 61 -10.03 14.31 30.45
CA GLY B 61 -8.73 14.27 31.14
C GLY B 61 -8.62 13.12 32.14
N HIS B 62 -7.66 13.25 33.04
CA HIS B 62 -7.42 12.22 34.07
C HIS B 62 -8.12 12.62 35.37
N ARG B 63 -8.49 11.61 36.13
CA ARG B 63 -9.07 11.73 37.47
C ARG B 63 -10.35 12.56 37.45
N HIS B 64 -11.12 12.53 36.37
CA HIS B 64 -12.35 13.31 36.41
C HIS B 64 -13.30 12.73 37.45
N PRO B 65 -13.80 13.55 38.39
CA PRO B 65 -14.57 13.01 39.51
C PRO B 65 -15.85 12.33 39.09
N ALA B 66 -16.47 12.75 37.99
CA ALA B 66 -17.73 12.12 37.59
C ALA B 66 -17.48 10.72 37.05
N VAL B 67 -16.38 10.53 36.33
CA VAL B 67 -16.07 9.19 35.82
C VAL B 67 -15.64 8.29 36.97
N ILE B 68 -14.80 8.81 37.86
CA ILE B 68 -14.40 8.03 39.02
C ILE B 68 -15.60 7.62 39.84
N GLU B 69 -16.52 8.55 40.06
CA GLU B 69 -17.70 8.22 40.87
C GLU B 69 -18.54 7.14 40.19
N ALA B 70 -18.76 7.30 38.90
CA ALA B 70 -19.61 6.35 38.18
C ALA B 70 -19.02 4.95 38.21
N VAL B 71 -17.71 4.84 37.96
CA VAL B 71 -17.08 3.53 37.92
C VAL B 71 -17.08 2.90 39.31
N THR B 72 -16.70 3.67 40.33
CA THR B 72 -16.69 3.13 41.69
C THR B 72 -18.08 2.70 42.13
N ARG B 73 -19.08 3.49 41.84
CA ARG B 73 -20.44 3.12 42.25
C ARG B 73 -20.88 1.85 41.52
N GLN B 74 -20.64 1.79 40.23
CA GLN B 74 -21.10 0.63 39.48
C GLN B 74 -20.36 -0.64 39.89
N MET B 75 -19.04 -0.56 40.10
CA MET B 75 -18.30 -1.74 40.55
C MET B 75 -18.79 -2.23 41.90
N SER B 76 -19.30 -1.34 42.74
CA SER B 76 -19.86 -1.73 44.03
C SER B 76 -21.33 -2.09 43.94
N THR B 77 -21.88 -2.17 42.73
CA THR B 77 -23.27 -2.56 42.52
C THR B 77 -23.37 -3.84 41.71
N LEU B 78 -22.81 -3.85 40.49
CA LEU B 78 -22.95 -4.98 39.58
C LEU B 78 -21.89 -4.80 38.50
N GLY B 79 -21.04 -5.79 38.34
CA GLY B 79 -20.04 -5.78 37.29
C GLY B 79 -20.52 -6.48 36.05
N HIS B 80 -19.56 -7.02 35.30
CA HIS B 80 -19.85 -7.72 34.06
C HIS B 80 -20.91 -8.79 34.27
N THR B 81 -21.87 -8.88 33.33
CA THR B 81 -22.82 -9.99 33.33
C THR B 81 -22.85 -10.78 32.04
N SER B 82 -22.39 -10.21 30.93
CA SER B 82 -22.64 -10.66 29.56
C SER B 82 -24.06 -10.30 29.13
N ASN B 83 -24.30 -10.34 27.82
CA ASN B 83 -25.57 -9.98 27.24
C ASN B 83 -26.58 -11.13 27.26
N LEU B 84 -26.28 -12.19 28.01
CA LEU B 84 -27.32 -13.13 28.43
C LEU B 84 -28.32 -12.47 29.36
N TYR B 85 -27.99 -11.31 29.91
CA TYR B 85 -28.81 -10.63 30.89
C TYR B 85 -28.89 -9.16 30.53
N ALA B 86 -30.07 -8.56 30.72
CA ALA B 86 -30.19 -7.13 30.52
C ALA B 86 -29.72 -6.38 31.76
N THR B 87 -29.01 -5.27 31.53
CA THR B 87 -28.53 -4.45 32.64
C THR B 87 -28.73 -2.97 32.30
N GLU B 88 -28.97 -2.19 33.35
CA GLU B 88 -29.38 -0.80 33.17
C GLU B 88 -28.36 0.09 32.44
N PRO B 89 -27.07 0.13 32.82
CA PRO B 89 -26.18 1.15 32.22
C PRO B 89 -26.10 1.08 30.71
N GLY B 90 -25.94 -0.12 30.15
CA GLY B 90 -25.87 -0.22 28.70
C GLY B 90 -27.15 0.19 28.00
N ILE B 91 -28.31 -0.16 28.57
CA ILE B 91 -29.57 0.25 27.97
C ILE B 91 -29.70 1.77 28.01
N ALA B 92 -29.40 2.37 29.16
CA ALA B 92 -29.49 3.82 29.28
C ALA B 92 -28.52 4.51 28.35
N LEU B 93 -27.28 3.98 28.24
CA LEU B 93 -26.30 4.54 27.32
C LEU B 93 -26.77 4.47 25.88
N ALA B 94 -27.34 3.33 25.47
CA ALA B 94 -27.87 3.20 24.12
C ALA B 94 -28.97 4.22 23.88
N GLU B 95 -29.87 4.40 24.85
CA GLU B 95 -30.91 5.41 24.72
C GLU B 95 -30.32 6.80 24.55
N GLU B 96 -29.29 7.13 25.32
CA GLU B 96 -28.70 8.46 25.26
C GLU B 96 -27.98 8.70 23.94
N LEU B 97 -27.25 7.70 23.45
CA LEU B 97 -26.57 7.85 22.17
C LEU B 97 -27.57 7.98 21.02
N VAL B 98 -28.67 7.23 21.08
CA VAL B 98 -29.69 7.35 20.03
C VAL B 98 -30.29 8.76 20.05
N ALA B 99 -30.57 9.30 21.24
CA ALA B 99 -31.10 10.66 21.33
C ALA B 99 -30.11 11.66 20.78
N LEU B 100 -28.81 11.47 21.05
CA LEU B 100 -27.79 12.38 20.53
C LEU B 100 -27.68 12.31 19.01
N LEU B 101 -27.82 11.13 18.42
CA LEU B 101 -27.78 11.03 16.96
C LEU B 101 -28.94 11.75 16.32
N GLY B 102 -30.13 11.62 16.91
CA GLY B 102 -31.28 12.40 16.46
C GLY B 102 -31.82 11.99 15.10
N ALA B 103 -31.67 10.73 14.72
CA ALA B 103 -32.18 10.28 13.44
C ALA B 103 -33.71 10.23 13.45
N ASP B 104 -34.30 10.37 12.25
CA ASP B 104 -35.75 10.31 12.15
C ASP B 104 -36.26 8.87 12.25
N GLN B 105 -35.50 7.91 11.77
CA GLN B 105 -35.91 6.52 11.82
C GLN B 105 -35.40 5.85 13.10
N ARG B 106 -35.95 4.67 13.38
CA ARG B 106 -35.51 3.90 14.53
C ARG B 106 -34.03 3.59 14.43
N THR B 107 -33.32 3.78 15.54
CA THR B 107 -31.89 3.53 15.62
C THR B 107 -31.65 2.46 16.68
N ARG B 108 -30.77 1.51 16.37
CA ARG B 108 -30.41 0.45 17.30
C ARG B 108 -28.90 0.41 17.53
N VAL B 109 -28.50 -0.14 18.68
CA VAL B 109 -27.13 0.00 19.19
C VAL B 109 -26.54 -1.38 19.44
N PHE B 110 -25.27 -1.56 19.06
CA PHE B 110 -24.47 -2.71 19.45
C PHE B 110 -23.23 -2.20 20.14
N PHE B 111 -22.94 -2.73 21.32
CA PHE B 111 -21.75 -2.34 22.07
C PHE B 111 -20.61 -3.32 21.90
N CYS B 112 -19.39 -2.79 21.95
CA CYS B 112 -18.17 -3.59 21.86
C CYS B 112 -17.08 -2.86 22.63
N ASN B 113 -15.82 -3.17 22.33
CA ASN B 113 -14.74 -2.67 23.19
C ASN B 113 -13.80 -1.68 22.53
N SER B 114 -13.93 -1.41 21.24
CA SER B 114 -12.88 -0.67 20.56
C SER B 114 -13.42 -0.12 19.25
N GLY B 115 -12.62 0.77 18.65
CA GLY B 115 -12.96 1.30 17.34
C GLY B 115 -12.91 0.23 16.27
N ALA B 116 -11.87 -0.61 16.30
CA ALA B 116 -11.81 -1.71 15.34
C ALA B 116 -13.03 -2.62 15.45
N GLU B 117 -13.41 -2.97 16.68
CA GLU B 117 -14.58 -3.84 16.86
C GLU B 117 -15.84 -3.16 16.38
N ALA B 118 -15.97 -1.85 16.57
CA ALA B 118 -17.18 -1.18 16.11
C ALA B 118 -17.25 -1.22 14.60
N ASN B 119 -16.11 -1.03 13.93
CA ASN B 119 -16.10 -1.11 12.48
C ASN B 119 -16.22 -2.54 11.98
N GLU B 120 -15.77 -3.54 12.76
CA GLU B 120 -16.05 -4.93 12.41
C GLU B 120 -17.55 -5.21 12.45
N ALA B 121 -18.25 -4.66 13.44
CA ALA B 121 -19.69 -4.80 13.46
C ALA B 121 -20.31 -4.16 12.22
N ALA B 122 -19.84 -2.97 11.83
CA ALA B 122 -20.37 -2.34 10.62
C ALA B 122 -20.01 -3.12 9.37
N PHE B 123 -18.80 -3.68 9.31
CA PHE B 123 -18.42 -4.55 8.20
C PHE B 123 -19.40 -5.72 8.09
N LYS B 124 -19.70 -6.36 9.22
CA LYS B 124 -20.62 -7.50 9.20
C LYS B 124 -22.02 -7.06 8.81
N LEU B 125 -22.48 -5.90 9.30
CA LEU B 125 -23.73 -5.33 8.83
C LEU B 125 -23.74 -5.22 7.31
N SER B 126 -22.64 -4.73 6.73
CA SER B 126 -22.62 -4.53 5.28
C SER B 126 -22.77 -5.85 4.53
N ARG B 127 -22.25 -6.95 5.09
CA ARG B 127 -22.41 -8.26 4.45
C ARG B 127 -23.88 -8.67 4.37
N LEU B 128 -24.67 -8.30 5.38
CA LEU B 128 -26.06 -8.72 5.42
C LEU B 128 -26.94 -7.99 4.40
N THR B 129 -26.39 -7.00 3.70
CA THR B 129 -27.10 -6.38 2.58
C THR B 129 -27.11 -7.28 1.34
N GLY B 130 -26.37 -8.40 1.35
CA GLY B 130 -26.21 -9.22 0.17
C GLY B 130 -25.15 -8.75 -0.79
N ARG B 131 -24.47 -7.65 -0.49
CA ARG B 131 -23.41 -7.11 -1.33
C ARG B 131 -22.07 -7.29 -0.62
N THR B 132 -21.02 -7.44 -1.39
CA THR B 132 -19.71 -7.68 -0.82
C THR B 132 -18.69 -6.59 -1.15
N LYS B 133 -19.04 -5.65 -2.02
CA LYS B 133 -18.09 -4.57 -2.40
C LYS B 133 -18.15 -3.41 -1.40
N LEU B 134 -16.98 -2.90 -1.03
CA LEU B 134 -16.89 -1.83 -0.06
C LEU B 134 -15.98 -0.73 -0.60
N VAL B 135 -16.28 0.50 -0.22
CA VAL B 135 -15.49 1.65 -0.64
C VAL B 135 -15.04 2.42 0.60
N ALA B 136 -13.76 2.79 0.62
CA ALA B 136 -13.18 3.62 1.66
C ALA B 136 -12.18 4.57 1.00
N ALA B 137 -11.56 5.42 1.79
CA ALA B 137 -10.65 6.44 1.25
C ALA B 137 -9.20 6.07 1.46
N HIS B 138 -8.35 6.46 0.51
CA HIS B 138 -6.89 6.31 0.68
C HIS B 138 -6.49 7.12 1.92
N ASP B 139 -5.65 6.54 2.78
CA ASP B 139 -5.10 7.13 4.04
C ASP B 139 -6.14 7.13 5.16
N ALA B 140 -7.29 6.48 4.95
CA ALA B 140 -8.25 6.42 6.05
C ALA B 140 -7.74 5.41 7.08
N PHE B 141 -8.17 5.61 8.31
CA PHE B 141 -7.87 4.65 9.37
C PHE B 141 -9.17 4.21 10.02
N HIS B 142 -9.39 2.88 10.02
CA HIS B 142 -10.60 2.32 10.60
C HIS B 142 -10.33 1.21 11.60
N GLY B 143 -9.08 0.90 11.89
CA GLY B 143 -8.75 -0.13 12.85
C GLY B 143 -7.83 -1.19 12.28
N ARG B 144 -7.39 -2.09 13.16
CA ARG B 144 -6.29 -3.00 12.89
C ARG B 144 -6.67 -4.48 12.84
N THR B 145 -7.90 -4.84 13.21
CA THR B 145 -8.38 -6.21 13.06
C THR B 145 -8.62 -6.49 11.56
N MET B 146 -8.76 -7.77 11.20
CA MET B 146 -8.65 -8.12 9.77
C MET B 146 -9.72 -7.43 8.91
N GLY B 147 -10.95 -7.32 9.40
CA GLY B 147 -11.97 -6.63 8.61
C GLY B 147 -11.76 -5.13 8.57
N SER B 148 -11.54 -4.52 9.73
CA SER B 148 -11.32 -3.08 9.76
CA SER B 148 -11.33 -3.07 9.76
C SER B 148 -10.03 -2.68 9.06
N LEU B 149 -9.04 -3.56 9.04
CA LEU B 149 -7.78 -3.28 8.36
C LEU B 149 -7.97 -3.29 6.84
N ALA B 150 -8.92 -4.08 6.34
CA ALA B 150 -9.24 -4.02 4.92
C ALA B 150 -9.82 -2.66 4.53
N LEU B 151 -10.55 -2.04 5.45
CA LEU B 151 -11.14 -0.73 5.20
C LEU B 151 -10.11 0.39 5.35
N THR B 152 -9.23 0.26 6.34
CA THR B 152 -8.10 1.17 6.47
C THR B 152 -7.37 1.31 5.13
N GLY B 153 -7.02 2.54 4.79
CA GLY B 153 -6.44 2.79 3.48
C GLY B 153 -4.97 3.09 3.55
N GLN B 154 -4.23 2.31 4.32
CA GLN B 154 -2.83 2.57 4.63
C GLN B 154 -2.00 1.36 4.26
N PRO B 155 -1.49 1.28 3.02
CA PRO B 155 -0.83 0.04 2.56
C PRO B 155 0.27 -0.45 3.47
N ALA B 156 0.99 0.47 4.13
CA ALA B 156 2.06 0.08 5.04
C ALA B 156 1.53 -0.78 6.18
N LYS B 157 0.32 -0.49 6.65
CA LYS B 157 -0.27 -1.25 7.74
C LYS B 157 -0.95 -2.52 7.24
N GLN B 158 -1.15 -2.64 5.95
CA GLN B 158 -2.02 -3.70 5.40
C GLN B 158 -1.28 -4.83 4.67
N THR B 159 -0.34 -4.48 3.82
CA THR B 159 0.27 -5.47 2.90
C THR B 159 0.96 -6.64 3.61
N PRO B 160 1.62 -6.51 4.79
CA PRO B 160 2.17 -7.67 5.48
C PRO B 160 1.12 -8.72 5.92
N PHE B 161 -0.15 -8.32 5.90
CA PHE B 161 -1.24 -9.19 6.41
C PHE B 161 -2.16 -9.70 5.29
N ALA B 162 -1.77 -9.44 4.04
CA ALA B 162 -2.58 -9.89 2.90
C ALA B 162 -2.59 -11.43 2.84
N PRO B 163 -3.66 -12.04 2.31
CA PRO B 163 -4.82 -11.32 1.86
C PRO B 163 -5.84 -10.85 2.92
N LEU B 164 -6.35 -9.64 2.73
CA LEU B 164 -7.38 -9.11 3.64
C LEU B 164 -8.77 -9.43 3.06
N PRO B 165 -9.84 -9.42 3.87
CA PRO B 165 -11.17 -9.71 3.38
C PRO B 165 -11.60 -8.64 2.37
N GLY B 166 -12.35 -9.08 1.37
CA GLY B 166 -12.73 -8.22 0.25
C GLY B 166 -14.14 -7.73 0.34
N ASP B 167 -14.59 -7.04 -0.70
CA ASP B 167 -13.78 -6.54 -1.84
C ASP B 167 -13.74 -5.01 -1.71
N VAL B 168 -12.60 -4.48 -1.32
CA VAL B 168 -12.53 -3.04 -0.99
C VAL B 168 -11.86 -2.23 -2.09
N THR B 169 -12.48 -1.13 -2.44
CA THR B 169 -11.91 -0.16 -3.39
C THR B 169 -11.63 1.11 -2.61
N HIS B 170 -10.42 1.64 -2.72
CA HIS B 170 -10.08 2.89 -2.08
C HIS B 170 -10.03 4.01 -3.11
N VAL B 171 -10.58 5.16 -2.73
CA VAL B 171 -10.64 6.34 -3.58
C VAL B 171 -10.03 7.52 -2.83
N GLY B 172 -9.67 8.55 -3.59
CA GLY B 172 -9.16 9.76 -2.96
C GLY B 172 -10.15 10.42 -2.03
N TYR B 173 -9.73 10.73 -0.81
CA TYR B 173 -10.62 11.37 0.16
C TYR B 173 -11.06 12.73 -0.34
N GLY B 174 -12.35 13.02 -0.20
CA GLY B 174 -12.87 14.32 -0.58
C GLY B 174 -13.15 14.51 -2.05
N ASP B 175 -12.92 13.49 -2.87
CA ASP B 175 -13.09 13.56 -4.33
C ASP B 175 -14.47 13.02 -4.65
N VAL B 176 -15.41 13.93 -4.97
CA VAL B 176 -16.80 13.54 -5.20
C VAL B 176 -16.90 12.67 -6.44
N ASP B 177 -16.26 13.07 -7.54
CA ASP B 177 -16.37 12.29 -8.77
C ASP B 177 -15.80 10.89 -8.59
N ALA B 178 -14.67 10.78 -7.88
CA ALA B 178 -14.07 9.46 -7.66
C ALA B 178 -15.01 8.59 -6.84
N LEU B 179 -15.67 9.16 -5.84
CA LEU B 179 -16.61 8.39 -5.04
C LEU B 179 -17.82 7.98 -5.87
N ALA B 180 -18.37 8.92 -6.65
CA ALA B 180 -19.52 8.57 -7.48
C ALA B 180 -19.18 7.45 -8.46
N ALA B 181 -17.96 7.45 -8.99
CA ALA B 181 -17.58 6.41 -9.93
C ALA B 181 -17.39 5.05 -9.28
N ALA B 182 -16.96 5.03 -8.01
CA ALA B 182 -16.67 3.77 -7.33
C ALA B 182 -17.92 3.11 -6.75
N VAL B 183 -18.96 3.88 -6.46
CA VAL B 183 -20.16 3.33 -5.84
C VAL B 183 -21.14 2.93 -6.94
N ASP B 184 -21.61 1.70 -6.90
CA ASP B 184 -22.61 1.22 -7.83
C ASP B 184 -23.57 0.29 -7.08
N ASP B 185 -24.38 -0.44 -7.83
CA ASP B 185 -25.41 -1.30 -7.23
C ASP B 185 -24.85 -2.58 -6.62
N HIS B 186 -23.54 -2.80 -6.67
CA HIS B 186 -22.93 -3.90 -5.92
C HIS B 186 -22.22 -3.44 -4.67
N THR B 187 -22.31 -2.16 -4.33
CA THR B 187 -21.58 -1.59 -3.21
C THR B 187 -22.39 -1.76 -1.94
N ALA B 188 -21.87 -2.56 -1.00
CA ALA B 188 -22.53 -2.76 0.28
C ALA B 188 -22.51 -1.50 1.12
N ALA B 189 -21.38 -0.80 1.15
CA ALA B 189 -21.24 0.33 2.06
C ALA B 189 -20.03 1.16 1.66
N VAL B 190 -20.10 2.44 2.00
CA VAL B 190 -18.98 3.36 1.96
C VAL B 190 -18.65 3.69 3.41
N PHE B 191 -17.38 3.58 3.78
CA PHE B 191 -16.89 4.00 5.09
C PHE B 191 -16.10 5.29 4.91
N LEU B 192 -16.43 6.29 5.71
CA LEU B 192 -15.67 7.54 5.72
C LEU B 192 -15.52 8.05 7.13
N GLU B 193 -14.31 8.59 7.43
CA GLU B 193 -14.15 9.48 8.57
C GLU B 193 -14.61 10.88 8.18
N PRO B 194 -15.36 11.58 9.03
CA PRO B 194 -15.77 12.96 8.67
C PRO B 194 -14.60 13.90 8.59
N ILE B 195 -13.52 13.61 9.33
CA ILE B 195 -12.22 14.24 9.18
C ILE B 195 -11.23 13.10 9.36
N MET B 196 -10.30 12.92 8.43
CA MET B 196 -9.38 11.79 8.56
C MET B 196 -8.37 12.12 9.65
N GLY B 197 -8.35 11.33 10.72
CA GLY B 197 -7.54 11.67 11.89
C GLY B 197 -6.10 11.22 11.76
N GLU B 198 -5.91 9.90 11.70
CA GLU B 198 -4.57 9.31 11.63
C GLU B 198 -3.76 9.88 10.47
N SER B 199 -4.42 10.16 9.34
CA SER B 199 -3.77 10.70 8.15
C SER B 199 -3.19 12.09 8.35
N GLY B 200 -3.68 12.85 9.33
CA GLY B 200 -3.20 14.20 9.56
C GLY B 200 -4.30 15.25 9.63
N VAL B 201 -5.45 14.92 10.23
CA VAL B 201 -6.57 15.84 10.41
C VAL B 201 -6.96 16.42 9.06
N VAL B 202 -7.25 15.56 8.10
CA VAL B 202 -7.59 15.95 6.74
C VAL B 202 -9.09 16.24 6.69
N VAL B 203 -9.44 17.49 6.46
CA VAL B 203 -10.85 17.92 6.39
C VAL B 203 -11.29 17.84 4.94
N PRO B 204 -12.47 17.29 4.65
CA PRO B 204 -12.89 17.18 3.28
C PRO B 204 -13.45 18.53 2.82
N PRO B 205 -13.62 18.69 1.51
CA PRO B 205 -14.20 19.92 0.97
C PRO B 205 -15.66 20.07 1.41
N ALA B 206 -16.13 21.31 1.43
CA ALA B 206 -17.53 21.59 1.78
C ALA B 206 -18.46 20.79 0.86
N GLY B 207 -19.46 20.15 1.43
CA GLY B 207 -20.41 19.42 0.57
C GLY B 207 -20.01 17.98 0.30
N TYR B 208 -18.83 17.56 0.74
CA TYR B 208 -18.42 16.18 0.38
C TYR B 208 -19.27 15.13 1.11
N LEU B 209 -19.48 15.31 2.40
CA LEU B 209 -20.26 14.30 3.13
C LEU B 209 -21.69 14.25 2.62
N ALA B 210 -22.28 15.41 2.28
CA ALA B 210 -23.61 15.41 1.70
C ALA B 210 -23.64 14.69 0.35
N ALA B 211 -22.60 14.86 -0.46
CA ALA B 211 -22.51 14.11 -1.72
C ALA B 211 -22.40 12.61 -1.45
N ALA B 212 -21.58 12.23 -0.48
CA ALA B 212 -21.47 10.82 -0.12
C ALA B 212 -22.83 10.25 0.31
N ARG B 213 -23.60 11.02 1.08
CA ARG B 213 -24.91 10.56 1.49
C ARG B 213 -25.83 10.41 0.29
N ASP B 214 -25.76 11.34 -0.65
CA ASP B 214 -26.62 11.25 -1.83
C ASP B 214 -26.19 10.09 -2.73
N ILE B 215 -24.89 9.97 -3.00
CA ILE B 215 -24.38 8.88 -3.81
C ILE B 215 -24.79 7.53 -3.24
N THR B 216 -24.57 7.33 -1.93
CA THR B 216 -24.86 6.03 -1.35
C THR B 216 -26.36 5.74 -1.36
N ALA B 217 -27.17 6.72 -0.98
CA ALA B 217 -28.62 6.52 -0.97
C ALA B 217 -29.12 6.17 -2.37
N ARG B 218 -28.60 6.83 -3.39
CA ARG B 218 -29.07 6.59 -4.75
C ARG B 218 -28.73 5.17 -5.22
N ARG B 219 -27.57 4.65 -4.82
CA ARG B 219 -27.14 3.33 -5.28
C ARG B 219 -27.44 2.21 -4.29
N GLY B 220 -28.14 2.51 -3.21
CA GLY B 220 -28.49 1.49 -2.24
C GLY B 220 -27.35 1.03 -1.35
N ALA B 221 -26.29 1.82 -1.24
CA ALA B 221 -25.17 1.48 -0.38
C ALA B 221 -25.35 2.11 0.99
N LEU B 222 -24.87 1.41 2.02
CA LEU B 222 -24.87 2.01 3.34
C LEU B 222 -23.80 3.10 3.40
N LEU B 223 -24.12 4.20 4.06
CA LEU B 223 -23.12 5.20 4.42
C LEU B 223 -22.74 4.95 5.88
N VAL B 224 -21.48 4.58 6.12
CA VAL B 224 -20.96 4.33 7.45
C VAL B 224 -20.01 5.45 7.79
N LEU B 225 -20.30 6.20 8.84
CA LEU B 225 -19.43 7.28 9.26
C LEU B 225 -18.70 6.83 10.52
N ASP B 226 -17.37 6.79 10.42
CA ASP B 226 -16.50 6.40 11.52
C ASP B 226 -16.20 7.66 12.32
N GLU B 227 -16.88 7.79 13.46
CA GLU B 227 -16.74 8.92 14.37
C GLU B 227 -15.93 8.54 15.61
N VAL B 228 -15.10 7.50 15.49
CA VAL B 228 -14.30 7.04 16.62
C VAL B 228 -13.40 8.17 17.14
N GLN B 229 -12.82 8.94 16.23
CA GLN B 229 -11.94 10.04 16.59
C GLN B 229 -12.63 11.40 16.55
N THR B 230 -13.61 11.58 15.68
CA THR B 230 -14.22 12.90 15.52
C THR B 230 -15.43 13.10 16.40
N GLY B 231 -15.91 12.06 17.08
CA GLY B 231 -17.12 12.13 17.86
C GLY B 231 -16.89 12.67 19.26
N MET B 232 -17.86 12.38 20.13
CA MET B 232 -17.81 12.81 21.52
C MET B 232 -17.74 14.33 21.66
N GLY B 233 -18.29 15.06 20.69
CA GLY B 233 -18.37 16.50 20.77
C GLY B 233 -17.09 17.24 20.43
N ARG B 234 -16.06 16.52 19.98
CA ARG B 234 -14.74 17.14 19.81
C ARG B 234 -14.77 18.30 18.84
N THR B 235 -15.58 18.20 17.77
CA THR B 235 -15.60 19.23 16.73
C THR B 235 -16.66 20.30 16.95
N GLY B 236 -17.37 20.27 18.07
CA GLY B 236 -18.37 21.28 18.34
C GLY B 236 -19.78 20.86 18.02
N ALA B 237 -19.97 19.65 17.50
CA ALA B 237 -21.25 18.96 17.49
C ALA B 237 -20.96 17.56 18.02
N PHE B 238 -21.98 16.90 18.58
CA PHE B 238 -21.68 15.62 19.21
C PHE B 238 -21.06 14.64 18.22
N PHE B 239 -21.71 14.47 17.07
CA PHE B 239 -21.10 13.80 15.93
C PHE B 239 -20.66 14.85 14.93
N ALA B 240 -19.44 14.70 14.40
CA ALA B 240 -18.93 15.69 13.44
C ALA B 240 -19.80 15.78 12.20
N HIS B 241 -20.44 14.69 11.80
CA HIS B 241 -21.25 14.74 10.58
C HIS B 241 -22.48 15.61 10.76
N GLN B 242 -22.85 15.92 12.00
CA GLN B 242 -24.02 16.77 12.23
C GLN B 242 -23.79 18.19 11.76
N HIS B 243 -22.52 18.61 11.59
CA HIS B 243 -22.27 19.92 11.00
C HIS B 243 -22.79 20.00 9.57
N ASP B 244 -22.89 18.86 8.89
CA ASP B 244 -23.30 18.85 7.49
C ASP B 244 -24.75 18.46 7.30
N GLY B 245 -25.49 18.25 8.38
CA GLY B 245 -26.92 18.01 8.30
C GLY B 245 -27.32 16.74 7.59
N ILE B 246 -26.51 15.69 7.70
CA ILE B 246 -26.83 14.42 7.09
C ILE B 246 -27.03 13.38 8.19
N THR B 247 -27.73 12.31 7.83
CA THR B 247 -27.88 11.17 8.73
C THR B 247 -27.33 9.97 7.99
N PRO B 248 -26.26 9.36 8.47
CA PRO B 248 -25.76 8.14 7.84
C PRO B 248 -26.61 6.95 8.23
N ASP B 249 -26.29 5.81 7.61
CA ASP B 249 -26.98 4.58 7.96
C ASP B 249 -26.35 3.90 9.17
N VAL B 250 -25.05 4.07 9.35
CA VAL B 250 -24.30 3.45 10.43
C VAL B 250 -23.30 4.47 10.95
N VAL B 251 -23.14 4.54 12.27
CA VAL B 251 -22.14 5.38 12.90
C VAL B 251 -21.36 4.52 13.87
N THR B 252 -20.04 4.64 13.85
CA THR B 252 -19.23 3.93 14.84
C THR B 252 -18.54 4.93 15.77
N LEU B 253 -18.43 4.52 17.02
CA LEU B 253 -17.81 5.35 18.10
C LEU B 253 -16.91 4.46 18.95
N ALA B 254 -15.88 5.08 19.55
CA ALA B 254 -14.99 4.44 20.53
C ALA B 254 -14.12 5.57 21.12
N1 LLP B 255 -11.26 4.51 13.51
C2 LLP B 255 -10.75 5.70 13.75
C2' LLP B 255 -11.16 6.84 12.86
C3 LLP B 255 -9.83 5.89 14.79
O3 LLP B 255 -9.30 7.11 14.96
C4 LLP B 255 -9.46 4.81 15.58
C4' LLP B 255 -8.56 5.06 16.71
C5 LLP B 255 -10.01 3.55 15.28
C6 LLP B 255 -10.88 3.46 14.24
C5' LLP B 255 -9.64 2.27 15.98
OP4 LLP B 255 -9.88 2.25 17.39
P LLP B 255 -9.18 1.11 18.27
OP1 LLP B 255 -7.74 1.48 18.31
OP2 LLP B 255 -9.89 1.26 19.56
OP3 LLP B 255 -9.38 -0.20 17.63
N LLP B 255 -12.85 5.29 21.33
CA LLP B 255 -11.89 6.28 21.89
CB LLP B 255 -11.28 7.17 20.80
CG LLP B 255 -10.21 6.46 19.98
CD LLP B 255 -9.34 7.34 19.11
CE LLP B 255 -8.16 6.57 18.55
NZ LLP B 255 -8.36 6.23 17.14
C LLP B 255 -12.48 7.02 23.10
O LLP B 255 -12.53 6.45 24.11
N GLY B 256 -12.97 8.24 22.92
CA GLY B 256 -13.47 9.03 24.06
C GLY B 256 -14.81 8.61 24.66
N LEU B 257 -15.51 7.69 24.03
CA LEU B 257 -16.84 7.25 24.49
C LEU B 257 -16.88 6.90 25.98
N GLY B 258 -15.85 6.21 26.46
CA GLY B 258 -15.81 5.87 27.87
C GLY B 258 -14.91 6.76 28.71
N GLY B 259 -14.46 7.89 28.18
CA GLY B 259 -13.57 8.77 28.91
C GLY B 259 -12.28 8.11 29.35
N GLY B 260 -11.90 7.02 28.68
CA GLY B 260 -10.75 6.26 29.12
C GLY B 260 -11.05 4.78 29.29
N LEU B 261 -12.25 4.45 29.74
CA LEU B 261 -12.61 3.04 29.88
C LEU B 261 -12.88 2.45 28.49
N PRO B 262 -12.48 1.20 28.24
CA PRO B 262 -12.65 0.63 26.89
C PRO B 262 -14.11 0.37 26.57
N ILE B 263 -14.61 1.04 25.54
CA ILE B 263 -15.98 0.82 25.06
C ILE B 263 -16.09 1.40 23.66
N GLY B 264 -16.83 0.70 22.79
CA GLY B 264 -17.12 1.19 21.47
C GLY B 264 -18.58 0.89 21.17
N ALA B 265 -19.10 1.53 20.11
CA ALA B 265 -20.50 1.32 19.77
C ALA B 265 -20.70 1.39 18.27
N CYS B 266 -21.65 0.59 17.79
CA CYS B 266 -22.10 0.70 16.42
C CYS B 266 -23.58 1.05 16.46
N LEU B 267 -23.95 2.19 15.89
CA LEU B 267 -25.34 2.61 15.79
C LEU B 267 -25.78 2.44 14.35
N ALA B 268 -26.97 1.90 14.15
CA ALA B 268 -27.51 1.69 12.82
C ALA B 268 -28.92 2.25 12.75
N VAL B 269 -29.24 2.89 11.62
CA VAL B 269 -30.45 3.67 11.46
C VAL B 269 -31.34 3.01 10.40
N GLY B 270 -32.64 2.94 10.69
CA GLY B 270 -33.59 2.47 9.70
C GLY B 270 -33.41 0.99 9.39
N PRO B 271 -33.56 0.62 8.12
CA PRO B 271 -33.42 -0.80 7.77
C PRO B 271 -32.12 -1.43 8.23
N ALA B 272 -31.04 -0.65 8.24
CA ALA B 272 -29.76 -1.19 8.69
C ALA B 272 -29.80 -1.64 10.14
N ALA B 273 -30.68 -1.04 10.95
CA ALA B 273 -30.79 -1.42 12.37
C ALA B 273 -31.37 -2.80 12.56
N GLU B 274 -32.02 -3.36 11.54
CA GLU B 274 -32.68 -4.65 11.65
C GLU B 274 -31.88 -5.78 11.03
N LEU B 275 -30.72 -5.49 10.45
CA LEU B 275 -29.97 -6.52 9.72
C LEU B 275 -29.45 -7.61 10.65
N LEU B 276 -28.96 -7.24 11.82
CA LEU B 276 -28.44 -8.22 12.76
C LEU B 276 -29.60 -8.91 13.48
N THR B 277 -29.68 -10.22 13.35
CA THR B 277 -30.68 -11.05 13.98
C THR B 277 -30.03 -11.94 15.03
N PRO B 278 -30.83 -12.62 15.87
CA PRO B 278 -30.24 -13.33 17.02
C PRO B 278 -29.20 -14.36 16.63
N GLY B 279 -28.06 -14.31 17.32
CA GLY B 279 -26.98 -15.24 17.13
C GLY B 279 -25.95 -14.83 16.08
N LEU B 280 -26.16 -13.73 15.37
CA LEU B 280 -25.30 -13.38 14.25
C LEU B 280 -24.11 -12.50 14.64
N HIS B 281 -24.07 -11.96 15.86
CA HIS B 281 -22.91 -11.18 16.28
C HIS B 281 -22.95 -11.06 17.80
N GLY B 282 -21.80 -10.74 18.37
CA GLY B 282 -21.71 -10.52 19.80
C GLY B 282 -20.28 -10.18 20.20
N SER B 283 -20.15 -9.80 21.47
CA SER B 283 -18.88 -9.52 22.11
C SER B 283 -19.07 -9.72 23.61
N THR B 284 -18.25 -10.58 24.23
CA THR B 284 -18.48 -10.94 25.63
C THR B 284 -18.60 -9.71 26.54
N PHE B 285 -17.64 -8.78 26.45
CA PHE B 285 -17.63 -7.63 27.33
C PHE B 285 -18.53 -6.50 26.85
N GLY B 286 -19.14 -6.62 25.67
CA GLY B 286 -19.94 -5.53 25.13
C GLY B 286 -21.06 -5.04 26.02
N GLY B 287 -21.09 -3.73 26.26
CA GLY B 287 -22.17 -3.17 27.04
C GLY B 287 -22.10 -3.42 28.52
N ASN B 288 -20.93 -3.79 29.03
CA ASN B 288 -20.84 -4.16 30.43
C ASN B 288 -21.13 -2.95 31.32
N PRO B 289 -21.68 -3.18 32.51
CA PRO B 289 -22.18 -2.05 33.32
C PRO B 289 -21.12 -1.04 33.71
N VAL B 290 -19.88 -1.48 33.97
CA VAL B 290 -18.86 -0.55 34.45
C VAL B 290 -18.43 0.42 33.35
N CYS B 291 -18.16 -0.11 32.15
CA CYS B 291 -17.73 0.76 31.07
C CYS B 291 -18.90 1.62 30.57
N ALA B 292 -20.12 1.06 30.55
CA ALA B 292 -21.29 1.84 30.17
C ALA B 292 -21.56 2.95 31.17
N ALA B 293 -21.37 2.67 32.47
CA ALA B 293 -21.52 3.71 33.49
C ALA B 293 -20.52 4.84 33.28
N ALA B 294 -19.28 4.50 32.92
CA ALA B 294 -18.29 5.55 32.63
C ALA B 294 -18.73 6.41 31.46
N ALA B 295 -19.21 5.77 30.39
CA ALA B 295 -19.65 6.50 29.22
C ALA B 295 -20.86 7.38 29.55
N LEU B 296 -21.78 6.86 30.36
CA LEU B 296 -22.92 7.68 30.77
C LEU B 296 -22.46 8.92 31.50
N ALA B 297 -21.44 8.77 32.36
CA ALA B 297 -20.90 9.92 33.07
C ALA B 297 -20.30 10.93 32.10
N VAL B 298 -19.58 10.46 31.10
CA VAL B 298 -18.98 11.35 30.11
C VAL B 298 -20.06 12.18 29.41
N LEU B 299 -21.13 11.51 28.96
CA LEU B 299 -22.21 12.24 28.32
C LEU B 299 -22.84 13.26 29.27
N ARG B 300 -22.99 12.89 30.54
CA ARG B 300 -23.59 13.81 31.51
C ARG B 300 -22.73 15.05 31.68
N VAL B 301 -21.41 14.87 31.78
CA VAL B 301 -20.51 16.02 31.94
C VAL B 301 -20.48 16.87 30.67
N LEU B 302 -20.38 16.24 29.50
CA LEU B 302 -20.42 17.01 28.26
C LEU B 302 -21.64 17.92 28.24
N ALA B 303 -22.79 17.39 28.66
CA ALA B 303 -24.02 18.16 28.63
C ALA B 303 -24.04 19.24 29.71
N SER B 304 -23.74 18.85 30.95
CA SER B 304 -23.85 19.78 32.08
C SER B 304 -22.85 20.94 31.98
N ASP B 305 -21.65 20.68 31.48
CA ASP B 305 -20.61 21.71 31.39
C ASP B 305 -20.53 22.36 30.00
N GLY B 306 -21.44 22.00 29.09
CA GLY B 306 -21.46 22.60 27.77
C GLY B 306 -20.17 22.39 26.98
N LEU B 307 -19.55 21.24 27.15
CA LEU B 307 -18.20 21.04 26.56
C LEU B 307 -18.18 20.95 25.04
N VAL B 308 -19.29 20.58 24.41
CA VAL B 308 -19.32 20.48 22.93
C VAL B 308 -19.23 21.90 22.34
N ARG B 309 -20.04 22.81 22.86
CA ARG B 309 -19.99 24.20 22.36
C ARG B 309 -18.64 24.82 22.72
N ARG B 310 -18.16 24.48 23.90
CA ARG B 310 -16.87 25.01 24.34
C ARG B 310 -15.73 24.54 23.43
N ALA B 311 -15.80 23.30 22.96
CA ALA B 311 -14.75 22.82 22.07
C ALA B 311 -14.68 23.64 20.78
N GLU B 312 -15.84 24.07 20.27
CA GLU B 312 -15.84 24.89 19.07
C GLU B 312 -15.18 26.24 19.33
N VAL B 313 -15.51 26.86 20.46
CA VAL B 313 -14.96 28.18 20.79
C VAL B 313 -13.46 28.10 21.00
N LEU B 314 -13.01 27.12 21.80
CA LEU B 314 -11.58 26.99 22.07
C LEU B 314 -10.81 26.64 20.80
N GLY B 315 -11.38 25.79 19.95
CA GLY B 315 -10.68 25.40 18.74
C GLY B 315 -10.55 26.54 17.74
N LYS B 316 -11.61 27.36 17.64
CA LYS B 316 -11.55 28.51 16.75
C LYS B 316 -10.45 29.48 17.19
N SER B 317 -10.43 29.78 18.49
CA SER B 317 -9.39 30.66 19.03
C SER B 317 -8.01 30.04 18.86
N LEU B 318 -7.89 28.73 19.12
CA LEU B 318 -6.59 28.07 18.98
C LEU B 318 -6.10 28.15 17.54
N ARG B 319 -6.98 27.86 16.59
CA ARG B 319 -6.59 27.90 15.17
C ARG B 319 -6.10 29.32 14.83
N HIS B 320 -6.85 30.32 15.26
CA HIS B 320 -6.50 31.72 14.94
C HIS B 320 -5.15 32.09 15.56
N GLY B 321 -4.91 31.67 16.79
CA GLY B 321 -3.63 31.97 17.44
C GLY B 321 -2.45 31.39 16.70
N ILE B 322 -2.56 30.14 16.25
CA ILE B 322 -1.49 29.52 15.47
C ILE B 322 -1.30 30.26 14.16
N GLU B 323 -2.41 30.56 13.47
CA GLU B 323 -2.30 31.29 12.21
C GLU B 323 -1.72 32.68 12.42
N ALA B 324 -2.06 33.32 13.54
CA ALA B 324 -1.58 34.67 13.82
C ALA B 324 -0.08 34.72 14.09
N LEU B 325 0.58 33.57 14.26
CA LEU B 325 2.01 33.58 14.50
C LEU B 325 2.79 33.98 13.25
N GLY B 326 2.26 33.67 12.07
CA GLY B 326 2.97 33.90 10.84
C GLY B 326 4.29 33.16 10.76
N HIS B 327 4.38 32.01 11.42
CA HIS B 327 5.64 31.26 11.41
C HIS B 327 5.87 30.64 10.04
N PRO B 328 7.06 30.78 9.47
CA PRO B 328 7.29 30.25 8.10
C PRO B 328 7.20 28.74 8.00
N LEU B 329 7.32 28.00 9.11
CA LEU B 329 7.22 26.56 9.04
C LEU B 329 5.77 26.09 8.94
N ILE B 330 4.81 26.96 9.25
CA ILE B 330 3.40 26.59 9.24
C ILE B 330 2.80 26.95 7.89
N ASP B 331 2.34 25.92 7.15
CA ASP B 331 1.63 26.17 5.90
C ASP B 331 0.19 26.57 6.15
N HIS B 332 -0.53 25.81 6.98
CA HIS B 332 -1.89 26.18 7.34
C HIS B 332 -2.31 25.36 8.56
N VAL B 333 -3.43 25.76 9.16
CA VAL B 333 -4.07 25.03 10.25
C VAL B 333 -5.38 24.47 9.73
N ARG B 334 -5.73 23.27 10.17
CA ARG B 334 -6.97 22.66 9.71
C ARG B 334 -7.59 21.82 10.80
N GLY B 335 -8.85 21.45 10.58
CA GLY B 335 -9.62 20.70 11.56
C GLY B 335 -10.85 21.46 12.01
N ARG B 336 -11.41 21.05 13.12
CA ARG B 336 -12.60 21.69 13.66
C ARG B 336 -12.65 21.42 15.15
N GLY B 337 -13.05 22.42 15.92
CA GLY B 337 -13.10 22.27 17.36
C GLY B 337 -11.74 21.88 17.89
N LEU B 338 -11.72 20.84 18.72
CA LEU B 338 -10.49 20.38 19.37
C LEU B 338 -9.89 19.14 18.69
N LEU B 339 -10.08 19.01 17.38
CA LEU B 339 -9.26 18.15 16.54
C LEU B 339 -8.61 19.08 15.52
N LEU B 340 -7.30 19.27 15.66
CA LEU B 340 -6.62 20.27 14.88
C LEU B 340 -5.34 19.69 14.32
N GLY B 341 -5.02 20.06 13.08
CA GLY B 341 -3.76 19.69 12.49
C GLY B 341 -2.97 20.93 12.08
N ILE B 342 -1.68 20.94 12.39
CA ILE B 342 -0.78 22.00 11.96
C ILE B 342 0.01 21.44 10.78
N ALA B 343 -0.33 21.89 9.57
CA ALA B 343 0.34 21.44 8.37
C ALA B 343 1.58 22.29 8.17
N LEU B 344 2.72 21.64 7.97
CA LEU B 344 4.01 22.32 7.90
C LEU B 344 4.48 22.46 6.47
N THR B 345 5.37 23.43 6.25
CA THR B 345 5.96 23.67 4.94
C THR B 345 7.12 22.73 4.64
N ALA B 346 7.54 21.92 5.61
CA ALA B 346 8.65 21.00 5.47
C ALA B 346 8.41 19.84 6.41
N PRO B 347 8.92 18.64 6.12
CA PRO B 347 8.58 17.47 6.94
C PRO B 347 9.36 17.43 8.25
N HIS B 348 9.02 18.32 9.17
CA HIS B 348 9.68 18.40 10.46
C HIS B 348 8.73 18.09 11.62
N ALA B 349 7.63 17.40 11.35
CA ALA B 349 6.64 17.19 12.40
C ALA B 349 7.20 16.32 13.52
N LYS B 350 7.91 15.24 13.17
CA LYS B 350 8.49 14.39 14.20
C LYS B 350 9.48 15.15 15.06
N ASP B 351 10.29 16.01 14.45
CA ASP B 351 11.21 16.83 15.23
C ASP B 351 10.44 17.81 16.12
N ALA B 352 9.35 18.37 15.61
CA ALA B 352 8.54 19.31 16.40
C ALA B 352 7.84 18.58 17.54
N GLU B 353 7.46 17.33 17.35
CA GLU B 353 6.93 16.54 18.45
C GLU B 353 7.95 16.43 19.59
N ALA B 354 9.21 16.21 19.23
CA ALA B 354 10.28 16.11 20.23
C ALA B 354 10.52 17.44 20.92
N THR B 355 10.64 18.54 20.16
CA THR B 355 10.90 19.82 20.81
C THR B 355 9.69 20.30 21.62
N ALA B 356 8.48 19.97 21.17
CA ALA B 356 7.31 20.26 22.01
C ALA B 356 7.39 19.49 23.31
N ARG B 357 7.83 18.22 23.25
CA ARG B 357 7.99 17.43 24.46
C ARG B 357 8.99 18.07 25.42
N ASP B 358 10.10 18.58 24.88
CA ASP B 358 11.10 19.26 25.71
C ASP B 358 10.47 20.47 26.40
N ALA B 359 9.56 21.15 25.72
CA ALA B 359 8.86 22.31 26.26
C ALA B 359 7.67 21.93 27.14
N GLY B 360 7.40 20.65 27.33
CA GLY B 360 6.34 20.23 28.22
C GLY B 360 4.97 20.08 27.59
N TYR B 361 4.90 19.81 26.28
CA TYR B 361 3.63 19.62 25.59
C TYR B 361 3.63 18.29 24.87
N LEU B 362 2.50 17.58 24.96
CA LEU B 362 2.32 16.31 24.25
C LEU B 362 1.48 16.55 23.00
N VAL B 363 2.11 16.41 21.84
CA VAL B 363 1.48 16.52 20.53
C VAL B 363 1.88 15.29 19.72
N ASN B 364 1.33 15.17 18.51
CA ASN B 364 1.50 13.97 17.70
C ASN B 364 1.94 14.32 16.28
N ALA B 365 3.03 13.71 15.83
CA ALA B 365 3.43 13.80 14.43
C ALA B 365 2.59 12.79 13.67
N ALA B 366 1.44 13.24 13.16
CA ALA B 366 0.53 12.32 12.48
C ALA B 366 1.03 11.94 11.09
N ALA B 367 1.76 12.85 10.45
CA ALA B 367 2.38 12.64 9.16
C ALA B 367 3.72 13.38 9.23
N PRO B 368 4.64 13.10 8.31
CA PRO B 368 5.95 13.77 8.37
C PRO B 368 5.85 15.28 8.45
N ASP B 369 4.73 15.84 7.96
CA ASP B 369 4.55 17.30 7.91
C ASP B 369 3.27 17.77 8.61
N VAL B 370 2.69 16.99 9.52
CA VAL B 370 1.47 17.40 10.19
C VAL B 370 1.57 17.10 11.68
N ILE B 371 1.34 18.11 12.51
CA ILE B 371 1.23 17.95 13.95
C ILE B 371 -0.24 17.90 14.31
N ARG B 372 -0.67 16.81 14.96
CA ARG B 372 -2.05 16.63 15.34
C ARG B 372 -2.23 16.96 16.82
N LEU B 373 -3.28 17.71 17.13
CA LEU B 373 -3.71 17.99 18.49
C LEU B 373 -5.10 17.43 18.69
N ALA B 374 -5.33 16.80 19.85
CA ALA B 374 -6.66 16.34 20.26
C ALA B 374 -6.77 16.45 21.77
N PRO B 375 -6.79 17.67 22.31
CA PRO B 375 -6.70 17.85 23.75
C PRO B 375 -7.98 17.44 24.46
N PRO B 376 -7.91 17.16 25.76
CA PRO B 376 -9.13 16.97 26.55
C PRO B 376 -10.06 18.14 26.36
N LEU B 377 -11.37 17.85 26.34
CA LEU B 377 -12.34 18.93 26.20
C LEU B 377 -12.39 19.81 27.44
N ILE B 378 -11.79 19.36 28.55
CA ILE B 378 -11.69 20.16 29.77
C ILE B 378 -10.43 21.02 29.82
N ILE B 379 -9.65 21.04 28.73
CA ILE B 379 -8.43 21.84 28.72
C ILE B 379 -8.76 23.30 28.94
N ALA B 380 -7.89 24.00 29.65
CA ALA B 380 -8.09 25.43 29.86
C ALA B 380 -7.57 26.23 28.68
N GLU B 381 -8.27 27.33 28.37
CA GLU B 381 -7.79 28.22 27.32
C GLU B 381 -6.37 28.68 27.59
N ALA B 382 -6.03 28.91 28.87
CA ALA B 382 -4.69 29.34 29.22
C ALA B 382 -3.65 28.32 28.80
N GLN B 383 -3.98 27.02 28.93
CA GLN B 383 -3.06 25.98 28.49
C GLN B 383 -2.89 25.98 26.98
N LEU B 384 -3.99 26.19 26.25
CA LEU B 384 -3.86 26.36 24.81
C LEU B 384 -3.08 27.62 24.47
N ASP B 385 -3.38 28.73 25.16
CA ASP B 385 -2.64 29.97 24.91
C ASP B 385 -1.16 29.78 25.16
N GLY B 386 -0.81 29.09 26.25
CA GLY B 386 0.59 28.83 26.54
C GLY B 386 1.27 28.04 25.44
N PHE B 387 0.58 27.05 24.88
CA PHE B 387 1.14 26.30 23.76
C PHE B 387 1.38 27.21 22.55
N VAL B 388 0.40 28.05 22.21
CA VAL B 388 0.57 28.95 21.07
C VAL B 388 1.79 29.84 21.27
N ALA B 389 1.96 30.38 22.47
CA ALA B 389 3.11 31.24 22.76
C ALA B 389 4.42 30.46 22.67
N ALA B 390 4.41 29.19 23.09
CA ALA B 390 5.61 28.34 23.01
C ALA B 390 5.90 27.86 21.60
N LEU B 391 4.92 27.91 20.70
CA LEU B 391 5.06 27.27 19.39
C LEU B 391 6.18 27.84 18.52
N PRO B 392 6.44 29.15 18.46
CA PRO B 392 7.54 29.60 17.60
C PRO B 392 8.88 29.01 17.98
N ALA B 393 9.20 28.97 19.28
CA ALA B 393 10.46 28.37 19.71
C ALA B 393 10.47 26.86 19.44
N ILE B 394 9.34 26.20 19.68
CA ILE B 394 9.25 24.77 19.37
C ILE B 394 9.57 24.52 17.91
N LEU B 395 9.02 25.35 17.01
CA LEU B 395 9.22 25.13 15.58
C LEU B 395 10.61 25.54 15.14
N ASP B 396 11.12 26.64 15.69
CA ASP B 396 12.50 27.10 15.37
C ASP B 396 13.47 25.98 15.73
N ARG B 397 13.31 25.38 16.90
CA ARG B 397 14.22 24.30 17.37
C ARG B 397 14.04 23.03 16.56
N ALA B 398 12.85 22.77 16.04
CA ALA B 398 12.61 21.56 15.22
C ALA B 398 13.45 21.61 13.95
N VAL B 399 13.60 22.81 13.37
CA VAL B 399 14.44 23.02 12.17
C VAL B 399 15.73 23.74 12.57
N THR C 9 37.61 5.22 -5.21
CA THR C 9 37.17 4.30 -4.17
C THR C 9 35.64 4.29 -4.10
N THR C 10 35.11 3.29 -3.39
CA THR C 10 33.67 3.12 -3.27
C THR C 10 33.04 4.28 -2.50
N ALA C 11 33.70 4.75 -1.44
CA ALA C 11 33.14 5.84 -0.65
C ALA C 11 32.98 7.11 -1.47
N THR C 12 33.99 7.45 -2.28
CA THR C 12 33.90 8.66 -3.10
C THR C 12 32.81 8.54 -4.14
N MET C 13 32.66 7.36 -4.74
CA MET C 13 31.61 7.15 -5.73
C MET C 13 30.22 7.27 -5.09
N ARG C 14 30.04 6.66 -3.93
CA ARG C 14 28.76 6.78 -3.23
C ARG C 14 28.53 8.21 -2.77
N GLN C 15 29.59 8.92 -2.38
CA GLN C 15 29.43 10.33 -1.99
C GLN C 15 29.03 11.15 -3.22
N ARG C 16 29.65 10.89 -4.36
CA ARG C 16 29.23 11.60 -5.58
C ARG C 16 27.77 11.29 -5.91
N TRP C 17 27.39 10.01 -5.81
CA TRP C 17 26.00 9.64 -6.03
C TRP C 17 25.07 10.44 -5.13
N GLN C 18 25.38 10.49 -3.83
CA GLN C 18 24.49 11.14 -2.88
C GLN C 18 24.43 12.65 -3.08
N ALA C 19 25.42 13.24 -3.75
CA ALA C 19 25.42 14.67 -3.98
C ALA C 19 24.54 15.08 -5.15
N VAL C 20 24.28 14.18 -6.11
CA VAL C 20 23.63 14.59 -7.36
C VAL C 20 22.40 13.78 -7.73
N MET C 21 22.34 12.52 -7.33
CA MET C 21 21.24 11.68 -7.77
C MET C 21 20.02 11.88 -6.88
N MET C 22 18.83 11.85 -7.49
CA MET C 22 17.66 11.74 -6.64
C MET C 22 17.73 10.45 -5.84
N ASN C 23 17.01 10.44 -4.70
CA ASN C 23 17.09 9.34 -3.75
C ASN C 23 16.01 8.29 -3.97
N ASN C 24 15.50 8.15 -5.19
CA ASN C 24 14.42 7.21 -5.42
C ASN C 24 14.88 5.75 -5.38
N TYR C 25 16.19 5.49 -5.43
CA TYR C 25 16.73 4.14 -5.34
C TYR C 25 17.47 3.91 -4.03
N GLY C 26 17.52 4.89 -3.15
CA GLY C 26 18.51 4.83 -2.10
C GLY C 26 19.90 4.98 -2.69
N THR C 27 20.90 4.72 -1.86
CA THR C 27 22.28 4.82 -2.31
C THR C 27 22.81 3.42 -2.57
N PRO C 28 23.30 3.12 -3.77
CA PRO C 28 23.84 1.76 -4.04
C PRO C 28 24.96 1.42 -3.09
N PRO C 29 25.06 0.16 -2.65
CA PRO C 29 26.11 -0.22 -1.70
C PRO C 29 27.47 -0.40 -2.34
N ILE C 30 27.55 -0.65 -3.65
CA ILE C 30 28.82 -0.79 -4.32
C ILE C 30 28.77 -0.03 -5.64
N ALA C 31 29.94 0.25 -6.19
CA ALA C 31 30.09 0.96 -7.44
C ALA C 31 30.86 0.07 -8.39
N LEU C 32 30.25 -0.27 -9.52
CA LEU C 32 30.86 -1.17 -10.48
C LEU C 32 31.69 -0.40 -11.49
N ALA C 33 32.86 -0.94 -11.80
CA ALA C 33 33.80 -0.35 -12.74
C ALA C 33 33.84 -1.04 -14.08
N SER C 34 33.76 -2.37 -14.10
CA SER C 34 33.90 -3.08 -15.36
C SER C 34 33.15 -4.41 -15.24
N GLY C 35 32.88 -5.00 -16.39
CA GLY C 35 32.21 -6.29 -16.43
C GLY C 35 32.60 -7.03 -17.69
N ASP C 36 32.58 -8.36 -17.59
CA ASP C 36 32.92 -9.21 -18.73
C ASP C 36 32.21 -10.54 -18.51
N GLY C 37 31.31 -10.88 -19.41
CA GLY C 37 30.53 -12.09 -19.20
C GLY C 37 29.65 -11.96 -17.97
N ALA C 38 29.76 -12.92 -17.05
CA ALA C 38 29.01 -12.95 -15.82
C ALA C 38 29.80 -12.47 -14.60
N VAL C 39 30.95 -11.84 -14.81
CA VAL C 39 31.79 -11.34 -13.72
C VAL C 39 31.87 -9.83 -13.84
N VAL C 40 31.59 -9.15 -12.73
CA VAL C 40 31.73 -7.69 -12.67
C VAL C 40 32.77 -7.34 -11.61
N THR C 41 33.41 -6.19 -11.79
CA THR C 41 34.46 -5.73 -10.89
C THR C 41 34.10 -4.35 -10.36
N ASP C 42 34.23 -4.17 -9.05
CA ASP C 42 33.91 -2.88 -8.44
C ASP C 42 35.13 -1.96 -8.48
N VAL C 43 34.93 -0.72 -8.05
CA VAL C 43 35.99 0.29 -8.13
C VAL C 43 37.13 0.01 -7.17
N ASP C 44 36.95 -0.92 -6.22
CA ASP C 44 38.02 -1.38 -5.35
C ASP C 44 38.73 -2.60 -5.89
N GLY C 45 38.32 -3.13 -7.03
CA GLY C 45 38.96 -4.32 -7.61
C GLY C 45 38.31 -5.64 -7.17
N ARG C 46 37.31 -5.58 -6.31
CA ARG C 46 36.60 -6.81 -5.89
C ARG C 46 35.79 -7.33 -7.08
N THR C 47 35.70 -8.65 -7.21
CA THR C 47 34.96 -9.26 -8.30
C THR C 47 33.75 -10.00 -7.76
N TYR C 48 32.70 -10.05 -8.57
CA TYR C 48 31.47 -10.71 -8.18
C TYR C 48 30.95 -11.51 -9.35
N ILE C 49 30.33 -12.64 -9.05
CA ILE C 49 29.62 -13.41 -10.05
C ILE C 49 28.19 -12.89 -10.08
N ASP C 50 27.75 -12.50 -11.27
CA ASP C 50 26.48 -11.80 -11.44
C ASP C 50 25.39 -12.84 -11.64
N LEU C 51 24.59 -13.07 -10.60
CA LEU C 51 23.44 -13.97 -10.69
C LEU C 51 22.14 -13.22 -10.89
N LEU C 52 22.21 -11.91 -11.17
CA LEU C 52 21.03 -11.08 -11.31
C LEU C 52 20.94 -10.40 -12.66
N GLY C 53 22.04 -10.22 -13.37
CA GLY C 53 22.00 -9.68 -14.72
C GLY C 53 21.48 -8.26 -14.80
N GLY C 54 21.71 -7.45 -13.77
CA GLY C 54 21.13 -6.12 -13.77
C GLY C 54 19.62 -6.16 -13.78
N ILE C 55 19.04 -7.19 -13.14
CA ILE C 55 17.60 -7.45 -13.05
C ILE C 55 17.10 -8.03 -14.37
N ALA C 56 17.65 -9.18 -14.76
CA ALA C 56 17.25 -9.96 -15.93
C ALA C 56 17.51 -9.25 -17.26
N VAL C 57 18.35 -8.22 -17.29
CA VAL C 57 18.59 -7.51 -18.54
C VAL C 57 19.74 -8.11 -19.32
N ASN C 58 20.84 -8.45 -18.64
CA ASN C 58 22.07 -8.84 -19.33
C ASN C 58 22.01 -10.33 -19.67
N VAL C 59 21.11 -10.63 -20.60
CA VAL C 59 20.90 -12.01 -21.04
C VAL C 59 22.18 -12.61 -21.62
N LEU C 60 23.04 -11.79 -22.22
CA LEU C 60 24.31 -12.24 -22.76
C LEU C 60 25.50 -11.77 -21.94
N GLY C 61 25.28 -11.32 -20.71
CA GLY C 61 26.38 -10.81 -19.91
C GLY C 61 26.94 -9.52 -20.48
N HIS C 62 28.12 -9.16 -19.98
CA HIS C 62 28.79 -7.93 -20.40
C HIS C 62 29.79 -8.21 -21.52
N ARG C 63 30.06 -7.19 -22.34
CA ARG C 63 31.05 -7.22 -23.44
C ARG C 63 30.79 -8.36 -24.42
N HIS C 64 29.54 -8.71 -24.65
CA HIS C 64 29.32 -9.78 -25.60
C HIS C 64 29.72 -9.32 -27.00
N PRO C 65 30.59 -10.04 -27.69
CA PRO C 65 31.12 -9.55 -28.97
C PRO C 65 30.07 -9.33 -30.03
N ALA C 66 29.00 -10.12 -30.02
CA ALA C 66 27.98 -9.99 -31.06
C ALA C 66 27.19 -8.69 -30.89
N VAL C 67 26.87 -8.33 -29.65
CA VAL C 67 26.15 -7.08 -29.42
C VAL C 67 27.05 -5.89 -29.74
N ILE C 68 28.31 -5.95 -29.29
CA ILE C 68 29.26 -4.87 -29.57
C ILE C 68 29.42 -4.69 -31.07
N GLU C 69 29.57 -5.77 -31.80
CA GLU C 69 29.75 -5.66 -33.26
C GLU C 69 28.49 -5.04 -33.89
N ALA C 70 27.32 -5.51 -33.48
CA ALA C 70 26.11 -5.01 -34.12
C ALA C 70 25.90 -3.52 -33.85
N VAL C 71 26.16 -3.09 -32.62
CA VAL C 71 25.97 -1.68 -32.28
C VAL C 71 26.99 -0.81 -33.00
N THR C 72 28.27 -1.22 -32.99
CA THR C 72 29.29 -0.44 -33.68
C THR C 72 29.03 -0.37 -35.18
N ARG C 73 28.64 -1.48 -35.77
CA ARG C 73 28.35 -1.46 -37.21
C ARG C 73 27.17 -0.54 -37.52
N GLN C 74 26.09 -0.64 -36.75
CA GLN C 74 24.94 0.20 -37.05
C GLN C 74 25.24 1.66 -36.81
N MET C 75 25.97 1.99 -35.74
CA MET C 75 26.29 3.40 -35.48
C MET C 75 27.14 3.97 -36.60
N SER C 76 27.90 3.12 -37.27
CA SER C 76 28.73 3.60 -38.41
C SER C 76 27.96 3.53 -39.73
N THR C 77 26.68 3.21 -39.68
CA THR C 77 25.84 3.12 -40.87
C THR C 77 24.72 4.15 -40.84
N LEU C 78 23.86 4.08 -39.83
CA LEU C 78 22.69 4.95 -39.73
C LEU C 78 22.24 4.90 -38.28
N GLY C 79 22.15 6.05 -37.64
CA GLY C 79 21.63 6.14 -36.29
C GLY C 79 20.15 6.44 -36.26
N HIS C 80 19.71 7.04 -35.17
CA HIS C 80 18.32 7.43 -35.01
C HIS C 80 17.80 8.17 -36.25
N THR C 81 16.58 7.82 -36.67
CA THR C 81 15.89 8.60 -37.70
C THR C 81 14.52 9.11 -37.27
N SER C 82 13.89 8.46 -36.28
CA SER C 82 12.47 8.56 -35.97
C SER C 82 11.64 7.76 -36.97
N ASN C 83 10.39 7.51 -36.61
CA ASN C 83 9.48 6.73 -37.42
C ASN C 83 8.80 7.54 -38.52
N LEU C 84 9.28 8.76 -38.78
CA LEU C 84 8.96 9.41 -40.04
C LEU C 84 9.56 8.67 -41.23
N TYR C 85 10.52 7.76 -40.99
CA TYR C 85 11.23 7.05 -42.01
C TYR C 85 11.29 5.57 -41.67
N ALA C 86 11.21 4.73 -42.69
CA ALA C 86 11.35 3.28 -42.45
C ALA C 86 12.84 2.93 -42.42
N THR C 87 13.21 2.03 -41.52
CA THR C 87 14.64 1.61 -41.40
C THR C 87 14.69 0.09 -41.20
N GLU C 88 15.72 -0.54 -41.74
CA GLU C 88 15.76 -2.03 -41.76
C GLU C 88 15.84 -2.70 -40.38
N PRO C 89 16.70 -2.30 -39.43
CA PRO C 89 16.82 -3.06 -38.19
C PRO C 89 15.50 -3.29 -37.46
N GLY C 90 14.72 -2.22 -37.28
CA GLY C 90 13.43 -2.36 -36.60
C GLY C 90 12.49 -3.27 -37.36
N ILE C 91 12.45 -3.16 -38.68
CA ILE C 91 11.53 -4.03 -39.46
C ILE C 91 11.99 -5.49 -39.31
N ALA C 92 13.29 -5.70 -39.42
CA ALA C 92 13.80 -7.07 -39.32
C ALA C 92 13.51 -7.62 -37.92
N LEU C 93 13.71 -6.79 -36.90
CA LEU C 93 13.46 -7.24 -35.51
C LEU C 93 11.98 -7.57 -35.35
N ALA C 94 11.11 -6.70 -35.85
CA ALA C 94 9.68 -6.98 -35.76
C ALA C 94 9.36 -8.30 -36.44
N GLU C 95 9.93 -8.53 -37.62
CA GLU C 95 9.73 -9.81 -38.31
C GLU C 95 10.20 -10.98 -37.45
N GLU C 96 11.39 -10.86 -36.86
CA GLU C 96 11.92 -11.97 -36.07
C GLU C 96 11.09 -12.21 -34.81
N LEU C 97 10.66 -11.15 -34.14
CA LEU C 97 9.84 -11.35 -32.93
C LEU C 97 8.50 -11.97 -33.28
N VAL C 98 7.90 -11.58 -34.41
CA VAL C 98 6.63 -12.18 -34.81
C VAL C 98 6.82 -13.66 -35.12
N ALA C 99 7.92 -14.01 -35.80
CA ALA C 99 8.19 -15.42 -36.06
C ALA C 99 8.36 -16.19 -34.75
N LEU C 100 9.03 -15.59 -33.76
CA LEU C 100 9.24 -16.29 -32.50
C LEU C 100 7.93 -16.48 -31.74
N LEU C 101 6.99 -15.53 -31.88
CA LEU C 101 5.72 -15.67 -31.18
C LEU C 101 4.87 -16.78 -31.80
N GLY C 102 4.95 -16.93 -33.13
CA GLY C 102 4.28 -18.04 -33.81
C GLY C 102 2.78 -18.09 -33.64
N ALA C 103 2.13 -16.93 -33.69
CA ALA C 103 0.67 -16.88 -33.60
C ALA C 103 0.05 -17.32 -34.91
N ASP C 104 -1.17 -17.87 -34.82
CA ASP C 104 -1.93 -18.26 -36.02
C ASP C 104 -2.71 -17.10 -36.62
N GLN C 105 -2.42 -15.87 -36.21
CA GLN C 105 -3.08 -14.67 -36.71
C GLN C 105 -2.00 -13.65 -37.07
N ARG C 106 -2.37 -12.66 -37.87
CA ARG C 106 -1.42 -11.59 -38.16
C ARG C 106 -1.04 -10.89 -36.86
N THR C 107 0.26 -10.62 -36.70
CA THR C 107 0.80 -10.00 -35.51
C THR C 107 1.53 -8.73 -35.93
N ARG C 108 1.32 -7.65 -35.20
CA ARG C 108 1.99 -6.38 -35.50
C ARG C 108 2.73 -5.87 -34.27
N VAL C 109 3.72 -5.00 -34.53
CA VAL C 109 4.72 -4.63 -33.53
C VAL C 109 4.77 -3.12 -33.35
N PHE C 110 4.89 -2.68 -32.11
CA PHE C 110 5.20 -1.29 -31.77
C PHE C 110 6.43 -1.31 -30.87
N PHE C 111 7.43 -0.50 -31.21
CA PHE C 111 8.63 -0.42 -30.40
C PHE C 111 8.63 0.81 -29.49
N CYS C 112 9.27 0.66 -28.35
CA CYS C 112 9.44 1.74 -27.39
C CYS C 112 10.75 1.51 -26.66
N ASN C 113 10.91 2.10 -25.48
CA ASN C 113 12.21 2.13 -24.84
C ASN C 113 12.30 1.32 -23.55
N SER C 114 11.19 0.81 -23.03
CA SER C 114 11.21 0.26 -21.68
C SER C 114 10.01 -0.65 -21.50
N GLY C 115 10.03 -1.39 -20.39
CA GLY C 115 8.88 -2.22 -20.05
C GLY C 115 7.67 -1.39 -19.69
N ALA C 116 7.86 -0.32 -18.91
CA ALA C 116 6.75 0.58 -18.62
C ALA C 116 6.13 1.12 -19.89
N GLU C 117 6.96 1.57 -20.85
CA GLU C 117 6.40 2.10 -22.09
C GLU C 117 5.69 1.02 -22.89
N ALA C 118 6.20 -0.22 -22.85
CA ALA C 118 5.52 -1.27 -23.59
C ALA C 118 4.13 -1.51 -23.01
N ASN C 119 4.02 -1.54 -21.68
CA ASN C 119 2.71 -1.72 -21.08
C ASN C 119 1.84 -0.49 -21.21
N GLU C 120 2.42 0.72 -21.31
CA GLU C 120 1.61 1.89 -21.64
C GLU C 120 0.99 1.74 -23.02
N ALA C 121 1.75 1.23 -23.98
CA ALA C 121 1.19 0.99 -25.31
C ALA C 121 0.04 -0.01 -25.25
N ALA C 122 0.22 -1.08 -24.48
CA ALA C 122 -0.85 -2.06 -24.31
C ALA C 122 -2.06 -1.45 -23.60
N PHE C 123 -1.82 -0.59 -22.59
CA PHE C 123 -2.89 0.12 -21.92
C PHE C 123 -3.68 0.95 -22.92
N LYS C 124 -2.96 1.69 -23.77
CA LYS C 124 -3.65 2.51 -24.77
C LYS C 124 -4.39 1.65 -25.78
N LEU C 125 -3.78 0.55 -26.25
CA LEU C 125 -4.50 -0.42 -27.07
C LEU C 125 -5.83 -0.80 -26.43
N SER C 126 -5.79 -1.06 -25.13
CA SER C 126 -6.99 -1.54 -24.44
C SER C 126 -8.09 -0.48 -24.48
N ARG C 127 -7.72 0.80 -24.46
CA ARG C 127 -8.72 1.86 -24.51
C ARG C 127 -9.48 1.84 -25.83
N LEU C 128 -8.83 1.41 -26.91
CA LEU C 128 -9.43 1.44 -28.23
C LEU C 128 -10.42 0.31 -28.47
N THR C 129 -10.56 -0.61 -27.52
CA THR C 129 -11.65 -1.58 -27.55
C THR C 129 -12.98 -0.97 -27.17
N GLY C 130 -12.98 0.28 -26.69
CA GLY C 130 -14.19 0.89 -26.20
C GLY C 130 -14.53 0.59 -24.76
N ARG C 131 -13.67 -0.14 -24.05
CA ARG C 131 -13.88 -0.49 -22.66
C ARG C 131 -12.79 0.16 -21.81
N THR C 132 -13.10 0.43 -20.56
CA THR C 132 -12.14 1.10 -19.69
C THR C 132 -11.79 0.32 -18.44
N LYS C 133 -12.40 -0.83 -18.22
CA LYS C 133 -12.07 -1.64 -17.04
C LYS C 133 -10.88 -2.55 -17.35
N LEU C 134 -9.94 -2.62 -16.43
CA LEU C 134 -8.77 -3.45 -16.58
C LEU C 134 -8.63 -4.34 -15.35
N VAL C 135 -8.05 -5.52 -15.53
CA VAL C 135 -7.82 -6.46 -14.44
C VAL C 135 -6.35 -6.86 -14.46
N ALA C 136 -5.74 -6.88 -13.27
CA ALA C 136 -4.37 -7.31 -13.07
C ALA C 136 -4.31 -8.05 -11.74
N ALA C 137 -3.12 -8.52 -11.37
CA ALA C 137 -2.97 -9.33 -10.17
C ALA C 137 -2.36 -8.55 -9.01
N HIS C 138 -2.82 -8.84 -7.80
CA HIS C 138 -2.11 -8.32 -6.63
C HIS C 138 -0.65 -8.74 -6.68
N ASP C 139 0.23 -7.79 -6.36
CA ASP C 139 1.69 -7.96 -6.30
C ASP C 139 2.31 -7.95 -7.68
N ALA C 140 1.54 -7.83 -8.76
CA ALA C 140 2.15 -7.79 -10.07
C ALA C 140 2.99 -6.53 -10.23
N PHE C 141 3.97 -6.60 -11.12
CA PHE C 141 4.76 -5.43 -11.46
C PHE C 141 4.72 -5.24 -12.97
N HIS C 142 4.27 -4.05 -13.40
CA HIS C 142 4.14 -3.75 -14.80
C HIS C 142 4.83 -2.46 -15.19
N GLY C 143 5.49 -1.79 -14.25
CA GLY C 143 6.17 -0.54 -14.53
C GLY C 143 5.69 0.59 -13.65
N ARG C 144 6.40 1.71 -13.75
CA ARG C 144 6.28 2.86 -12.82
C ARG C 144 5.77 4.16 -13.45
N THR C 145 5.57 4.21 -14.74
CA THR C 145 4.87 5.36 -15.31
C THR C 145 3.38 5.28 -14.93
N MET C 146 2.64 6.37 -15.15
CA MET C 146 1.32 6.48 -14.51
C MET C 146 0.35 5.39 -14.96
N GLY C 147 0.33 5.04 -16.25
CA GLY C 147 -0.57 3.99 -16.72
C GLY C 147 -0.13 2.61 -16.26
N SER C 148 1.16 2.32 -16.44
CA SER C 148 1.67 1.02 -16.01
CA SER C 148 1.67 1.01 -16.02
C SER C 148 1.65 0.87 -14.49
N LEU C 149 1.79 1.99 -13.76
CA LEU C 149 1.71 1.93 -12.30
C LEU C 149 0.29 1.60 -11.85
N ALA C 150 -0.72 2.02 -12.62
CA ALA C 150 -2.08 1.63 -12.28
C ALA C 150 -2.27 0.13 -12.38
N LEU C 151 -1.57 -0.52 -13.30
CA LEU C 151 -1.68 -1.97 -13.47
C LEU C 151 -0.86 -2.70 -12.43
N THR C 152 0.32 -2.17 -12.10
CA THR C 152 1.13 -2.72 -11.02
C THR C 152 0.29 -2.88 -9.75
N GLY C 153 0.38 -4.06 -9.14
CA GLY C 153 -0.49 -4.36 -8.02
C GLY C 153 0.19 -4.19 -6.68
N GLN C 154 0.80 -3.03 -6.45
CA GLN C 154 1.63 -2.78 -5.28
C GLN C 154 1.15 -1.48 -4.64
N PRO C 155 0.14 -1.55 -3.77
CA PRO C 155 -0.49 -0.31 -3.27
C PRO C 155 0.47 0.67 -2.62
N ALA C 156 1.49 0.18 -1.92
CA ALA C 156 2.43 1.10 -1.30
C ALA C 156 3.17 1.95 -2.33
N LYS C 157 3.36 1.43 -3.55
CA LYS C 157 4.03 2.17 -4.62
C LYS C 157 3.07 2.98 -5.47
N GLN C 158 1.78 2.75 -5.32
CA GLN C 158 0.79 3.43 -6.17
C GLN C 158 0.10 4.57 -5.43
N THR C 159 -0.28 4.32 -4.19
CA THR C 159 -1.12 5.24 -3.39
C THR C 159 -0.54 6.65 -3.27
N PRO C 160 0.77 6.89 -3.12
CA PRO C 160 1.29 8.24 -3.09
C PRO C 160 1.05 9.08 -4.37
N PHE C 161 0.76 8.37 -5.46
CA PHE C 161 0.61 9.00 -6.79
C PHE C 161 -0.86 8.99 -7.23
N ALA C 162 -1.76 8.59 -6.34
CA ALA C 162 -3.18 8.55 -6.69
C ALA C 162 -3.71 9.97 -6.90
N PRO C 163 -4.67 10.21 -7.80
CA PRO C 163 -5.29 9.16 -8.58
C PRO C 163 -4.50 8.71 -9.82
N LEU C 164 -4.59 7.41 -10.08
CA LEU C 164 -3.94 6.84 -11.27
C LEU C 164 -5.02 6.61 -12.33
N PRO C 165 -4.66 6.37 -13.58
CA PRO C 165 -5.61 6.06 -14.62
C PRO C 165 -6.42 4.80 -14.26
N GLY C 166 -7.70 4.83 -14.56
CA GLY C 166 -8.63 3.75 -14.19
C GLY C 166 -9.03 2.91 -15.38
N ASP C 167 -9.93 1.96 -15.19
CA ASP C 167 -10.45 1.52 -13.87
C ASP C 167 -9.92 0.11 -13.65
N VAL C 168 -8.98 -0.03 -12.74
CA VAL C 168 -8.26 -1.31 -12.56
C VAL C 168 -8.73 -2.08 -11.34
N THR C 169 -9.09 -3.34 -11.55
CA THR C 169 -9.42 -4.27 -10.46
C THR C 169 -8.25 -5.25 -10.30
N HIS C 170 -7.81 -5.48 -9.07
CA HIS C 170 -6.77 -6.46 -8.82
C HIS C 170 -7.34 -7.71 -8.17
N VAL C 171 -6.83 -8.86 -8.60
CA VAL C 171 -7.26 -10.16 -8.10
C VAL C 171 -6.04 -10.96 -7.65
N GLY C 172 -6.28 -11.96 -6.81
CA GLY C 172 -5.21 -12.83 -6.40
C GLY C 172 -4.59 -13.56 -7.57
N TYR C 173 -3.26 -13.54 -7.67
CA TYR C 173 -2.58 -14.21 -8.76
C TYR C 173 -2.77 -15.72 -8.68
N GLY C 174 -3.08 -16.33 -9.82
CA GLY C 174 -3.22 -17.77 -9.89
C GLY C 174 -4.58 -18.30 -9.50
N ASP C 175 -5.53 -17.44 -9.13
CA ASP C 175 -6.84 -17.84 -8.62
C ASP C 175 -7.83 -17.76 -9.78
N VAL C 176 -8.20 -18.92 -10.32
CA VAL C 176 -9.06 -18.94 -11.50
C VAL C 176 -10.44 -18.38 -11.19
N ASP C 177 -11.02 -18.80 -10.06
CA ASP C 177 -12.35 -18.31 -9.71
C ASP C 177 -12.39 -16.79 -9.58
N ALA C 178 -11.36 -16.22 -8.94
CA ALA C 178 -11.34 -14.77 -8.77
C ALA C 178 -11.23 -14.07 -10.11
N LEU C 179 -10.47 -14.65 -11.05
CA LEU C 179 -10.32 -14.06 -12.37
C LEU C 179 -11.62 -14.16 -13.15
N ALA C 180 -12.29 -15.32 -13.11
CA ALA C 180 -13.55 -15.48 -13.82
C ALA C 180 -14.60 -14.49 -13.31
N ALA C 181 -14.60 -14.23 -12.00
CA ALA C 181 -15.58 -13.31 -11.42
C ALA C 181 -15.30 -11.86 -11.77
N ALA C 182 -14.01 -11.52 -11.98
CA ALA C 182 -13.65 -10.13 -12.19
C ALA C 182 -13.69 -9.72 -13.65
N VAL C 183 -13.53 -10.64 -14.57
CA VAL C 183 -13.56 -10.32 -16.00
C VAL C 183 -14.99 -10.42 -16.49
N ASP C 184 -15.49 -9.35 -17.09
CA ASP C 184 -16.83 -9.30 -17.65
C ASP C 184 -16.76 -8.65 -19.03
N ASP C 185 -17.91 -8.45 -19.66
CA ASP C 185 -17.91 -7.86 -21.00
C ASP C 185 -17.71 -6.35 -21.00
N HIS C 186 -17.31 -5.81 -19.86
CA HIS C 186 -16.88 -4.39 -19.81
C HIS C 186 -15.35 -4.34 -19.64
N THR C 187 -14.70 -5.49 -19.58
CA THR C 187 -13.27 -5.54 -19.30
C THR C 187 -12.49 -5.39 -20.60
N ALA C 188 -11.68 -4.33 -20.68
CA ALA C 188 -10.88 -4.12 -21.88
C ALA C 188 -9.77 -5.15 -21.99
N ALA C 189 -9.11 -5.45 -20.87
CA ALA C 189 -7.93 -6.28 -20.92
C ALA C 189 -7.61 -6.83 -19.54
N VAL C 190 -6.97 -7.99 -19.54
CA VAL C 190 -6.37 -8.60 -18.36
C VAL C 190 -4.87 -8.62 -18.60
N PHE C 191 -4.11 -8.09 -17.65
CA PHE C 191 -2.65 -8.10 -17.69
C PHE C 191 -2.15 -9.13 -16.69
N LEU C 192 -1.24 -10.01 -17.14
CA LEU C 192 -0.63 -11.00 -16.27
C LEU C 192 0.83 -11.21 -16.66
N GLU C 193 1.69 -11.33 -15.64
CA GLU C 193 3.03 -11.89 -15.85
C GLU C 193 2.91 -13.41 -15.83
N PRO C 194 3.59 -14.12 -16.74
CA PRO C 194 3.52 -15.60 -16.70
C PRO C 194 4.16 -16.18 -15.46
N ILE C 195 5.12 -15.47 -14.88
CA ILE C 195 5.68 -15.70 -13.55
C ILE C 195 5.89 -14.31 -12.98
N MET C 196 5.40 -14.05 -11.77
CA MET C 196 5.56 -12.70 -11.21
C MET C 196 7.00 -12.53 -10.74
N GLY C 197 7.70 -11.57 -11.33
CA GLY C 197 9.13 -11.49 -11.09
C GLY C 197 9.47 -10.68 -9.85
N GLU C 198 9.14 -9.39 -9.89
CA GLU C 198 9.57 -8.46 -8.85
C GLU C 198 9.08 -8.87 -7.47
N SER C 199 7.93 -9.51 -7.38
CA SER C 199 7.37 -9.85 -6.08
C SER C 199 7.86 -11.19 -5.56
N GLY C 200 8.73 -11.89 -6.31
CA GLY C 200 9.37 -13.07 -5.76
C GLY C 200 9.34 -14.33 -6.60
N VAL C 201 9.33 -14.20 -7.93
CA VAL C 201 9.35 -15.35 -8.85
C VAL C 201 8.19 -16.28 -8.49
N VAL C 202 6.97 -15.74 -8.53
CA VAL C 202 5.77 -16.47 -8.15
C VAL C 202 5.24 -17.19 -9.39
N VAL C 203 5.24 -18.51 -9.35
CA VAL C 203 4.79 -19.31 -10.48
C VAL C 203 3.31 -19.63 -10.27
N PRO C 204 2.47 -19.43 -11.28
CA PRO C 204 1.03 -19.71 -11.11
C PRO C 204 0.78 -21.20 -11.18
N PRO C 205 -0.36 -21.66 -10.70
CA PRO C 205 -0.70 -23.09 -10.79
C PRO C 205 -0.78 -23.52 -12.24
N ALA C 206 -0.61 -24.83 -12.46
CA ALA C 206 -0.80 -25.39 -13.78
C ALA C 206 -2.21 -25.07 -14.28
N GLY C 207 -2.31 -24.71 -15.55
CA GLY C 207 -3.58 -24.40 -16.16
C GLY C 207 -4.06 -22.98 -16.01
N TYR C 208 -3.39 -22.16 -15.19
CA TYR C 208 -3.92 -20.84 -14.88
C TYR C 208 -3.93 -19.94 -16.11
N LEU C 209 -2.83 -19.91 -16.85
CA LEU C 209 -2.77 -19.05 -18.02
C LEU C 209 -3.75 -19.49 -19.10
N ALA C 210 -3.93 -20.80 -19.27
CA ALA C 210 -4.94 -21.31 -20.19
C ALA C 210 -6.34 -20.92 -19.75
N ALA C 211 -6.61 -20.95 -18.45
CA ALA C 211 -7.88 -20.46 -17.92
C ALA C 211 -8.05 -18.97 -18.23
N ALA C 212 -6.99 -18.18 -18.03
CA ALA C 212 -7.09 -16.75 -18.35
C ALA C 212 -7.39 -16.56 -19.84
N ARG C 213 -6.80 -17.39 -20.70
CA ARG C 213 -7.08 -17.29 -22.13
C ARG C 213 -8.54 -17.61 -22.42
N ASP C 214 -9.09 -18.64 -21.76
CA ASP C 214 -10.48 -19.02 -22.00
C ASP C 214 -11.44 -17.97 -21.45
N ILE C 215 -11.16 -17.44 -20.27
CA ILE C 215 -12.02 -16.42 -19.66
C ILE C 215 -12.04 -15.16 -20.52
N THR C 216 -10.87 -14.65 -20.89
CA THR C 216 -10.82 -13.43 -21.67
C THR C 216 -11.50 -13.61 -23.03
N ALA C 217 -11.29 -14.76 -23.68
CA ALA C 217 -11.93 -15.00 -24.97
C ALA C 217 -13.45 -14.94 -24.84
N ARG C 218 -13.98 -15.50 -23.77
CA ARG C 218 -15.45 -15.52 -23.57
C ARG C 218 -16.01 -14.12 -23.32
N ARG C 219 -15.25 -13.25 -22.67
CA ARG C 219 -15.74 -11.89 -22.31
C ARG C 219 -15.23 -10.81 -23.28
N GLY C 220 -14.65 -11.20 -24.41
CA GLY C 220 -14.18 -10.19 -25.35
C GLY C 220 -13.07 -9.31 -24.82
N ALA C 221 -12.40 -9.73 -23.75
CA ALA C 221 -11.31 -8.97 -23.17
C ALA C 221 -9.99 -9.40 -23.79
N LEU C 222 -9.08 -8.46 -23.94
CA LEU C 222 -7.74 -8.80 -24.40
C LEU C 222 -6.98 -9.48 -23.27
N LEU C 223 -6.21 -10.51 -23.61
CA LEU C 223 -5.25 -11.09 -22.67
C LEU C 223 -3.88 -10.52 -23.01
N VAL C 224 -3.30 -9.77 -22.07
CA VAL C 224 -2.00 -9.14 -22.24
C VAL C 224 -1.03 -9.87 -21.32
N LEU C 225 -0.01 -10.48 -21.89
CA LEU C 225 1.00 -11.17 -21.12
C LEU C 225 2.25 -10.31 -21.11
N ASP C 226 2.68 -9.92 -19.91
CA ASP C 226 3.86 -9.10 -19.71
C ASP C 226 5.04 -10.06 -19.57
N GLU C 227 5.83 -10.15 -20.64
CA GLU C 227 7.02 -11.00 -20.71
C GLU C 227 8.29 -10.19 -20.59
N VAL C 228 8.22 -9.01 -20.00
CA VAL C 228 9.40 -8.16 -19.90
C VAL C 228 10.51 -8.86 -19.14
N GLN C 229 10.16 -9.56 -18.07
CA GLN C 229 11.14 -10.27 -17.27
C GLN C 229 11.22 -11.76 -17.59
N THR C 230 10.11 -12.38 -18.01
CA THR C 230 10.10 -13.82 -18.27
C THR C 230 10.51 -14.20 -19.68
N GLY C 231 10.63 -13.25 -20.60
CA GLY C 231 10.91 -13.51 -21.99
C GLY C 231 12.38 -13.72 -22.29
N MET C 232 12.72 -13.57 -23.58
CA MET C 232 14.09 -13.69 -24.07
C MET C 232 14.69 -15.06 -23.78
N GLY C 233 13.86 -16.10 -23.75
CA GLY C 233 14.36 -17.46 -23.60
C GLY C 233 14.72 -17.85 -22.19
N ARG C 234 14.52 -16.95 -21.22
CA ARG C 234 15.04 -17.18 -19.87
C ARG C 234 14.48 -18.46 -19.24
N THR C 235 13.21 -18.77 -19.51
CA THR C 235 12.56 -19.91 -18.86
C THR C 235 12.70 -21.22 -19.63
N GLY C 236 13.44 -21.23 -20.73
CA GLY C 236 13.56 -22.44 -21.53
C GLY C 236 12.59 -22.51 -22.70
N ALA C 237 11.76 -21.49 -22.88
CA ALA C 237 11.06 -21.23 -24.13
C ALA C 237 11.27 -19.76 -24.39
N PHE C 238 11.15 -19.34 -25.65
CA PHE C 238 11.43 -17.92 -25.92
C PHE C 238 10.50 -17.02 -25.12
N PHE C 239 9.20 -17.27 -25.21
CA PHE C 239 8.21 -16.63 -24.34
C PHE C 239 7.80 -17.65 -23.30
N ALA C 240 7.77 -17.24 -22.03
CA ALA C 240 7.39 -18.17 -20.98
C ALA C 240 5.99 -18.74 -21.19
N HIS C 241 5.08 -17.96 -21.77
CA HIS C 241 3.72 -18.46 -21.97
C HIS C 241 3.67 -19.59 -22.98
N GLN C 242 4.71 -19.78 -23.78
CA GLN C 242 4.71 -20.89 -24.72
C GLN C 242 4.74 -22.25 -24.02
N HIS C 243 5.19 -22.31 -22.76
CA HIS C 243 5.12 -23.56 -22.00
C HIS C 243 3.67 -24.00 -21.80
N ASP C 244 2.72 -23.08 -21.82
CA ASP C 244 1.32 -23.35 -21.55
C ASP C 244 0.51 -23.54 -22.81
N GLY C 245 1.13 -23.41 -23.99
CA GLY C 245 0.45 -23.68 -25.24
C GLY C 245 -0.69 -22.74 -25.56
N ILE C 246 -0.59 -21.48 -25.13
CA ILE C 246 -1.60 -20.49 -25.45
C ILE C 246 -0.94 -19.37 -26.26
N THR C 247 -1.77 -18.55 -26.89
CA THR C 247 -1.30 -17.32 -27.52
C THR C 247 -2.18 -16.19 -27.01
N PRO C 248 -1.61 -15.20 -26.36
CA PRO C 248 -2.39 -14.07 -25.87
C PRO C 248 -2.72 -13.14 -27.02
N ASP C 249 -3.44 -12.07 -26.71
CA ASP C 249 -3.72 -11.04 -27.70
C ASP C 249 -2.63 -10.00 -27.78
N VAL C 250 -1.92 -9.77 -26.69
CA VAL C 250 -0.86 -8.77 -26.61
C VAL C 250 0.26 -9.34 -25.76
N VAL C 251 1.50 -9.12 -26.19
CA VAL C 251 2.69 -9.50 -25.43
C VAL C 251 3.59 -8.28 -25.33
N THR C 252 4.10 -8.00 -24.14
CA THR C 252 5.07 -6.93 -23.96
C THR C 252 6.43 -7.51 -23.59
N LEU C 253 7.45 -6.85 -24.10
CA LEU C 253 8.85 -7.26 -23.88
C LEU C 253 9.70 -6.02 -23.62
N ALA C 254 10.76 -6.19 -22.84
CA ALA C 254 11.80 -5.17 -22.61
C ALA C 254 12.98 -5.87 -21.90
N1 LLP C 255 7.08 -5.46 -16.29
C2 LLP C 255 7.82 -6.41 -15.73
C2' LLP C 255 7.23 -7.77 -15.55
C3 LLP C 255 9.12 -6.13 -15.34
O3 LLP C 255 9.80 -7.11 -14.75
C4 LLP C 255 9.66 -4.86 -15.52
C4' LLP C 255 11.06 -4.64 -15.18
C5 LLP C 255 8.83 -3.87 -16.09
C6 LLP C 255 7.58 -4.23 -16.45
C5' LLP C 255 9.25 -2.44 -16.25
OP4 LLP C 255 10.38 -2.23 -17.11
P LLP C 255 11.10 -0.82 -17.09
OP1 LLP C 255 11.79 -0.78 -15.78
OP2 LLP C 255 11.99 -0.89 -18.23
OP3 LLP C 255 10.08 0.24 -17.19
N LLP C 255 13.55 -5.23 -20.90
CA LLP C 255 14.69 -5.79 -20.13
CB LLP C 255 14.21 -6.63 -18.95
CG LLP C 255 13.67 -5.79 -17.80
CD LLP C 255 13.55 -6.54 -16.49
CE LLP C 255 13.25 -5.60 -15.33
NZ LLP C 255 11.84 -5.63 -14.96
C LLP C 255 15.75 -6.40 -21.05
O LLP C 255 16.44 -5.67 -21.64
N GLY C 256 15.80 -7.73 -21.15
CA GLY C 256 16.83 -8.40 -21.98
C GLY C 256 16.69 -8.29 -23.50
N LEU C 257 15.61 -7.70 -24.01
CA LEU C 257 15.38 -7.61 -25.47
C LEU C 257 16.59 -7.04 -26.22
N GLY C 258 17.22 -6.00 -25.67
CA GLY C 258 18.37 -5.41 -26.32
C GLY C 258 19.70 -5.82 -25.74
N GLY C 259 19.73 -6.85 -24.90
CA GLY C 259 20.98 -7.26 -24.29
C GLY C 259 21.63 -6.20 -23.44
N GLY C 260 20.87 -5.20 -23.00
CA GLY C 260 21.48 -4.08 -22.30
C GLY C 260 21.08 -2.75 -22.91
N LEU C 261 20.94 -2.69 -24.23
CA LEU C 261 20.52 -1.46 -24.87
C LEU C 261 19.03 -1.22 -24.62
N PRO C 262 18.61 0.02 -24.38
CA PRO C 262 17.20 0.27 -24.02
C PRO C 262 16.27 0.06 -25.20
N ILE C 263 15.38 -0.92 -25.07
CA ILE C 263 14.38 -1.20 -26.09
C ILE C 263 13.25 -2.02 -25.44
N GLY C 264 12.02 -1.73 -25.89
CA GLY C 264 10.87 -2.51 -25.47
C GLY C 264 9.99 -2.71 -26.68
N ALA C 265 9.01 -3.62 -26.54
CA ALA C 265 8.16 -3.92 -27.67
C ALA C 265 6.78 -4.35 -27.19
N CYS C 266 5.77 -3.97 -27.97
CA CYS C 266 4.42 -4.43 -27.75
C CYS C 266 3.98 -5.16 -29.00
N LEU C 267 3.67 -6.46 -28.87
CA LEU C 267 3.19 -7.27 -29.98
C LEU C 267 1.71 -7.49 -29.79
N ALA C 268 0.95 -7.32 -30.87
CA ALA C 268 -0.49 -7.55 -30.78
C ALA C 268 -0.93 -8.47 -31.90
N VAL C 269 -1.87 -9.37 -31.58
CA VAL C 269 -2.25 -10.48 -32.43
C VAL C 269 -3.70 -10.30 -32.86
N GLY C 270 -3.98 -10.57 -34.14
CA GLY C 270 -5.34 -10.56 -34.62
C GLY C 270 -5.96 -9.18 -34.61
N PRO C 271 -7.25 -9.08 -34.26
CA PRO C 271 -7.90 -7.76 -34.24
C PRO C 271 -7.16 -6.73 -33.40
N ALA C 272 -6.52 -7.15 -32.31
CA ALA C 272 -5.78 -6.21 -31.47
C ALA C 272 -4.67 -5.52 -32.24
N ALA C 273 -4.12 -6.17 -33.26
CA ALA C 273 -3.03 -5.60 -34.05
C ALA C 273 -3.48 -4.42 -34.90
N GLU C 274 -4.79 -4.28 -35.10
CA GLU C 274 -5.32 -3.24 -35.97
C GLU C 274 -5.87 -2.03 -35.21
N LEU C 275 -5.84 -2.06 -33.87
CA LEU C 275 -6.49 -1.00 -33.09
C LEU C 275 -5.76 0.33 -33.22
N LEU C 276 -4.43 0.33 -33.17
CA LEU C 276 -3.70 1.58 -33.28
C LEU C 276 -3.70 2.02 -34.74
N THR C 277 -4.25 3.21 -35.00
CA THR C 277 -4.31 3.79 -36.32
C THR C 277 -3.41 5.01 -36.38
N PRO C 278 -3.17 5.57 -37.56
CA PRO C 278 -2.15 6.62 -37.67
C PRO C 278 -2.43 7.81 -36.77
N GLY C 279 -1.40 8.24 -36.05
CA GLY C 279 -1.47 9.38 -35.17
C GLY C 279 -1.84 9.07 -33.74
N LEU C 280 -2.21 7.83 -33.43
CA LEU C 280 -2.75 7.55 -32.09
C LEU C 280 -1.71 7.21 -31.05
N HIS C 281 -0.48 6.89 -31.46
CA HIS C 281 0.57 6.60 -30.48
C HIS C 281 1.92 6.72 -31.17
N GLY C 282 2.95 6.90 -30.36
CA GLY C 282 4.31 7.01 -30.88
C GLY C 282 5.29 7.16 -29.75
N SER C 283 6.57 7.00 -30.09
CA SER C 283 7.69 7.24 -29.18
C SER C 283 8.88 7.65 -30.03
N THR C 284 9.49 8.80 -29.73
CA THR C 284 10.53 9.33 -30.62
C THR C 284 11.61 8.31 -30.91
N PHE C 285 12.18 7.69 -29.88
CA PHE C 285 13.29 6.77 -30.05
C PHE C 285 12.86 5.36 -30.44
N GLY C 286 11.56 5.08 -30.48
CA GLY C 286 11.10 3.73 -30.72
C GLY C 286 11.58 3.13 -32.03
N GLY C 287 12.14 1.92 -31.95
CA GLY C 287 12.56 1.21 -33.14
C GLY C 287 13.81 1.74 -33.77
N ASN C 288 14.60 2.51 -33.03
CA ASN C 288 15.76 3.13 -33.66
C ASN C 288 16.77 2.08 -34.08
N PRO C 289 17.55 2.36 -35.13
CA PRO C 289 18.38 1.30 -35.71
C PRO C 289 19.40 0.70 -34.75
N VAL C 290 20.01 1.51 -33.88
CA VAL C 290 21.09 1.02 -33.04
C VAL C 290 20.56 0.04 -31.99
N CYS C 291 19.46 0.40 -31.34
CA CYS C 291 18.91 -0.52 -30.34
C CYS C 291 18.29 -1.74 -31.01
N ALA C 292 17.66 -1.58 -32.17
CA ALA C 292 17.13 -2.74 -32.86
C ALA C 292 18.24 -3.66 -33.34
N ALA C 293 19.38 -3.11 -33.75
CA ALA C 293 20.49 -3.95 -34.16
C ALA C 293 21.02 -4.77 -32.99
N ALA C 294 21.08 -4.16 -31.80
CA ALA C 294 21.47 -4.91 -30.60
C ALA C 294 20.51 -6.07 -30.36
N ALA C 295 19.21 -5.81 -30.45
CA ALA C 295 18.22 -6.85 -30.18
C ALA C 295 18.33 -7.97 -31.19
N LEU C 296 18.52 -7.62 -32.48
CA LEU C 296 18.69 -8.65 -33.50
C LEU C 296 19.89 -9.53 -33.20
N ALA C 297 20.98 -8.92 -32.71
CA ALA C 297 22.16 -9.71 -32.34
C ALA C 297 21.84 -10.64 -31.19
N VAL C 298 21.06 -10.17 -30.21
CA VAL C 298 20.68 -11.03 -29.09
C VAL C 298 19.91 -12.25 -29.59
N LEU C 299 18.94 -12.02 -30.48
CA LEU C 299 18.17 -13.15 -31.00
C LEU C 299 19.07 -14.11 -31.77
N ARG C 300 20.02 -13.58 -32.54
CA ARG C 300 20.94 -14.43 -33.29
C ARG C 300 21.78 -15.30 -32.36
N VAL C 301 22.26 -14.73 -31.26
CA VAL C 301 23.11 -15.49 -30.34
C VAL C 301 22.30 -16.52 -29.57
N LEU C 302 21.09 -16.15 -29.12
CA LEU C 302 20.21 -17.11 -28.47
C LEU C 302 20.04 -18.36 -29.34
N ALA C 303 19.81 -18.16 -30.64
CA ALA C 303 19.60 -19.29 -31.54
C ALA C 303 20.90 -20.01 -31.83
N SER C 304 21.96 -19.27 -32.18
CA SER C 304 23.19 -19.89 -32.62
C SER C 304 23.87 -20.69 -31.50
N ASP C 305 23.79 -20.19 -30.26
CA ASP C 305 24.44 -20.82 -29.12
C ASP C 305 23.49 -21.68 -28.30
N GLY C 306 22.25 -21.84 -28.76
CA GLY C 306 21.30 -22.71 -28.07
C GLY C 306 21.05 -22.31 -26.63
N LEU C 307 20.92 -21.00 -26.37
CA LEU C 307 20.86 -20.54 -25.00
C LEU C 307 19.49 -20.74 -24.36
N VAL C 308 18.43 -20.90 -25.15
CA VAL C 308 17.13 -21.18 -24.59
C VAL C 308 17.13 -22.56 -23.92
N ARG C 309 17.64 -23.54 -24.61
CA ARG C 309 17.74 -24.89 -24.01
C ARG C 309 18.79 -24.88 -22.90
N ARG C 310 19.84 -24.12 -23.09
CA ARG C 310 20.86 -24.02 -22.04
C ARG C 310 20.26 -23.46 -20.76
N ALA C 311 19.38 -22.46 -20.87
CA ALA C 311 18.74 -21.92 -19.68
C ALA C 311 17.88 -22.97 -18.98
N GLU C 312 17.16 -23.78 -19.76
CA GLU C 312 16.40 -24.87 -19.17
C GLU C 312 17.30 -25.81 -18.37
N VAL C 313 18.43 -26.20 -18.97
CA VAL C 313 19.30 -27.20 -18.37
C VAL C 313 20.01 -26.63 -17.14
N LEU C 314 20.60 -25.43 -17.28
CA LEU C 314 21.31 -24.83 -16.15
C LEU C 314 20.36 -24.52 -15.02
N GLY C 315 19.13 -24.08 -15.33
CA GLY C 315 18.17 -23.78 -14.29
C GLY C 315 17.73 -25.01 -13.50
N LYS C 316 17.57 -26.14 -14.18
CA LYS C 316 17.19 -27.38 -13.51
C LYS C 316 18.30 -27.82 -12.56
N SER C 317 19.54 -27.81 -13.04
CA SER C 317 20.69 -28.20 -12.21
C SER C 317 20.85 -27.26 -11.02
N LEU C 318 20.65 -25.97 -11.24
CA LEU C 318 20.76 -25.01 -10.14
C LEU C 318 19.67 -25.21 -9.10
N ARG C 319 18.43 -25.41 -9.54
CA ARG C 319 17.36 -25.63 -8.59
C ARG C 319 17.59 -26.91 -7.80
N HIS C 320 18.06 -27.97 -8.47
CA HIS C 320 18.29 -29.22 -7.77
C HIS C 320 19.44 -29.10 -6.78
N GLY C 321 20.51 -28.41 -7.17
CA GLY C 321 21.64 -28.22 -6.27
C GLY C 321 21.27 -27.42 -5.03
N ILE C 322 20.45 -26.38 -5.20
CA ILE C 322 20.01 -25.60 -4.05
C ILE C 322 19.13 -26.44 -3.15
N GLU C 323 18.26 -27.27 -3.73
CA GLU C 323 17.39 -28.10 -2.92
C GLU C 323 18.20 -29.18 -2.20
N ALA C 324 19.23 -29.73 -2.86
CA ALA C 324 20.04 -30.76 -2.23
C ALA C 324 20.79 -30.27 -1.00
N LEU C 325 20.96 -28.95 -0.85
CA LEU C 325 21.62 -28.43 0.34
C LEU C 325 20.89 -28.80 1.62
N GLY C 326 19.58 -28.96 1.54
CA GLY C 326 18.79 -29.25 2.74
C GLY C 326 18.97 -28.22 3.82
N HIS C 327 19.24 -26.97 3.46
CA HIS C 327 19.48 -25.95 4.47
C HIS C 327 18.18 -25.56 5.15
N PRO C 328 18.18 -25.42 6.48
CA PRO C 328 16.93 -25.15 7.20
C PRO C 328 16.29 -23.82 6.86
N LEU C 329 17.02 -22.87 6.29
CA LEU C 329 16.43 -21.58 5.92
C LEU C 329 15.74 -21.64 4.56
N ILE C 330 16.05 -22.62 3.73
CA ILE C 330 15.49 -22.72 2.38
C ILE C 330 14.20 -23.52 2.46
N ASP C 331 13.06 -22.86 2.21
CA ASP C 331 11.79 -23.55 2.15
C ASP C 331 11.65 -24.34 0.85
N HIS C 332 11.86 -23.68 -0.29
CA HIS C 332 11.83 -24.32 -1.59
C HIS C 332 12.41 -23.37 -2.62
N VAL C 333 12.69 -23.90 -3.80
CA VAL C 333 13.08 -23.12 -4.96
C VAL C 333 11.94 -23.17 -5.96
N ARG C 334 11.72 -22.08 -6.67
CA ARG C 334 10.64 -22.04 -7.65
C ARG C 334 11.09 -21.23 -8.85
N GLY C 335 10.30 -21.31 -9.91
CA GLY C 335 10.63 -20.61 -11.14
C GLY C 335 10.83 -21.58 -12.28
N ARG C 336 11.49 -21.12 -13.32
CA ARG C 336 11.70 -21.93 -14.51
C ARG C 336 12.91 -21.42 -15.25
N GLY C 337 13.72 -22.35 -15.76
CA GLY C 337 14.97 -21.96 -16.40
C GLY C 337 15.80 -21.11 -15.48
N LEU C 338 16.27 -19.97 -16.02
CA LEU C 338 17.15 -19.08 -15.28
C LEU C 338 16.40 -17.86 -14.71
N LEU C 339 15.15 -18.03 -14.32
CA LEU C 339 14.46 -17.11 -13.43
C LEU C 339 14.04 -17.93 -12.23
N LEU C 340 14.69 -17.71 -11.09
CA LEU C 340 14.53 -18.59 -9.94
C LEU C 340 14.34 -17.76 -8.69
N GLY C 341 13.50 -18.26 -7.80
CA GLY C 341 13.32 -17.68 -6.49
C GLY C 341 13.69 -18.69 -5.43
N ILE C 342 14.53 -18.30 -4.48
CA ILE C 342 14.83 -19.13 -3.32
C ILE C 342 13.94 -18.64 -2.20
N ALA C 343 12.89 -19.40 -1.90
CA ALA C 343 11.96 -19.01 -0.86
C ALA C 343 12.49 -19.45 0.49
N LEU C 344 12.51 -18.53 1.45
CA LEU C 344 13.11 -18.76 2.75
C LEU C 344 12.06 -19.01 3.81
N THR C 345 12.46 -19.76 4.85
CA THR C 345 11.56 -20.03 5.96
C THR C 345 11.44 -18.86 6.93
N ALA C 346 12.27 -17.84 6.78
CA ALA C 346 12.24 -16.67 7.64
C ALA C 346 12.65 -15.47 6.81
N PRO C 347 12.23 -14.25 7.19
CA PRO C 347 12.49 -13.07 6.34
C PRO C 347 13.90 -12.52 6.46
N HIS C 348 14.86 -13.29 5.96
CA HIS C 348 16.28 -12.92 5.99
C HIS C 348 16.84 -12.64 4.61
N ALA C 349 15.98 -12.37 3.63
CA ALA C 349 16.45 -12.24 2.26
C ALA C 349 17.34 -11.02 2.07
N LYS C 350 17.01 -9.90 2.71
CA LYS C 350 17.82 -8.70 2.53
C LYS C 350 19.20 -8.87 3.16
N ASP C 351 19.25 -9.45 4.37
CA ASP C 351 20.54 -9.76 4.96
C ASP C 351 21.32 -10.76 4.10
N ALA C 352 20.62 -11.76 3.54
CA ALA C 352 21.28 -12.71 2.66
C ALA C 352 21.78 -12.05 1.38
N GLU C 353 21.07 -11.05 0.88
CA GLU C 353 21.57 -10.30 -0.27
C GLU C 353 22.92 -9.68 0.06
N ALA C 354 23.03 -9.10 1.27
CA ALA C 354 24.28 -8.47 1.67
C ALA C 354 25.39 -9.50 1.89
N THR C 355 25.10 -10.60 2.58
CA THR C 355 26.14 -11.61 2.79
C THR C 355 26.54 -12.30 1.49
N ALA C 356 25.58 -12.49 0.57
CA ALA C 356 25.95 -13.04 -0.73
C ALA C 356 26.91 -12.11 -1.46
N ARG C 357 26.64 -10.81 -1.41
CA ARG C 357 27.51 -9.84 -2.08
C ARG C 357 28.92 -9.91 -1.49
N ASP C 358 29.02 -9.91 -0.15
CA ASP C 358 30.31 -10.09 0.51
C ASP C 358 31.03 -11.32 0.01
N ALA C 359 30.29 -12.42 -0.20
CA ALA C 359 30.85 -13.67 -0.69
C ALA C 359 31.16 -13.64 -2.19
N GLY C 360 30.82 -12.57 -2.90
CA GLY C 360 31.13 -12.45 -4.31
C GLY C 360 30.03 -12.86 -5.27
N TYR C 361 28.76 -12.77 -4.87
CA TYR C 361 27.63 -13.13 -5.71
C TYR C 361 26.55 -12.05 -5.63
N LEU C 362 26.08 -11.60 -6.77
CA LEU C 362 25.02 -10.60 -6.82
C LEU C 362 23.67 -11.30 -6.99
N VAL C 363 22.81 -11.15 -6.00
CA VAL C 363 21.45 -11.66 -6.00
C VAL C 363 20.52 -10.53 -5.57
N ASN C 364 19.22 -10.81 -5.54
CA ASN C 364 18.22 -9.79 -5.23
C ASN C 364 17.26 -10.29 -4.16
N ALA C 365 17.07 -9.51 -3.11
CA ALA C 365 16.01 -9.77 -2.14
C ALA C 365 14.74 -9.18 -2.74
N ALA C 366 14.02 -10.02 -3.50
CA ALA C 366 12.80 -9.55 -4.16
C ALA C 366 11.68 -9.34 -3.17
N ALA C 367 11.62 -10.17 -2.14
CA ALA C 367 10.67 -10.06 -1.05
C ALA C 367 11.46 -10.34 0.22
N PRO C 368 10.90 -9.98 1.38
CA PRO C 368 11.63 -10.22 2.64
C PRO C 368 12.07 -11.67 2.82
N ASP C 369 11.37 -12.62 2.18
CA ASP C 369 11.69 -14.04 2.31
C ASP C 369 12.03 -14.72 0.98
N VAL C 370 12.37 -13.96 -0.06
CA VAL C 370 12.69 -14.57 -1.36
C VAL C 370 13.93 -13.93 -1.94
N ILE C 371 14.90 -14.76 -2.33
CA ILE C 371 16.06 -14.34 -3.10
C ILE C 371 15.79 -14.65 -4.56
N ARG C 372 15.83 -13.61 -5.40
CA ARG C 372 15.60 -13.77 -6.83
C ARG C 372 16.93 -13.87 -7.56
N LEU C 373 17.03 -14.83 -8.48
CA LEU C 373 18.17 -14.99 -9.36
C LEU C 373 17.69 -14.83 -10.80
N ALA C 374 18.46 -14.11 -11.60
CA ALA C 374 18.23 -14.02 -13.04
C ALA C 374 19.56 -13.89 -13.76
N PRO C 375 20.37 -14.95 -13.75
CA PRO C 375 21.75 -14.81 -14.26
C PRO C 375 21.78 -14.70 -15.79
N PRO C 376 22.85 -14.17 -16.35
CA PRO C 376 23.02 -14.21 -17.80
C PRO C 376 22.91 -15.64 -18.29
N LEU C 377 22.34 -15.81 -19.49
CA LEU C 377 22.19 -17.15 -20.02
C LEU C 377 23.53 -17.76 -20.44
N ILE C 378 24.60 -16.97 -20.45
CA ILE C 378 25.92 -17.43 -20.81
C ILE C 378 26.72 -17.82 -19.56
N ILE C 379 26.06 -17.79 -18.40
CA ILE C 379 26.77 -18.09 -17.16
C ILE C 379 27.31 -19.52 -17.23
N ALA C 380 28.46 -19.72 -16.60
CA ALA C 380 29.05 -21.06 -16.56
C ALA C 380 28.41 -21.89 -15.46
N GLU C 381 28.21 -23.18 -15.75
CA GLU C 381 27.73 -24.08 -14.72
C GLU C 381 28.63 -24.03 -13.48
N ALA C 382 29.94 -23.91 -13.70
CA ALA C 382 30.88 -23.79 -12.59
C ALA C 382 30.58 -22.58 -11.72
N GLN C 383 30.13 -21.47 -12.34
CA GLN C 383 29.84 -20.29 -11.55
C GLN C 383 28.58 -20.51 -10.71
N LEU C 384 27.58 -21.20 -11.26
CA LEU C 384 26.41 -21.55 -10.47
C LEU C 384 26.77 -22.52 -9.35
N ASP C 385 27.61 -23.51 -9.64
CA ASP C 385 28.00 -24.48 -8.63
C ASP C 385 28.70 -23.79 -7.46
N GLY C 386 29.54 -22.80 -7.75
CA GLY C 386 30.18 -22.06 -6.67
C GLY C 386 29.19 -21.36 -5.78
N PHE C 387 28.17 -20.72 -6.38
CA PHE C 387 27.13 -20.09 -5.59
C PHE C 387 26.43 -21.10 -4.68
N VAL C 388 26.07 -22.27 -5.23
CA VAL C 388 25.35 -23.25 -4.44
C VAL C 388 26.20 -23.72 -3.27
N ALA C 389 27.49 -23.95 -3.52
CA ALA C 389 28.39 -24.38 -2.45
C ALA C 389 28.53 -23.30 -1.38
N ALA C 390 28.47 -22.02 -1.76
CA ALA C 390 28.61 -20.93 -0.81
C ALA C 390 27.31 -20.56 -0.10
N LEU C 391 26.17 -21.03 -0.61
CA LEU C 391 24.89 -20.58 -0.06
C LEU C 391 24.65 -20.96 1.40
N PRO C 392 25.02 -22.15 1.89
CA PRO C 392 24.78 -22.40 3.33
C PRO C 392 25.46 -21.38 4.24
N ALA C 393 26.72 -21.06 3.97
CA ALA C 393 27.42 -20.05 4.77
C ALA C 393 26.82 -18.66 4.56
N ILE C 394 26.41 -18.34 3.34
CA ILE C 394 25.74 -17.08 3.08
C ILE C 394 24.49 -16.94 3.95
N LEU C 395 23.69 -18.01 4.02
CA LEU C 395 22.45 -17.94 4.81
C LEU C 395 22.75 -17.98 6.30
N ASP C 396 23.77 -18.75 6.71
CA ASP C 396 24.14 -18.79 8.12
C ASP C 396 24.60 -17.42 8.60
N ARG C 397 25.38 -16.73 7.77
CA ARG C 397 25.85 -15.37 8.17
C ARG C 397 24.68 -14.40 8.21
N ALA C 398 23.69 -14.55 7.34
CA ALA C 398 22.54 -13.63 7.31
C ALA C 398 21.72 -13.68 8.60
N VAL C 399 21.62 -14.84 9.23
CA VAL C 399 20.78 -14.97 10.46
C VAL C 399 21.57 -14.58 11.72
N THR D 9 14.56 -1.85 -52.56
CA THR D 9 13.88 -0.68 -53.07
C THR D 9 12.97 -0.12 -51.99
N THR D 10 12.56 1.13 -52.17
CA THR D 10 11.64 1.76 -51.22
C THR D 10 10.34 0.98 -51.13
N ALA D 11 9.84 0.50 -52.28
CA ALA D 11 8.58 -0.24 -52.29
C ALA D 11 8.68 -1.53 -51.49
N THR D 12 9.80 -2.24 -51.61
CA THR D 12 9.96 -3.49 -50.87
C THR D 12 10.06 -3.23 -49.37
N MET D 13 10.82 -2.21 -48.98
CA MET D 13 10.94 -1.88 -47.57
C MET D 13 9.60 -1.41 -46.99
N ARG D 14 8.86 -0.57 -47.73
CA ARG D 14 7.55 -0.15 -47.27
C ARG D 14 6.58 -1.33 -47.20
N GLN D 15 6.71 -2.29 -48.11
CA GLN D 15 5.86 -3.47 -48.04
C GLN D 15 6.16 -4.28 -46.78
N ARG D 16 7.44 -4.44 -46.45
CA ARG D 16 7.80 -5.15 -45.23
C ARG D 16 7.28 -4.41 -44.00
N TRP D 17 7.45 -3.09 -43.95
CA TRP D 17 6.87 -2.29 -42.88
C TRP D 17 5.38 -2.58 -42.73
N GLN D 18 4.62 -2.52 -43.83
CA GLN D 18 3.18 -2.68 -43.75
C GLN D 18 2.76 -4.09 -43.36
N ALA D 19 3.63 -5.08 -43.52
CA ALA D 19 3.29 -6.44 -43.14
C ALA D 19 3.48 -6.72 -41.65
N VAL D 20 4.24 -5.90 -40.93
CA VAL D 20 4.65 -6.27 -39.57
C VAL D 20 4.49 -5.16 -38.54
N MET D 21 4.56 -3.90 -38.95
CA MET D 21 4.49 -2.80 -37.99
C MET D 21 3.03 -2.45 -37.68
N MET D 22 2.77 -2.06 -36.43
CA MET D 22 1.48 -1.44 -36.18
C MET D 22 1.40 -0.15 -36.99
N ASN D 23 0.17 0.30 -37.25
CA ASN D 23 -0.07 1.43 -38.14
C ASN D 23 -0.22 2.75 -37.40
N ASN D 24 0.39 2.88 -36.22
CA ASN D 24 0.24 4.10 -35.44
C ASN D 24 1.00 5.29 -36.02
N TYR D 25 1.95 5.06 -36.91
CA TYR D 25 2.66 6.13 -37.62
C TYR D 25 2.23 6.29 -39.06
N GLY D 26 1.29 5.47 -39.53
CA GLY D 26 1.13 5.34 -40.96
C GLY D 26 2.35 4.62 -41.53
N THR D 27 2.47 4.65 -42.86
CA THR D 27 3.60 4.04 -43.53
C THR D 27 4.57 5.12 -43.96
N PRO D 28 5.83 5.08 -43.51
CA PRO D 28 6.78 6.13 -43.87
C PRO D 28 6.93 6.24 -45.37
N PRO D 29 7.03 7.46 -45.90
CA PRO D 29 7.16 7.62 -47.36
C PRO D 29 8.52 7.24 -47.90
N ILE D 30 9.57 7.31 -47.09
CA ILE D 30 10.90 6.91 -47.55
C ILE D 30 11.51 5.93 -46.56
N ALA D 31 12.40 5.10 -47.09
CA ALA D 31 13.15 4.12 -46.30
C ALA D 31 14.61 4.53 -46.32
N LEU D 32 15.16 4.83 -45.15
CA LEU D 32 16.54 5.30 -45.05
C LEU D 32 17.48 4.13 -44.82
N ALA D 33 18.62 4.17 -45.49
CA ALA D 33 19.66 3.15 -45.42
C ALA D 33 20.91 3.58 -44.67
N SER D 34 21.31 4.85 -44.80
CA SER D 34 22.52 5.30 -44.13
C SER D 34 22.45 6.79 -43.88
N GLY D 35 23.33 7.26 -43.00
CA GLY D 35 23.42 8.67 -42.69
C GLY D 35 24.83 9.01 -42.28
N ASP D 36 25.21 10.25 -42.55
CA ASP D 36 26.54 10.73 -42.16
C ASP D 36 26.43 12.25 -42.06
N GLY D 37 26.67 12.77 -40.86
CA GLY D 37 26.54 14.21 -40.67
C GLY D 37 25.09 14.60 -40.82
N ALA D 38 24.81 15.61 -41.64
CA ALA D 38 23.46 16.07 -41.90
C ALA D 38 22.88 15.52 -43.19
N VAL D 39 23.46 14.45 -43.74
CA VAL D 39 22.98 13.87 -44.99
C VAL D 39 22.58 12.43 -44.75
N VAL D 40 21.38 12.07 -45.17
CA VAL D 40 20.91 10.70 -45.14
C VAL D 40 20.66 10.21 -46.56
N THR D 41 20.78 8.90 -46.74
CA THR D 41 20.65 8.25 -48.04
C THR D 41 19.57 7.19 -47.94
N ASP D 42 18.62 7.21 -48.87
CA ASP D 42 17.57 6.21 -48.85
C ASP D 42 18.03 4.92 -49.54
N VAL D 43 17.16 3.91 -49.49
CA VAL D 43 17.49 2.60 -50.05
C VAL D 43 17.67 2.63 -51.56
N ASP D 44 17.13 3.65 -52.23
CA ASP D 44 17.28 3.81 -53.67
C ASP D 44 18.51 4.64 -54.04
N GLY D 45 19.25 5.12 -53.04
CA GLY D 45 20.43 5.92 -53.30
C GLY D 45 20.22 7.42 -53.30
N ARG D 46 18.99 7.88 -53.12
CA ARG D 46 18.78 9.34 -53.09
C ARG D 46 19.29 9.92 -51.77
N THR D 47 19.93 11.07 -51.83
CA THR D 47 20.41 11.74 -50.63
C THR D 47 19.52 12.94 -50.29
N TYR D 48 19.43 13.22 -49.00
CA TYR D 48 18.62 14.32 -48.49
C TYR D 48 19.41 15.04 -47.42
N ILE D 49 19.32 16.37 -47.44
CA ILE D 49 19.89 17.15 -46.35
C ILE D 49 18.88 17.17 -45.22
N ASP D 50 19.32 16.77 -44.02
CA ASP D 50 18.42 16.56 -42.89
C ASP D 50 18.28 17.87 -42.12
N LEU D 51 17.18 18.58 -42.36
CA LEU D 51 16.88 19.80 -41.63
C LEU D 51 15.99 19.54 -40.42
N LEU D 52 15.68 18.27 -40.16
CA LEU D 52 14.78 17.90 -39.07
C LEU D 52 15.47 17.13 -37.95
N GLY D 53 16.62 16.50 -38.22
CA GLY D 53 17.37 15.83 -37.17
C GLY D 53 16.65 14.66 -36.52
N GLY D 54 15.80 13.96 -37.25
CA GLY D 54 14.99 12.91 -36.63
C GLY D 54 14.09 13.45 -35.55
N ILE D 55 13.63 14.70 -35.72
CA ILE D 55 12.81 15.46 -34.79
C ILE D 55 13.64 15.97 -33.61
N ALA D 56 14.68 16.74 -33.92
CA ALA D 56 15.51 17.43 -32.94
C ALA D 56 16.40 16.50 -32.13
N VAL D 57 16.55 15.24 -32.53
CA VAL D 57 17.35 14.28 -31.78
C VAL D 57 18.81 14.32 -32.17
N ASN D 58 19.11 14.37 -33.47
CA ASN D 58 20.48 14.16 -33.93
C ASN D 58 21.24 15.49 -33.86
N VAL D 59 21.49 15.92 -32.62
CA VAL D 59 22.16 17.19 -32.39
C VAL D 59 23.53 17.21 -33.05
N LEU D 60 24.20 16.05 -33.12
CA LEU D 60 25.51 15.94 -33.73
C LEU D 60 25.46 15.21 -35.07
N GLY D 61 24.28 15.08 -35.68
CA GLY D 61 24.15 14.36 -36.93
C GLY D 61 24.39 12.87 -36.76
N HIS D 62 24.61 12.20 -37.89
CA HIS D 62 24.91 10.77 -37.92
C HIS D 62 26.41 10.52 -37.92
N ARG D 63 26.78 9.37 -37.33
CA ARG D 63 28.15 8.87 -37.37
C ARG D 63 29.15 9.86 -36.76
N HIS D 64 28.72 10.59 -35.73
CA HIS D 64 29.65 11.50 -35.10
C HIS D 64 30.73 10.70 -34.39
N PRO D 65 32.01 10.96 -34.67
CA PRO D 65 33.08 10.12 -34.09
C PRO D 65 33.14 10.13 -32.58
N ALA D 66 32.80 11.24 -31.92
CA ALA D 66 32.91 11.27 -30.47
C ALA D 66 31.87 10.38 -29.82
N VAL D 67 30.65 10.34 -30.39
CA VAL D 67 29.61 9.49 -29.84
C VAL D 67 29.93 8.03 -30.09
N ILE D 68 30.35 7.71 -31.32
CA ILE D 68 30.74 6.34 -31.64
C ILE D 68 31.84 5.87 -30.71
N GLU D 69 32.83 6.71 -30.49
CA GLU D 69 33.96 6.32 -29.62
C GLU D 69 33.52 6.11 -28.18
N ALA D 70 32.66 6.99 -27.67
CA ALA D 70 32.20 6.86 -26.30
C ALA D 70 31.38 5.60 -26.11
N VAL D 71 30.50 5.30 -27.06
CA VAL D 71 29.66 4.11 -26.94
C VAL D 71 30.50 2.85 -27.05
N THR D 72 31.39 2.79 -28.05
CA THR D 72 32.22 1.59 -28.22
C THR D 72 33.12 1.37 -27.01
N ARG D 73 33.77 2.42 -26.53
CA ARG D 73 34.64 2.28 -25.34
C ARG D 73 33.81 1.81 -24.13
N GLN D 74 32.63 2.38 -23.91
CA GLN D 74 31.88 1.97 -22.74
C GLN D 74 31.36 0.54 -22.86
N MET D 75 30.89 0.15 -24.05
CA MET D 75 30.41 -1.22 -24.23
C MET D 75 31.52 -2.22 -23.98
N SER D 76 32.76 -1.84 -24.27
CA SER D 76 33.91 -2.70 -24.03
C SER D 76 34.45 -2.59 -22.61
N THR D 77 33.76 -1.87 -21.73
CA THR D 77 34.19 -1.72 -20.34
C THR D 77 33.12 -2.24 -19.38
N LEU D 78 31.91 -1.67 -19.44
CA LEU D 78 30.84 -2.07 -18.54
C LEU D 78 29.53 -1.61 -19.17
N GLY D 79 28.60 -2.54 -19.35
CA GLY D 79 27.29 -2.24 -19.89
C GLY D 79 26.28 -1.97 -18.79
N HIS D 80 25.02 -2.22 -19.09
CA HIS D 80 23.94 -2.04 -18.14
C HIS D 80 24.25 -2.75 -16.82
N THR D 81 23.97 -2.07 -15.71
CA THR D 81 24.02 -2.72 -14.39
C THR D 81 22.74 -2.63 -13.60
N SER D 82 21.85 -1.67 -13.91
CA SER D 82 20.74 -1.25 -13.07
C SER D 82 21.23 -0.36 -11.95
N ASN D 83 20.32 0.38 -11.34
CA ASN D 83 20.63 1.31 -10.27
C ASN D 83 20.72 0.65 -8.90
N LEU D 84 20.79 -0.68 -8.87
CA LEU D 84 21.26 -1.35 -7.67
C LEU D 84 22.74 -1.10 -7.44
N TYR D 85 23.45 -0.59 -8.44
CA TYR D 85 24.88 -0.35 -8.36
C TYR D 85 25.19 1.02 -8.94
N ALA D 86 26.08 1.74 -8.28
CA ALA D 86 26.56 3.01 -8.79
C ALA D 86 27.55 2.79 -9.92
N THR D 87 27.47 3.62 -10.96
CA THR D 87 28.39 3.53 -12.08
C THR D 87 28.77 4.94 -12.52
N GLU D 88 29.99 5.06 -13.04
CA GLU D 88 30.58 6.38 -13.30
C GLU D 88 29.85 7.21 -14.34
N PRO D 89 29.52 6.71 -15.54
CA PRO D 89 28.96 7.62 -16.56
C PRO D 89 27.70 8.34 -16.13
N GLY D 90 26.75 7.66 -15.50
CA GLY D 90 25.53 8.35 -15.08
C GLY D 90 25.79 9.38 -14.00
N ILE D 91 26.68 9.09 -13.06
CA ILE D 91 27.01 10.07 -12.03
C ILE D 91 27.67 11.29 -12.66
N ALA D 92 28.62 11.06 -13.56
CA ALA D 92 29.30 12.18 -14.22
C ALA D 92 28.33 12.98 -15.07
N LEU D 93 27.40 12.30 -15.75
CA LEU D 93 26.42 13.01 -16.55
C LEU D 93 25.51 13.86 -15.68
N ALA D 94 25.05 13.31 -14.55
CA ALA D 94 24.23 14.09 -13.64
C ALA D 94 24.98 15.31 -13.13
N GLU D 95 26.26 15.14 -12.76
CA GLU D 95 27.06 16.28 -12.33
C GLU D 95 27.18 17.33 -13.44
N GLU D 96 27.40 16.89 -14.68
CA GLU D 96 27.56 17.84 -15.78
C GLU D 96 26.27 18.58 -16.07
N LEU D 97 25.13 17.87 -16.04
CA LEU D 97 23.84 18.51 -16.27
C LEU D 97 23.51 19.49 -15.15
N VAL D 98 23.79 19.13 -13.90
CA VAL D 98 23.55 20.05 -12.79
C VAL D 98 24.38 21.31 -12.95
N ALA D 99 25.64 21.15 -13.36
CA ALA D 99 26.50 22.32 -13.58
C ALA D 99 25.94 23.21 -14.69
N LEU D 100 25.46 22.60 -15.78
CA LEU D 100 24.91 23.39 -16.88
C LEU D 100 23.64 24.12 -16.48
N LEU D 101 22.82 23.52 -15.61
CA LEU D 101 21.61 24.20 -15.15
C LEU D 101 21.96 25.41 -14.30
N GLY D 102 23.02 25.30 -13.51
CA GLY D 102 23.51 26.43 -12.69
C GLY D 102 22.51 26.98 -11.69
N ALA D 103 21.73 26.13 -11.03
CA ALA D 103 20.73 26.61 -10.05
C ALA D 103 21.41 27.01 -8.74
N ASP D 104 20.73 27.80 -7.95
CA ASP D 104 21.31 28.27 -6.68
C ASP D 104 21.16 27.22 -5.60
N GLN D 105 20.14 26.37 -5.72
CA GLN D 105 19.93 25.35 -4.68
C GLN D 105 20.39 23.98 -5.17
N ARG D 106 20.45 23.02 -4.27
CA ARG D 106 20.88 21.69 -4.69
C ARG D 106 19.93 21.15 -5.74
N THR D 107 20.49 20.55 -6.77
CA THR D 107 19.73 19.96 -7.86
C THR D 107 20.03 18.48 -7.90
N ARG D 108 18.98 17.66 -8.10
CA ARG D 108 19.15 16.22 -8.16
C ARG D 108 18.55 15.70 -9.46
N VAL D 109 19.03 14.53 -9.89
CA VAL D 109 18.79 14.01 -11.24
C VAL D 109 18.20 12.61 -11.16
N PHE D 110 17.18 12.36 -11.98
CA PHE D 110 16.68 11.01 -12.22
C PHE D 110 16.75 10.74 -13.72
N PHE D 111 17.32 9.59 -14.10
CA PHE D 111 17.46 9.26 -15.51
C PHE D 111 16.38 8.28 -15.95
N CYS D 112 16.00 8.39 -17.22
CA CYS D 112 15.02 7.47 -17.80
C CYS D 112 15.35 7.35 -19.29
N ASN D 113 14.36 6.95 -20.10
CA ASN D 113 14.67 6.57 -21.47
C ASN D 113 14.09 7.49 -22.52
N SER D 114 13.22 8.43 -22.16
CA SER D 114 12.47 9.15 -23.17
C SER D 114 11.91 10.42 -22.56
N GLY D 115 11.41 11.29 -23.43
CA GLY D 115 10.75 12.50 -22.95
C GLY D 115 9.47 12.21 -22.20
N ALA D 116 8.66 11.29 -22.70
CA ALA D 116 7.46 10.92 -21.96
C ALA D 116 7.82 10.41 -20.57
N GLU D 117 8.84 9.56 -20.46
CA GLU D 117 9.22 9.06 -19.14
C GLU D 117 9.74 10.17 -18.24
N ALA D 118 10.48 11.14 -18.81
CA ALA D 118 10.97 12.25 -18.00
C ALA D 118 9.81 13.04 -17.43
N ASN D 119 8.78 13.29 -18.26
CA ASN D 119 7.62 14.02 -17.77
C ASN D 119 6.75 13.17 -16.85
N GLU D 120 6.77 11.84 -17.01
CA GLU D 120 6.09 10.98 -16.04
C GLU D 120 6.74 11.11 -14.67
N ALA D 121 8.06 11.17 -14.64
CA ALA D 121 8.75 11.38 -13.37
C ALA D 121 8.35 12.72 -12.77
N ALA D 122 8.26 13.75 -13.61
CA ALA D 122 7.85 15.05 -13.11
C ALA D 122 6.40 15.03 -12.64
N PHE D 123 5.52 14.35 -13.39
CA PHE D 123 4.13 14.15 -12.95
C PHE D 123 4.10 13.50 -11.57
N LYS D 124 4.85 12.43 -11.38
CA LYS D 124 4.85 11.75 -10.09
C LYS D 124 5.42 12.64 -8.99
N LEU D 125 6.49 13.39 -9.31
CA LEU D 125 7.01 14.36 -8.36
C LEU D 125 5.92 15.33 -7.92
N SER D 126 5.10 15.78 -8.87
CA SER D 126 4.05 16.73 -8.55
C SER D 126 3.02 16.13 -7.59
N ARG D 127 2.76 14.82 -7.66
CA ARG D 127 1.81 14.22 -6.75
C ARG D 127 2.31 14.30 -5.31
N LEU D 128 3.63 14.28 -5.13
CA LEU D 128 4.22 14.26 -3.80
C LEU D 128 4.19 15.63 -3.11
N THR D 129 3.68 16.65 -3.79
CA THR D 129 3.41 17.93 -3.13
C THR D 129 2.13 17.90 -2.31
N GLY D 130 1.35 16.83 -2.39
CA GLY D 130 0.05 16.79 -1.76
C GLY D 130 -1.06 17.41 -2.56
N ARG D 131 -0.76 17.93 -3.75
CA ARG D 131 -1.78 18.52 -4.61
C ARG D 131 -1.92 17.68 -5.88
N THR D 132 -3.11 17.72 -6.47
CA THR D 132 -3.39 16.89 -7.64
C THR D 132 -3.76 17.70 -8.88
N LYS D 133 -3.89 19.00 -8.75
CA LYS D 133 -4.26 19.85 -9.90
C LYS D 133 -3.01 20.27 -10.69
N LEU D 134 -3.11 20.19 -12.00
CA LEU D 134 -2.00 20.48 -12.88
C LEU D 134 -2.47 21.46 -13.96
N VAL D 135 -1.54 22.30 -14.42
CA VAL D 135 -1.85 23.25 -15.49
C VAL D 135 -0.82 23.08 -16.60
N ALA D 136 -1.30 23.04 -17.84
CA ALA D 136 -0.44 23.02 -19.01
C ALA D 136 -1.11 23.86 -20.09
N ALA D 137 -0.47 23.94 -21.25
CA ALA D 137 -0.93 24.85 -22.29
C ALA D 137 -1.66 24.10 -23.39
N HIS D 138 -2.71 24.72 -23.93
CA HIS D 138 -3.34 24.20 -25.13
C HIS D 138 -2.28 24.04 -26.22
N ASP D 139 -2.31 22.90 -26.90
CA ASP D 139 -1.41 22.53 -28.02
C ASP D 139 -0.02 22.10 -27.53
N ALA D 140 0.20 22.08 -26.24
CA ALA D 140 1.49 21.64 -25.75
C ALA D 140 1.66 20.15 -26.03
N PHE D 141 2.92 19.73 -26.16
CA PHE D 141 3.24 18.31 -26.32
C PHE D 141 4.23 17.90 -25.26
N HIS D 142 3.85 16.91 -24.45
CA HIS D 142 4.70 16.44 -23.36
C HIS D 142 4.92 14.95 -23.40
N GLY D 143 4.38 14.25 -24.39
CA GLY D 143 4.57 12.82 -24.49
C GLY D 143 3.26 12.07 -24.58
N ARG D 144 3.39 10.76 -24.78
CA ARG D 144 2.23 9.94 -25.17
C ARG D 144 1.85 8.83 -24.19
N THR D 145 2.63 8.61 -23.16
CA THR D 145 2.22 7.68 -22.11
C THR D 145 1.07 8.31 -21.30
N MET D 146 0.43 7.54 -20.44
CA MET D 146 -0.88 7.99 -19.91
C MET D 146 -0.75 9.26 -19.08
N GLY D 147 0.31 9.40 -18.28
CA GLY D 147 0.47 10.60 -17.49
C GLY D 147 0.87 11.79 -18.35
N SER D 148 1.88 11.59 -19.20
CA SER D 148 2.33 12.69 -20.05
CA SER D 148 2.34 12.69 -20.06
C SER D 148 1.26 13.09 -21.07
N LEU D 149 0.43 12.14 -21.51
CA LEU D 149 -0.64 12.46 -22.45
C LEU D 149 -1.70 13.33 -21.80
N ALA D 150 -1.92 13.17 -20.49
CA ALA D 150 -2.84 14.07 -19.79
C ALA D 150 -2.33 15.50 -19.81
N LEU D 151 -1.00 15.67 -19.81
CA LEU D 151 -0.41 17.01 -19.82
C LEU D 151 -0.39 17.61 -21.22
N THR D 152 -0.07 16.78 -22.20
CA THR D 152 -0.18 17.17 -23.60
C THR D 152 -1.55 17.84 -23.85
N GLY D 153 -1.53 18.97 -24.54
CA GLY D 153 -2.76 19.75 -24.70
C GLY D 153 -3.42 19.56 -26.04
N GLN D 154 -3.58 18.31 -26.44
CA GLN D 154 -4.08 17.95 -27.79
C GLN D 154 -5.27 17.04 -27.67
N PRO D 155 -6.47 17.60 -27.61
CA PRO D 155 -7.67 16.79 -27.35
C PRO D 155 -7.90 15.69 -28.36
N ALA D 156 -7.50 15.89 -29.61
CA ALA D 156 -7.66 14.85 -30.62
C ALA D 156 -6.80 13.64 -30.32
N LYS D 157 -5.65 13.85 -29.67
CA LYS D 157 -4.76 12.71 -29.34
C LYS D 157 -5.16 12.11 -27.99
N GLN D 158 -5.90 12.85 -27.18
CA GLN D 158 -6.24 12.39 -25.82
C GLN D 158 -7.57 11.64 -25.77
N THR D 159 -8.56 12.13 -26.51
CA THR D 159 -9.95 11.61 -26.45
C THR D 159 -10.07 10.11 -26.58
N PRO D 160 -9.38 9.43 -27.51
CA PRO D 160 -9.52 7.98 -27.62
C PRO D 160 -9.07 7.18 -26.39
N PHE D 161 -8.20 7.75 -25.55
CA PHE D 161 -7.61 7.07 -24.39
C PHE D 161 -8.23 7.51 -23.07
N ALA D 162 -9.30 8.31 -23.14
CA ALA D 162 -9.95 8.76 -21.90
C ALA D 162 -10.55 7.58 -21.17
N PRO D 163 -10.59 7.59 -19.83
CA PRO D 163 -10.10 8.69 -19.05
C PRO D 163 -8.59 8.71 -18.75
N LEU D 164 -8.05 9.91 -18.77
CA LEU D 164 -6.62 10.13 -18.46
C LEU D 164 -6.51 10.53 -17.00
N PRO D 165 -5.33 10.42 -16.36
CA PRO D 165 -5.18 10.83 -14.97
C PRO D 165 -5.37 12.35 -14.84
N GLY D 166 -5.89 12.77 -13.69
CA GLY D 166 -6.23 14.19 -13.49
C GLY D 166 -5.26 14.90 -12.59
N ASP D 167 -5.60 16.12 -12.17
CA ASP D 167 -6.72 16.95 -12.72
C ASP D 167 -6.06 18.08 -13.49
N VAL D 168 -6.14 18.03 -14.80
CA VAL D 168 -5.35 18.98 -15.63
C VAL D 168 -6.25 20.03 -16.26
N THR D 169 -5.81 21.26 -16.15
CA THR D 169 -6.47 22.40 -16.82
C THR D 169 -5.49 22.91 -17.87
N HIS D 170 -5.99 23.14 -19.07
CA HIS D 170 -5.17 23.71 -20.16
C HIS D 170 -5.57 25.16 -20.39
N VAL D 171 -4.56 26.00 -20.58
CA VAL D 171 -4.74 27.45 -20.82
C VAL D 171 -4.01 27.85 -22.10
N GLY D 172 -4.39 28.99 -22.68
CA GLY D 172 -3.70 29.45 -23.89
C GLY D 172 -2.24 29.71 -23.63
N TYR D 173 -1.39 29.21 -24.51
CA TYR D 173 0.04 29.39 -24.31
C TYR D 173 0.42 30.85 -24.42
N GLY D 174 1.31 31.28 -23.53
CA GLY D 174 1.83 32.63 -23.61
C GLY D 174 0.94 33.71 -23.02
N ASP D 175 -0.20 33.34 -22.44
CA ASP D 175 -1.18 34.29 -21.91
C ASP D 175 -1.00 34.37 -20.39
N VAL D 176 -0.44 35.48 -19.93
CA VAL D 176 -0.06 35.60 -18.51
C VAL D 176 -1.28 35.54 -17.60
N ASP D 177 -2.33 36.29 -17.92
CA ASP D 177 -3.46 36.34 -17.01
C ASP D 177 -4.27 35.04 -17.03
N ALA D 178 -4.34 34.37 -18.18
CA ALA D 178 -4.97 33.05 -18.23
C ALA D 178 -4.22 32.07 -17.33
N LEU D 179 -2.89 32.11 -17.35
CA LEU D 179 -2.13 31.25 -16.46
C LEU D 179 -2.38 31.63 -15.00
N ALA D 180 -2.36 32.92 -14.69
CA ALA D 180 -2.59 33.35 -13.32
C ALA D 180 -3.96 32.91 -12.81
N ALA D 181 -4.97 32.96 -13.68
CA ALA D 181 -6.32 32.59 -13.24
C ALA D 181 -6.44 31.10 -12.99
N ALA D 182 -5.66 30.29 -13.69
CA ALA D 182 -5.76 28.85 -13.57
C ALA D 182 -4.96 28.27 -12.42
N VAL D 183 -3.96 28.99 -11.91
CA VAL D 183 -3.08 28.51 -10.86
C VAL D 183 -3.56 29.05 -9.52
N ASP D 184 -3.73 28.17 -8.53
CA ASP D 184 -4.11 28.59 -7.18
C ASP D 184 -3.34 27.74 -6.18
N ASP D 185 -3.74 27.83 -4.90
CA ASP D 185 -3.03 27.11 -3.85
C ASP D 185 -3.32 25.62 -3.84
N HIS D 186 -4.13 25.12 -4.77
CA HIS D 186 -4.34 23.70 -4.95
C HIS D 186 -3.59 23.15 -6.17
N THR D 187 -2.81 23.97 -6.84
CA THR D 187 -2.11 23.56 -8.06
C THR D 187 -0.77 22.93 -7.71
N ALA D 188 -0.58 21.66 -8.11
CA ALA D 188 0.67 20.98 -7.84
C ALA D 188 1.79 21.51 -8.72
N ALA D 189 1.51 21.75 -10.00
CA ALA D 189 2.57 22.11 -10.93
C ALA D 189 1.98 22.73 -12.18
N VAL D 190 2.79 23.57 -12.81
CA VAL D 190 2.57 24.06 -14.18
C VAL D 190 3.66 23.45 -15.05
N PHE D 191 3.26 22.86 -16.17
CA PHE D 191 4.19 22.35 -17.18
C PHE D 191 4.15 23.30 -18.38
N LEU D 192 5.33 23.72 -18.85
CA LEU D 192 5.43 24.56 -20.03
C LEU D 192 6.66 24.17 -20.83
N GLU D 193 6.50 24.14 -22.16
CA GLU D 193 7.63 24.15 -23.07
C GLU D 193 8.10 25.60 -23.23
N PRO D 194 9.41 25.86 -23.22
CA PRO D 194 9.87 27.25 -23.43
C PRO D 194 9.57 27.77 -24.83
N ILE D 195 9.51 26.88 -25.80
CA ILE D 195 8.95 27.13 -27.13
C ILE D 195 8.15 25.88 -27.45
N MET D 196 6.89 26.04 -27.83
CA MET D 196 6.11 24.83 -28.15
C MET D 196 6.61 24.28 -29.50
N GLY D 197 7.15 23.07 -29.48
CA GLY D 197 7.75 22.55 -30.73
C GLY D 197 6.76 21.90 -31.65
N GLU D 198 6.16 20.82 -31.20
CA GLU D 198 5.21 19.99 -31.98
C GLU D 198 4.05 20.82 -32.56
N SER D 199 3.55 21.81 -31.83
CA SER D 199 2.44 22.62 -32.35
C SER D 199 2.92 23.62 -33.41
N GLY D 200 4.23 23.84 -33.59
CA GLY D 200 4.62 24.75 -34.64
C GLY D 200 5.65 25.81 -34.27
N VAL D 201 6.55 25.49 -33.34
CA VAL D 201 7.60 26.41 -32.90
C VAL D 201 6.96 27.71 -32.42
N VAL D 202 6.06 27.60 -31.45
CA VAL D 202 5.35 28.76 -30.93
C VAL D 202 6.18 29.38 -29.82
N VAL D 203 6.59 30.62 -30.02
CA VAL D 203 7.45 31.33 -29.06
C VAL D 203 6.55 32.19 -28.18
N PRO D 204 6.74 32.18 -26.86
CA PRO D 204 5.89 32.98 -25.99
C PRO D 204 6.36 34.43 -25.96
N PRO D 205 5.52 35.34 -25.47
CA PRO D 205 5.94 36.75 -25.35
C PRO D 205 7.08 36.88 -24.36
N ALA D 206 7.88 37.93 -24.54
CA ALA D 206 8.93 38.26 -23.59
C ALA D 206 8.34 38.34 -22.19
N GLY D 207 9.06 37.77 -21.22
CA GLY D 207 8.63 37.79 -19.84
C GLY D 207 7.68 36.68 -19.43
N TYR D 208 7.16 35.88 -20.36
CA TYR D 208 6.09 34.93 -20.03
C TYR D 208 6.58 33.85 -19.07
N LEU D 209 7.75 33.26 -19.33
CA LEU D 209 8.27 32.23 -18.43
C LEU D 209 8.59 32.81 -17.06
N ALA D 210 9.13 34.03 -17.00
CA ALA D 210 9.36 34.69 -15.72
C ALA D 210 8.05 34.93 -14.98
N ALA D 211 6.99 35.29 -15.71
CA ALA D 211 5.68 35.44 -15.10
C ALA D 211 5.18 34.09 -14.57
N ALA D 212 5.39 33.03 -15.37
CA ALA D 212 5.02 31.70 -14.89
C ALA D 212 5.79 31.35 -13.62
N ARG D 213 7.07 31.72 -13.57
CA ARG D 213 7.87 31.46 -12.38
C ARG D 213 7.31 32.21 -11.18
N ASP D 214 6.92 33.48 -11.37
CA ASP D 214 6.38 34.28 -10.27
C ASP D 214 5.03 33.73 -9.81
N ILE D 215 4.13 33.45 -10.76
CA ILE D 215 2.80 32.94 -10.44
C ILE D 215 2.90 31.65 -9.63
N THR D 216 3.71 30.70 -10.12
CA THR D 216 3.82 29.43 -9.40
C THR D 216 4.46 29.60 -8.04
N ALA D 217 5.52 30.43 -7.95
CA ALA D 217 6.16 30.65 -6.66
C ALA D 217 5.18 31.25 -5.65
N ARG D 218 4.34 32.20 -6.08
CA ARG D 218 3.43 32.85 -5.16
C ARG D 218 2.34 31.91 -4.70
N ARG D 219 1.98 30.91 -5.50
CA ARG D 219 0.92 29.98 -5.16
C ARG D 219 1.40 28.64 -4.64
N GLY D 220 2.72 28.46 -4.48
CA GLY D 220 3.25 27.20 -3.99
C GLY D 220 3.23 26.06 -4.99
N ALA D 221 3.09 26.36 -6.28
CA ALA D 221 3.10 25.34 -7.31
C ALA D 221 4.50 25.17 -7.87
N LEU D 222 4.80 23.96 -8.34
CA LEU D 222 6.05 23.73 -9.06
C LEU D 222 5.94 24.31 -10.46
N LEU D 223 7.05 24.86 -10.95
CA LEU D 223 7.20 25.18 -12.36
C LEU D 223 8.06 24.10 -12.99
N VAL D 224 7.49 23.37 -13.94
CA VAL D 224 8.21 22.32 -14.67
C VAL D 224 8.41 22.83 -16.09
N LEU D 225 9.66 22.95 -16.51
CA LEU D 225 9.97 23.34 -17.89
C LEU D 225 10.40 22.10 -18.66
N ASP D 226 9.67 21.82 -19.74
CA ASP D 226 9.94 20.66 -20.60
C ASP D 226 10.88 21.16 -21.69
N GLU D 227 12.17 20.81 -21.54
CA GLU D 227 13.22 21.17 -22.49
C GLU D 227 13.59 19.98 -23.37
N VAL D 228 12.69 19.02 -23.54
CA VAL D 228 12.99 17.83 -24.35
C VAL D 228 13.37 18.23 -25.77
N GLN D 229 12.65 19.19 -26.34
CA GLN D 229 12.93 19.64 -27.70
C GLN D 229 13.76 20.92 -27.76
N THR D 230 13.63 21.80 -26.78
CA THR D 230 14.34 23.08 -26.81
C THR D 230 15.73 23.03 -26.20
N GLY D 231 16.13 21.92 -25.55
CA GLY D 231 17.37 21.87 -24.82
C GLY D 231 18.56 21.51 -25.70
N MET D 232 19.62 21.04 -25.06
CA MET D 232 20.84 20.61 -25.74
C MET D 232 21.49 21.72 -26.56
N GLY D 233 21.31 22.96 -26.15
CA GLY D 233 21.96 24.09 -26.81
C GLY D 233 21.30 24.57 -28.08
N ARG D 234 20.18 23.98 -28.48
CA ARG D 234 19.62 24.26 -29.80
C ARG D 234 19.28 25.73 -29.97
N THR D 235 18.87 26.43 -28.90
CA THR D 235 18.44 27.81 -29.03
C THR D 235 19.54 28.84 -28.76
N GLY D 236 20.78 28.41 -28.57
CA GLY D 236 21.84 29.34 -28.25
C GLY D 236 22.15 29.49 -26.79
N ALA D 237 21.42 28.77 -25.93
CA ALA D 237 21.80 28.57 -24.54
C ALA D 237 21.53 27.10 -24.28
N PHE D 238 22.23 26.51 -23.31
CA PHE D 238 22.07 25.07 -23.13
C PHE D 238 20.61 24.70 -22.88
N PHE D 239 19.99 25.35 -21.90
CA PHE D 239 18.55 25.28 -21.69
C PHE D 239 17.94 26.56 -22.25
N ALA D 240 16.88 26.40 -23.05
CA ALA D 240 16.24 27.57 -23.64
C ALA D 240 15.73 28.53 -22.57
N HIS D 241 15.35 28.02 -21.40
CA HIS D 241 14.84 28.93 -20.37
C HIS D 241 15.93 29.80 -19.78
N GLN D 242 17.20 29.50 -20.04
CA GLN D 242 18.28 30.32 -19.51
C GLN D 242 18.37 31.65 -20.23
N HIS D 243 17.74 31.78 -21.40
CA HIS D 243 17.63 33.11 -22.01
C HIS D 243 16.80 34.04 -21.15
N ASP D 244 15.93 33.50 -20.30
CA ASP D 244 14.99 34.29 -19.52
C ASP D 244 15.41 34.49 -18.08
N GLY D 245 16.57 33.95 -17.68
CA GLY D 245 17.10 34.19 -16.35
C GLY D 245 16.25 33.68 -15.21
N ILE D 246 15.52 32.59 -15.42
CA ILE D 246 14.72 31.99 -14.37
C ILE D 246 15.27 30.61 -14.08
N THR D 247 14.95 30.10 -12.91
CA THR D 247 15.25 28.70 -12.59
C THR D 247 13.96 28.03 -12.17
N PRO D 248 13.49 27.05 -12.93
CA PRO D 248 12.28 26.34 -12.57
C PRO D 248 12.59 25.36 -11.45
N ASP D 249 11.53 24.72 -10.96
CA ASP D 249 11.72 23.68 -9.95
C ASP D 249 12.09 22.35 -10.57
N VAL D 250 11.62 22.08 -11.79
CA VAL D 250 11.87 20.80 -12.46
C VAL D 250 12.15 21.11 -13.94
N VAL D 251 13.12 20.39 -14.52
CA VAL D 251 13.42 20.48 -15.95
C VAL D 251 13.48 19.06 -16.49
N THR D 252 12.84 18.84 -17.63
CA THR D 252 12.91 17.53 -18.29
C THR D 252 13.65 17.65 -19.62
N LEU D 253 14.43 16.63 -19.91
CA LEU D 253 15.29 16.54 -21.12
C LEU D 253 15.17 15.13 -21.71
N ALA D 254 15.31 15.06 -23.03
CA ALA D 254 15.42 13.80 -23.78
C ALA D 254 15.84 14.15 -25.21
N1 LLP D 255 8.13 16.77 -24.72
C2 LLP D 255 8.49 17.45 -25.79
C2' LLP D 255 8.50 18.94 -25.72
C3 LLP D 255 8.89 16.81 -26.94
O3 LLP D 255 9.22 17.56 -27.98
C4 LLP D 255 8.89 15.40 -26.99
C4' LLP D 255 9.39 14.75 -28.21
C5 LLP D 255 8.47 14.71 -25.84
C6 LLP D 255 8.08 15.44 -24.75
C5' LLP D 255 8.31 13.23 -25.78
OP4 LLP D 255 9.53 12.48 -26.01
P LLP D 255 9.45 10.93 -26.35
OP1 LLP D 255 8.91 10.83 -27.69
OP2 LLP D 255 10.85 10.53 -26.19
OP3 LLP D 255 8.56 10.31 -25.35
N LLP D 255 15.22 13.51 -26.18
CA LLP D 255 15.55 13.72 -27.62
CB LLP D 255 14.75 14.88 -28.21
CG LLP D 255 13.29 14.53 -28.45
CD LLP D 255 12.51 15.48 -29.34
CE LLP D 255 11.20 14.88 -29.82
NZ LLP D 255 10.07 15.43 -29.07
C LLP D 255 17.06 13.79 -27.87
O LLP D 255 17.67 12.78 -27.85
N GLY D 256 17.63 14.98 -28.02
CA GLY D 256 19.06 15.09 -28.35
C GLY D 256 20.02 14.80 -27.20
N LEU D 257 19.51 14.52 -26.01
CA LEU D 257 20.39 14.34 -24.85
C LEU D 257 21.47 13.29 -25.09
N GLY D 258 21.13 12.21 -25.77
CA GLY D 258 22.12 11.16 -26.02
C GLY D 258 22.64 11.14 -27.45
N GLY D 259 22.44 12.23 -28.18
CA GLY D 259 22.90 12.27 -29.56
C GLY D 259 22.29 11.21 -30.45
N GLY D 260 21.19 10.60 -30.00
CA GLY D 260 20.55 9.54 -30.75
C GLY D 260 20.29 8.31 -29.91
N LEU D 261 21.13 8.06 -28.92
CA LEU D 261 20.90 6.96 -28.01
C LEU D 261 19.77 7.31 -27.05
N PRO D 262 18.90 6.37 -26.70
CA PRO D 262 17.72 6.71 -25.90
C PRO D 262 18.10 7.00 -24.46
N ILE D 263 17.85 8.24 -24.04
CA ILE D 263 18.05 8.67 -22.66
C ILE D 263 17.22 9.92 -22.43
N GLY D 264 16.66 10.01 -21.23
CA GLY D 264 15.98 11.21 -20.78
C GLY D 264 16.39 11.52 -19.35
N ALA D 265 16.05 12.72 -18.90
CA ALA D 265 16.40 13.10 -17.54
C ALA D 265 15.37 14.05 -16.97
N CYS D 266 15.15 13.93 -15.67
CA CYS D 266 14.34 14.86 -14.91
C CYS D 266 15.24 15.47 -13.84
N LEU D 267 15.44 16.79 -13.90
CA LEU D 267 16.22 17.51 -12.90
C LEU D 267 15.26 18.25 -11.98
N ALA D 268 15.51 18.18 -10.67
CA ALA D 268 14.66 18.88 -9.71
C ALA D 268 15.52 19.72 -8.80
N VAL D 269 15.04 20.91 -8.44
CA VAL D 269 15.82 21.92 -7.74
C VAL D 269 15.18 22.21 -6.39
N GLY D 270 16.04 22.35 -5.37
CA GLY D 270 15.56 22.72 -4.05
C GLY D 270 14.71 21.63 -3.41
N PRO D 271 13.65 22.03 -2.70
CA PRO D 271 12.81 21.03 -2.02
C PRO D 271 12.22 20.00 -2.97
N ALA D 272 11.98 20.37 -4.23
CA ALA D 272 11.44 19.42 -5.20
C ALA D 272 12.40 18.26 -5.41
N ALA D 273 13.71 18.49 -5.26
CA ALA D 273 14.70 17.44 -5.41
C ALA D 273 14.63 16.40 -4.32
N GLU D 274 13.96 16.67 -3.22
CA GLU D 274 13.91 15.76 -2.09
C GLU D 274 12.63 14.94 -2.03
N LEU D 275 11.69 15.16 -2.95
CA LEU D 275 10.37 14.54 -2.84
C LEU D 275 10.42 13.04 -3.09
N LEU D 276 11.20 12.61 -4.08
CA LEU D 276 11.31 11.19 -4.38
C LEU D 276 12.24 10.53 -3.37
N THR D 277 11.68 9.65 -2.55
CA THR D 277 12.39 8.93 -1.52
C THR D 277 12.56 7.47 -1.97
N PRO D 278 13.35 6.68 -1.24
CA PRO D 278 13.69 5.34 -1.78
C PRO D 278 12.45 4.49 -2.00
N GLY D 279 12.41 3.83 -3.16
CA GLY D 279 11.31 2.97 -3.53
C GLY D 279 10.16 3.62 -4.28
N LEU D 280 10.16 4.94 -4.42
CA LEU D 280 8.99 5.62 -4.96
C LEU D 280 9.00 5.77 -6.48
N HIS D 281 10.14 5.53 -7.13
CA HIS D 281 10.18 5.58 -8.59
C HIS D 281 11.44 4.88 -9.07
N GLY D 282 11.45 4.54 -10.35
CA GLY D 282 12.62 3.92 -10.96
C GLY D 282 12.35 3.58 -12.40
N SER D 283 13.43 3.20 -13.09
CA SER D 283 13.37 2.75 -14.48
C SER D 283 14.56 1.82 -14.69
N THR D 284 14.31 0.59 -15.15
CA THR D 284 15.37 -0.40 -15.24
C THR D 284 16.60 0.11 -15.96
N PHE D 285 16.43 0.64 -17.19
CA PHE D 285 17.55 1.08 -18.01
C PHE D 285 18.05 2.48 -17.63
N GLY D 286 17.40 3.17 -16.71
CA GLY D 286 17.77 4.56 -16.45
C GLY D 286 19.21 4.76 -16.02
N GLY D 287 19.89 5.69 -16.69
CA GLY D 287 21.24 6.01 -16.29
C GLY D 287 22.26 4.96 -16.64
N ASN D 288 21.95 4.07 -17.58
CA ASN D 288 22.87 3.00 -17.88
C ASN D 288 24.16 3.54 -18.48
N PRO D 289 25.29 2.85 -18.27
CA PRO D 289 26.58 3.42 -18.67
C PRO D 289 26.72 3.77 -20.14
N VAL D 290 26.14 2.98 -21.05
CA VAL D 290 26.36 3.20 -22.48
C VAL D 290 25.65 4.47 -22.95
N CYS D 291 24.39 4.62 -22.56
CA CYS D 291 23.64 5.81 -22.96
C CYS D 291 24.18 7.05 -22.27
N ALA D 292 24.56 6.93 -21.00
CA ALA D 292 25.16 8.06 -20.29
C ALA D 292 26.48 8.46 -20.92
N ALA D 293 27.27 7.46 -21.35
CA ALA D 293 28.53 7.78 -22.04
C ALA D 293 28.28 8.55 -23.32
N ALA D 294 27.25 8.16 -24.08
CA ALA D 294 26.91 8.89 -25.29
C ALA D 294 26.54 10.34 -24.99
N ALA D 295 25.72 10.55 -23.96
CA ALA D 295 25.31 11.89 -23.58
C ALA D 295 26.50 12.73 -23.12
N LEU D 296 27.41 12.12 -22.34
CA LEU D 296 28.61 12.83 -21.93
C LEU D 296 29.42 13.28 -23.13
N ALA D 297 29.51 12.44 -24.16
CA ALA D 297 30.21 12.83 -25.39
C ALA D 297 29.53 14.01 -26.07
N VAL D 298 28.19 14.00 -26.11
CA VAL D 298 27.47 15.11 -26.72
C VAL D 298 27.78 16.41 -25.98
N LEU D 299 27.77 16.37 -24.65
CA LEU D 299 28.10 17.56 -23.88
C LEU D 299 29.52 18.03 -24.18
N ARG D 300 30.46 17.09 -24.31
CA ARG D 300 31.85 17.46 -24.61
C ARG D 300 31.97 18.13 -25.96
N VAL D 301 31.28 17.60 -26.98
CA VAL D 301 31.38 18.18 -28.32
C VAL D 301 30.70 19.55 -28.37
N LEU D 302 29.52 19.67 -27.76
CA LEU D 302 28.88 20.99 -27.75
C LEU D 302 29.83 22.04 -27.19
N ALA D 303 30.54 21.71 -26.11
CA ALA D 303 31.48 22.66 -25.52
C ALA D 303 32.70 22.85 -26.41
N SER D 304 33.37 21.77 -26.79
CA SER D 304 34.65 21.88 -27.48
C SER D 304 34.51 22.55 -28.85
N ASP D 305 33.40 22.32 -29.54
CA ASP D 305 33.18 22.87 -30.87
C ASP D 305 32.35 24.15 -30.87
N GLY D 306 32.03 24.69 -29.69
CA GLY D 306 31.26 25.92 -29.61
C GLY D 306 29.93 25.85 -30.32
N LEU D 307 29.23 24.72 -30.19
CA LEU D 307 28.04 24.52 -31.01
C LEU D 307 26.83 25.27 -30.49
N VAL D 308 26.82 25.66 -29.21
CA VAL D 308 25.70 26.44 -28.69
C VAL D 308 25.71 27.83 -29.30
N ARG D 309 26.87 28.47 -29.27
CA ARG D 309 26.98 29.79 -29.94
C ARG D 309 26.73 29.64 -31.43
N ARG D 310 27.25 28.57 -32.04
CA ARG D 310 27.03 28.37 -33.47
C ARG D 310 25.56 28.26 -33.81
N ALA D 311 24.78 27.58 -32.96
CA ALA D 311 23.34 27.48 -33.21
C ALA D 311 22.67 28.84 -33.22
N GLU D 312 23.11 29.72 -32.34
CA GLU D 312 22.55 31.09 -32.28
C GLU D 312 22.91 31.84 -33.55
N VAL D 313 24.17 31.79 -33.92
CA VAL D 313 24.64 32.53 -35.10
C VAL D 313 23.98 32.02 -36.36
N LEU D 314 24.00 30.69 -36.56
CA LEU D 314 23.41 30.10 -37.76
C LEU D 314 21.90 30.28 -37.78
N GLY D 315 21.25 30.16 -36.62
CA GLY D 315 19.82 30.36 -36.57
C GLY D 315 19.44 31.78 -36.98
N LYS D 316 20.23 32.75 -36.58
CA LYS D 316 19.94 34.17 -36.92
C LYS D 316 20.14 34.35 -38.42
N SER D 317 21.22 33.82 -38.94
CA SER D 317 21.46 33.99 -40.38
C SER D 317 20.43 33.22 -41.20
N LEU D 318 20.05 32.03 -40.73
CA LEU D 318 19.03 31.27 -41.43
C LEU D 318 17.68 31.99 -41.41
N ARG D 319 17.30 32.54 -40.26
CA ARG D 319 16.06 33.31 -40.19
C ARG D 319 16.08 34.48 -41.15
N HIS D 320 17.20 35.21 -41.19
CA HIS D 320 17.29 36.40 -42.05
C HIS D 320 17.30 36.02 -43.52
N GLY D 321 17.95 34.91 -43.87
CA GLY D 321 17.96 34.46 -45.25
C GLY D 321 16.58 34.08 -45.75
N ILE D 322 15.80 33.39 -44.91
CA ILE D 322 14.46 33.00 -45.32
C ILE D 322 13.58 34.23 -45.50
N GLU D 323 13.63 35.16 -44.55
CA GLU D 323 12.80 36.36 -44.66
C GLU D 323 13.22 37.22 -45.83
N ALA D 324 14.52 37.24 -46.15
CA ALA D 324 15.03 38.02 -47.27
C ALA D 324 14.51 37.53 -48.62
N LEU D 325 13.98 36.30 -48.69
CA LEU D 325 13.41 35.82 -49.94
C LEU D 325 12.18 36.62 -50.35
N GLY D 326 11.48 37.23 -49.39
CA GLY D 326 10.27 37.97 -49.66
C GLY D 326 9.25 37.14 -50.40
N HIS D 327 9.21 35.84 -50.13
CA HIS D 327 8.27 34.98 -50.82
C HIS D 327 6.86 35.22 -50.29
N PRO D 328 5.85 35.32 -51.17
CA PRO D 328 4.49 35.66 -50.70
C PRO D 328 3.88 34.62 -49.79
N LEU D 329 4.31 33.36 -49.86
CA LEU D 329 3.71 32.33 -49.01
C LEU D 329 4.29 32.32 -47.60
N ILE D 330 5.39 33.02 -47.36
CA ILE D 330 6.05 33.04 -46.06
C ILE D 330 5.53 34.24 -45.26
N ASP D 331 4.83 33.97 -44.17
CA ASP D 331 4.35 35.06 -43.32
C ASP D 331 5.47 35.59 -42.44
N HIS D 332 6.13 34.71 -41.70
CA HIS D 332 7.27 35.10 -40.87
C HIS D 332 8.01 33.83 -40.49
N VAL D 333 9.18 34.02 -39.90
CA VAL D 333 9.97 32.94 -39.35
C VAL D 333 10.08 33.16 -37.85
N ARG D 334 9.82 32.12 -37.08
CA ARG D 334 9.88 32.24 -35.63
C ARG D 334 10.76 31.14 -35.06
N GLY D 335 11.08 31.30 -33.79
CA GLY D 335 11.90 30.35 -33.09
C GLY D 335 13.16 30.99 -32.58
N ARG D 336 14.17 30.19 -32.31
CA ARG D 336 15.41 30.68 -31.75
C ARG D 336 16.49 29.64 -32.03
N GLY D 337 17.68 30.13 -32.37
CA GLY D 337 18.75 29.21 -32.76
C GLY D 337 18.31 28.26 -33.86
N LEU D 338 18.58 26.98 -33.66
CA LEU D 338 18.28 25.98 -34.67
C LEU D 338 16.99 25.22 -34.39
N LEU D 339 16.02 25.89 -33.77
CA LEU D 339 14.64 25.45 -33.73
C LEU D 339 13.82 26.56 -34.38
N LEU D 340 13.34 26.31 -35.60
CA LEU D 340 12.72 27.36 -36.41
C LEU D 340 11.40 26.88 -36.99
N GLY D 341 10.45 27.80 -37.05
CA GLY D 341 9.21 27.52 -37.75
C GLY D 341 9.04 28.52 -38.87
N ILE D 342 8.73 28.04 -40.07
CA ILE D 342 8.39 28.93 -41.19
C ILE D 342 6.88 28.97 -41.25
N ALA D 343 6.33 30.09 -40.80
CA ALA D 343 4.87 30.31 -40.76
C ALA D 343 4.39 30.77 -42.14
N LEU D 344 3.49 30.04 -42.76
CA LEU D 344 3.04 30.35 -44.12
C LEU D 344 1.79 31.22 -44.06
N THR D 345 1.46 31.86 -45.18
CA THR D 345 0.26 32.72 -45.26
C THR D 345 -0.95 31.84 -45.61
N ALA D 346 -0.70 30.61 -46.03
CA ALA D 346 -1.79 29.66 -46.36
C ALA D 346 -1.37 28.24 -45.95
N PRO D 347 -2.32 27.34 -45.69
CA PRO D 347 -2.01 26.00 -45.20
C PRO D 347 -1.42 25.05 -46.25
N HIS D 348 -0.18 25.30 -46.63
CA HIS D 348 0.48 24.45 -47.61
C HIS D 348 1.71 23.74 -47.04
N ALA D 349 1.80 23.63 -45.71
CA ALA D 349 3.02 23.07 -45.12
C ALA D 349 3.16 21.58 -45.44
N LYS D 350 2.06 20.83 -45.44
CA LYS D 350 2.15 19.42 -45.75
C LYS D 350 2.59 19.20 -47.19
N ASP D 351 2.02 19.98 -48.13
CA ASP D 351 2.48 19.90 -49.51
C ASP D 351 3.94 20.32 -49.63
N ALA D 352 4.33 21.39 -48.92
CA ALA D 352 5.71 21.85 -48.96
C ALA D 352 6.66 20.82 -48.37
N GLU D 353 6.18 20.00 -47.43
CA GLU D 353 7.01 18.93 -46.91
C GLU D 353 7.35 17.93 -48.00
N ALA D 354 6.38 17.59 -48.85
CA ALA D 354 6.64 16.65 -49.92
C ALA D 354 7.50 17.24 -51.02
N THR D 355 7.27 18.50 -51.39
CA THR D 355 8.09 19.10 -52.44
C THR D 355 9.50 19.40 -51.95
N ALA D 356 9.66 19.68 -50.66
CA ALA D 356 11.01 19.80 -50.12
C ALA D 356 11.73 18.46 -50.20
N ARG D 357 11.01 17.36 -49.95
CA ARG D 357 11.58 16.03 -50.12
C ARG D 357 12.01 15.80 -51.55
N ASP D 358 11.16 16.19 -52.52
CA ASP D 358 11.52 16.07 -53.93
C ASP D 358 12.81 16.80 -54.23
N ALA D 359 13.00 17.97 -53.61
CA ALA D 359 14.18 18.81 -53.81
C ALA D 359 15.37 18.37 -52.97
N GLY D 360 15.23 17.31 -52.16
CA GLY D 360 16.35 16.80 -51.41
C GLY D 360 16.50 17.32 -50.00
N TYR D 361 15.40 17.73 -49.36
CA TYR D 361 15.45 18.32 -48.03
C TYR D 361 14.40 17.69 -47.14
N LEU D 362 14.77 17.39 -45.91
CA LEU D 362 13.88 16.78 -44.94
C LEU D 362 13.41 17.87 -43.98
N VAL D 363 12.12 18.21 -44.05
CA VAL D 363 11.48 19.17 -43.16
C VAL D 363 10.21 18.54 -42.61
N ASN D 364 9.54 19.28 -41.73
CA ASN D 364 8.37 18.78 -41.03
C ASN D 364 7.25 19.81 -41.10
N ALA D 365 6.07 19.37 -41.53
CA ALA D 365 4.86 20.18 -41.43
C ALA D 365 4.32 19.98 -40.01
N ALA D 366 4.73 20.86 -39.10
CA ALA D 366 4.29 20.74 -37.72
C ALA D 366 2.85 21.20 -37.53
N ALA D 367 2.40 22.15 -38.34
CA ALA D 367 1.01 22.57 -38.39
C ALA D 367 0.63 22.68 -39.87
N PRO D 368 -0.66 22.79 -40.21
CA PRO D 368 -1.03 22.97 -41.62
C PRO D 368 -0.34 24.15 -42.29
N ASP D 369 0.13 25.13 -41.50
CA ASP D 369 0.73 26.34 -42.03
C ASP D 369 2.08 26.65 -41.39
N VAL D 370 2.77 25.66 -40.82
CA VAL D 370 4.08 25.88 -40.24
C VAL D 370 5.01 24.75 -40.66
N ILE D 371 6.16 25.12 -41.22
CA ILE D 371 7.24 24.19 -41.50
C ILE D 371 8.25 24.29 -40.37
N ARG D 372 8.49 23.18 -39.67
CA ARG D 372 9.44 23.15 -38.57
C ARG D 372 10.79 22.61 -39.05
N LEU D 373 11.85 23.28 -38.63
CA LEU D 373 13.22 22.86 -38.85
C LEU D 373 13.90 22.66 -37.49
N ALA D 374 14.69 21.60 -37.38
CA ALA D 374 15.52 21.36 -36.21
C ALA D 374 16.78 20.63 -36.67
N PRO D 375 17.63 21.32 -37.42
CA PRO D 375 18.79 20.63 -38.05
C PRO D 375 19.82 20.23 -37.01
N PRO D 376 20.67 19.26 -37.33
CA PRO D 376 21.84 19.01 -36.49
C PRO D 376 22.63 20.29 -36.28
N LEU D 377 23.24 20.42 -35.10
CA LEU D 377 24.02 21.62 -34.81
C LEU D 377 25.32 21.65 -35.60
N ILE D 378 25.67 20.54 -36.24
CA ILE D 378 26.87 20.45 -37.06
C ILE D 378 26.54 20.69 -38.53
N ILE D 379 25.31 21.11 -38.83
CA ILE D 379 24.93 21.32 -40.23
C ILE D 379 25.84 22.37 -40.85
N ALA D 380 26.21 22.15 -42.12
CA ALA D 380 27.08 23.08 -42.81
C ALA D 380 26.33 24.33 -43.21
N GLU D 381 26.99 25.46 -43.14
CA GLU D 381 26.36 26.72 -43.58
C GLU D 381 25.89 26.59 -45.02
N ALA D 382 26.68 25.96 -45.89
CA ALA D 382 26.27 25.83 -47.29
C ALA D 382 25.06 24.92 -47.45
N GLN D 383 24.86 23.98 -46.53
CA GLN D 383 23.64 23.17 -46.61
C GLN D 383 22.42 24.01 -46.29
N LEU D 384 22.54 24.91 -45.30
CA LEU D 384 21.47 25.85 -45.05
C LEU D 384 21.28 26.81 -46.23
N ASP D 385 22.36 27.34 -46.78
CA ASP D 385 22.25 28.28 -47.91
C ASP D 385 21.55 27.64 -49.09
N GLY D 386 21.88 26.39 -49.38
CA GLY D 386 21.20 25.68 -50.45
C GLY D 386 19.71 25.55 -50.19
N PHE D 387 19.32 25.28 -48.94
CA PHE D 387 17.90 25.16 -48.62
C PHE D 387 17.17 26.48 -48.86
N VAL D 388 17.74 27.57 -48.35
CA VAL D 388 17.13 28.88 -48.51
C VAL D 388 16.95 29.21 -49.99
N ALA D 389 17.95 28.89 -50.82
CA ALA D 389 17.83 29.17 -52.25
C ALA D 389 16.81 28.27 -52.92
N ALA D 390 16.63 27.04 -52.43
CA ALA D 390 15.67 26.12 -53.02
C ALA D 390 14.26 26.39 -52.52
N LEU D 391 14.12 27.16 -51.44
CA LEU D 391 12.82 27.32 -50.79
C LEU D 391 11.77 27.96 -51.69
N PRO D 392 12.06 29.01 -52.47
CA PRO D 392 11.02 29.55 -53.38
C PRO D 392 10.41 28.50 -54.29
N ALA D 393 11.24 27.71 -54.99
CA ALA D 393 10.72 26.66 -55.85
C ALA D 393 9.99 25.59 -55.05
N ILE D 394 10.47 25.27 -53.85
CA ILE D 394 9.78 24.31 -52.99
C ILE D 394 8.37 24.79 -52.71
N LEU D 395 8.22 26.07 -52.34
CA LEU D 395 6.90 26.61 -52.02
C LEU D 395 6.05 26.73 -53.28
N ASP D 396 6.65 27.19 -54.38
CA ASP D 396 5.91 27.32 -55.64
C ASP D 396 5.36 25.97 -56.08
N ARG D 397 6.19 24.96 -55.97
CA ARG D 397 5.75 23.60 -56.36
C ARG D 397 4.65 23.12 -55.41
N ALA D 398 4.69 23.52 -54.14
CA ALA D 398 3.66 23.07 -53.18
C ALA D 398 2.31 23.68 -53.55
N VAL D 399 2.30 24.97 -53.85
CA VAL D 399 1.07 25.72 -54.23
C VAL D 399 0.80 25.48 -55.71
C10 BZJ E . -21.36 -13.72 21.68
O1 BZJ E . -20.39 -13.13 22.21
O BZJ E . -21.25 -14.19 20.51
C6 BZJ E . -22.67 -13.82 22.45
C7 BZJ E . -23.79 -14.36 21.83
C8 BZJ E . -25.01 -14.44 22.53
C3 BZJ E . -25.09 -14.00 23.82
C4 BZJ E . -23.97 -13.45 24.46
C5 BZJ E . -22.76 -13.36 23.77
O2 BZJ E . -21.64 -12.82 24.41
C2 BZJ E . -26.31 -14.08 24.52
C1 BZJ E . -27.43 -14.62 23.89
C BZJ E . -27.36 -15.07 22.59
C9 BZJ E . -26.15 -14.99 21.89
C10 BZJ F . -2.43 1.74 17.00
O1 BZJ F . -3.47 1.51 17.65
O BZJ F . -2.35 1.37 15.79
C6 BZJ F . -1.24 2.43 17.68
C7 BZJ F . -0.03 2.44 17.02
C8 BZJ F . 1.08 3.06 17.63
C3 BZJ F . 0.95 3.65 18.86
C4 BZJ F . -0.28 3.63 19.53
C5 BZJ F . -1.38 3.03 18.94
O2 BZJ F . -2.59 3.03 19.63
C2 BZJ F . 2.07 4.25 19.46
C1 BZJ F . 3.30 4.27 18.81
C BZJ F . 3.42 3.68 17.57
C9 BZJ F . 2.33 3.07 16.97
C10 BZJ G . 12.66 0.23 -10.40
O1 BZJ G . 11.56 0.49 -9.83
O BZJ G . 12.72 0.13 -11.64
C6 BZJ G . 13.91 0.05 -9.54
C7 BZJ G . 13.80 0.25 -8.17
C8 BZJ G . 14.93 0.13 -7.35
C3 BZJ G . 16.14 -0.21 -7.90
C4 BZJ G . 16.27 -0.42 -9.28
C5 BZJ G . 15.16 -0.28 -10.10
O2 BZJ G . 15.29 -0.48 -11.47
C2 BZJ G . 17.26 -0.32 -7.05
C1 BZJ G . 17.12 -0.12 -5.68
C BZJ G . 15.89 0.21 -5.14
C9 BZJ G . 14.78 0.34 -5.96
N NO3 H . 12.18 -5.53 -11.31
O1 NO3 H . 12.66 -5.50 -10.14
O2 NO3 H . 11.74 -6.63 -11.77
O3 NO3 H . 12.14 -4.47 -12.02
C10 BZJ I . -15.43 -18.78 -17.41
O1 BZJ I . -16.31 -18.32 -16.64
O BZJ I . -15.32 -18.31 -18.57
C6 BZJ I . -14.52 -19.92 -16.94
C7 BZJ I . -14.52 -20.29 -15.60
C8 BZJ I . -13.70 -21.33 -15.15
C3 BZJ I . -12.88 -21.98 -16.04
C4 BZJ I . -12.86 -21.61 -17.40
C5 BZJ I . -13.69 -20.59 -17.83
O2 BZJ I . -13.69 -20.21 -19.18
C2 BZJ I . -12.05 -23.04 -15.58
C1 BZJ I . -12.08 -23.39 -14.24
C BZJ I . -12.91 -22.73 -13.34
C9 BZJ I . -13.72 -21.70 -13.79
C10 BZJ J . 5.27 10.43 -31.78
O1 BZJ J . 4.16 10.78 -31.31
O BZJ J . 6.22 10.19 -31.03
C6 BZJ J . 5.46 10.27 -33.29
C7 BZJ J . 4.34 10.35 -34.11
C8 BZJ J . 4.47 10.19 -35.50
C3 BZJ J . 5.72 9.98 -36.05
C4 BZJ J . 6.86 9.91 -35.23
C5 BZJ J . 6.72 10.06 -33.86
O2 BZJ J . 7.86 9.99 -33.07
C2 BZJ J . 5.85 9.81 -37.44
C1 BZJ J . 4.72 9.87 -38.25
C BZJ J . 3.47 10.09 -37.70
C9 BZJ J . 3.33 10.25 -36.33
#